data_431D
# 
_entry.id   431D 
# 
_audit_conform.dict_name       mmcif_pdbx.dic 
_audit_conform.dict_version    5.389 
_audit_conform.dict_location   http://mmcif.pdb.org/dictionaries/ascii/mmcif_pdbx.dic 
# 
loop_
_database_2.database_id 
_database_2.database_code 
_database_2.pdbx_database_accession 
_database_2.pdbx_DOI 
PDB   431D         pdb_0000431d 10.2210/pdb431d/pdb 
RCSB  BD0006       ?            ?                   
WWPDB D_1000179228 ?            ?                   
# 
loop_
_pdbx_audit_revision_history.ordinal 
_pdbx_audit_revision_history.data_content_type 
_pdbx_audit_revision_history.major_revision 
_pdbx_audit_revision_history.minor_revision 
_pdbx_audit_revision_history.revision_date 
1 'Structure model' 1 0 1999-09-15 
2 'Structure model' 1 1 2008-05-22 
3 'Structure model' 1 2 2011-07-13 
4 'Structure model' 1 3 2024-02-28 
5 'Structure model' 1 4 2024-04-03 
# 
_pdbx_audit_revision_details.ordinal             1 
_pdbx_audit_revision_details.revision_ordinal    1 
_pdbx_audit_revision_details.data_content_type   'Structure model' 
_pdbx_audit_revision_details.provider            repository 
_pdbx_audit_revision_details.type                'Initial release' 
_pdbx_audit_revision_details.description         ? 
_pdbx_audit_revision_details.details             ? 
# 
loop_
_pdbx_audit_revision_group.ordinal 
_pdbx_audit_revision_group.revision_ordinal 
_pdbx_audit_revision_group.data_content_type 
_pdbx_audit_revision_group.group 
1 2 'Structure model' 'Version format compliance' 
2 3 'Structure model' 'Version format compliance' 
3 4 'Structure model' 'Data collection'           
4 4 'Structure model' 'Database references'       
5 4 'Structure model' 'Derived calculations'      
6 5 'Structure model' 'Refinement description'    
# 
loop_
_pdbx_audit_revision_category.ordinal 
_pdbx_audit_revision_category.revision_ordinal 
_pdbx_audit_revision_category.data_content_type 
_pdbx_audit_revision_category.category 
1 4 'Structure model' chem_comp_atom                
2 4 'Structure model' chem_comp_bond                
3 4 'Structure model' database_2                    
4 4 'Structure model' pdbx_struct_conn_angle        
5 4 'Structure model' struct_conn                   
6 4 'Structure model' struct_site                   
7 5 'Structure model' pdbx_initial_refinement_model 
# 
loop_
_pdbx_audit_revision_item.ordinal 
_pdbx_audit_revision_item.revision_ordinal 
_pdbx_audit_revision_item.data_content_type 
_pdbx_audit_revision_item.item 
1  4 'Structure model' '_database_2.pdbx_DOI'                      
2  4 'Structure model' '_database_2.pdbx_database_accession'       
3  4 'Structure model' '_pdbx_struct_conn_angle.ptnr1_auth_seq_id' 
4  4 'Structure model' '_pdbx_struct_conn_angle.ptnr3_auth_seq_id' 
5  4 'Structure model' '_pdbx_struct_conn_angle.value'             
6  4 'Structure model' '_struct_conn.pdbx_dist_value'              
7  4 'Structure model' '_struct_conn.ptnr2_auth_seq_id'            
8  4 'Structure model' '_struct_site.pdbx_auth_asym_id'            
9  4 'Structure model' '_struct_site.pdbx_auth_comp_id'            
10 4 'Structure model' '_struct_site.pdbx_auth_seq_id'             
# 
_pdbx_database_status.status_code                     REL 
_pdbx_database_status.entry_id                        431D 
_pdbx_database_status.recvd_initial_deposition_date   1998-10-09 
_pdbx_database_status.deposit_site                    NDB 
_pdbx_database_status.process_site                    NDB 
_pdbx_database_status.status_code_sf                  REL 
_pdbx_database_status.status_code_mr                  ? 
_pdbx_database_status.SG_entry                        ? 
_pdbx_database_status.pdb_format_compatible           Y 
_pdbx_database_status.status_code_cs                  ? 
_pdbx_database_status.status_code_nmr_data            ? 
_pdbx_database_status.methods_development_category    ? 
# 
loop_
_audit_author.name 
_audit_author.pdbx_ordinal 
'Vlieghe, D.'      1 
'Turkenburg, J.P.' 2 
'Van Meervelt, L.' 3 
# 
loop_
_citation.id 
_citation.title 
_citation.journal_abbrev 
_citation.journal_volume 
_citation.page_first 
_citation.page_last 
_citation.year 
_citation.journal_id_ASTM 
_citation.country 
_citation.journal_id_ISSN 
_citation.journal_id_CSD 
_citation.book_publisher 
_citation.pdbx_database_id_PubMed 
_citation.pdbx_database_id_DOI 
primary 'B-DNA at atomic resolution reveals extended hydration patterns.'                 'Acta Crystallogr.,Sect.D' 55  1495 1502 
1999 ABCRE6 DK 0907-4449 0766 ? 10489444 10.1107/S0907444999007933 
1       'Parallel and Antiparallel (G-Gc)2 Triple Helix Fragments in a Crystal Structure' Science                    273 1702 ?    
1996 SCIEAS US 0036-8075 0038 ? ?        ?                         
# 
loop_
_citation_author.citation_id 
_citation_author.name 
_citation_author.ordinal 
_citation_author.identifier_ORCID 
primary 'Vlieghe, D.'      1 ? 
primary 'Turkenburg, J.P.' 2 ? 
primary 'Van Meervelt, L.' 3 ? 
1       'Vlieghe, D.'      4 ? 
1       'Van Meervelt, L.' 5 ? 
1       'Dautant, A.'      6 ? 
1       'Gallois, B.'      7 ? 
1       'Precigoux, G.'    8 ? 
1       'Kennard, O.'      9 ? 
# 
loop_
_entity.id 
_entity.type 
_entity.src_method 
_entity.pdbx_description 
_entity.formula_weight 
_entity.pdbx_number_of_molecules 
_entity.pdbx_ec 
_entity.pdbx_mutation 
_entity.pdbx_fragment 
_entity.details 
1 polymer     syn 
;DNA (5'-D(*GP*GP*CP*CP*AP*AP*TP*TP*GP*G)-3')
;
3085.029 2   ? ? ? ? 
2 non-polymer syn 'MAGNESIUM ION'                                24.305   2   ? ? ? ? 
3 water       nat water                                          18.015   116 ? ? ? ? 
# 
_entity_poly.entity_id                      1 
_entity_poly.type                           polydeoxyribonucleotide 
_entity_poly.nstd_linkage                   no 
_entity_poly.nstd_monomer                   no 
_entity_poly.pdbx_seq_one_letter_code       '(DG)(DG)(DC)(DC)(DA)(DA)(DT)(DT)(DG)(DG)' 
_entity_poly.pdbx_seq_one_letter_code_can   GGCCAATTGG 
_entity_poly.pdbx_strand_id                 A,B 
_entity_poly.pdbx_target_identifier         ? 
# 
loop_
_pdbx_entity_nonpoly.entity_id 
_pdbx_entity_nonpoly.name 
_pdbx_entity_nonpoly.comp_id 
2 'MAGNESIUM ION' MG  
3 water           HOH 
# 
loop_
_entity_poly_seq.entity_id 
_entity_poly_seq.num 
_entity_poly_seq.mon_id 
_entity_poly_seq.hetero 
1 1  DG n 
1 2  DG n 
1 3  DC n 
1 4  DC n 
1 5  DA n 
1 6  DA n 
1 7  DT n 
1 8  DT n 
1 9  DG n 
1 10 DG n 
# 
loop_
_chem_comp.id 
_chem_comp.type 
_chem_comp.mon_nstd_flag 
_chem_comp.name 
_chem_comp.pdbx_synonyms 
_chem_comp.formula 
_chem_comp.formula_weight 
DA  'DNA linking' y "2'-DEOXYADENOSINE-5'-MONOPHOSPHATE" ? 'C10 H14 N5 O6 P' 331.222 
DC  'DNA linking' y "2'-DEOXYCYTIDINE-5'-MONOPHOSPHATE"  ? 'C9 H14 N3 O7 P'  307.197 
DG  'DNA linking' y "2'-DEOXYGUANOSINE-5'-MONOPHOSPHATE" ? 'C10 H14 N5 O7 P' 347.221 
DT  'DNA linking' y "THYMIDINE-5'-MONOPHOSPHATE"         ? 'C10 H15 N2 O8 P' 322.208 
HOH non-polymer   . WATER                                ? 'H2 O'            18.015  
MG  non-polymer   . 'MAGNESIUM ION'                      ? 'Mg 2'            24.305  
# 
loop_
_pdbx_poly_seq_scheme.asym_id 
_pdbx_poly_seq_scheme.entity_id 
_pdbx_poly_seq_scheme.seq_id 
_pdbx_poly_seq_scheme.mon_id 
_pdbx_poly_seq_scheme.ndb_seq_num 
_pdbx_poly_seq_scheme.pdb_seq_num 
_pdbx_poly_seq_scheme.auth_seq_num 
_pdbx_poly_seq_scheme.pdb_mon_id 
_pdbx_poly_seq_scheme.auth_mon_id 
_pdbx_poly_seq_scheme.pdb_strand_id 
_pdbx_poly_seq_scheme.pdb_ins_code 
_pdbx_poly_seq_scheme.hetero 
A 1 1  DG 1  1  1  DG G A . n 
A 1 2  DG 2  2  2  DG G A . n 
A 1 3  DC 3  3  3  DC C A . n 
A 1 4  DC 4  4  4  DC C A . n 
A 1 5  DA 5  5  5  DA A A . n 
A 1 6  DA 6  6  6  DA A A . n 
A 1 7  DT 7  7  7  DT T A . n 
A 1 8  DT 8  8  8  DT T A . n 
A 1 9  DG 9  9  9  DG G A . n 
A 1 10 DG 10 10 10 DG G A . n 
B 1 1  DG 1  11 11 DG G B . n 
B 1 2  DG 2  12 12 DG G B . n 
B 1 3  DC 3  13 13 DC C B . n 
B 1 4  DC 4  14 14 DC C B . n 
B 1 5  DA 5  15 15 DA A B . n 
B 1 6  DA 6  16 16 DA A B . n 
B 1 7  DT 7  17 17 DT T B . n 
B 1 8  DT 8  18 18 DT T B . n 
B 1 9  DG 9  19 19 DG G B . n 
B 1 10 DG 10 20 20 DG G B . n 
# 
loop_
_pdbx_nonpoly_scheme.asym_id 
_pdbx_nonpoly_scheme.entity_id 
_pdbx_nonpoly_scheme.mon_id 
_pdbx_nonpoly_scheme.ndb_seq_num 
_pdbx_nonpoly_scheme.pdb_seq_num 
_pdbx_nonpoly_scheme.auth_seq_num 
_pdbx_nonpoly_scheme.pdb_mon_id 
_pdbx_nonpoly_scheme.auth_mon_id 
_pdbx_nonpoly_scheme.pdb_strand_id 
_pdbx_nonpoly_scheme.pdb_ins_code 
C 2 MG  1  21  21  MG  MG  B . 
D 2 MG  1  22  22  MG  MG  B . 
E 3 HOH 1  25  25  HOH HOH A . 
E 3 HOH 2  26  26  HOH HOH A . 
E 3 HOH 3  27  27  HOH HOH A . 
E 3 HOH 4  32  32  HOH HOH A . 
E 3 HOH 5  34  34  HOH HOH A . 
E 3 HOH 6  39  39  HOH HOH A . 
E 3 HOH 7  42  42  HOH HOH A . 
E 3 HOH 8  44  44  HOH HOH A . 
E 3 HOH 9  45  45  HOH HOH A . 
E 3 HOH 10 46  46  HOH HOH A . 
E 3 HOH 11 48  48  HOH HOH A . 
E 3 HOH 12 64  64  HOH HOH A . 
E 3 HOH 13 67  67  HOH HOH A . 
E 3 HOH 14 68  68  HOH HOH A . 
E 3 HOH 15 70  70  HOH HOH A . 
E 3 HOH 16 71  71  HOH HOH A . 
E 3 HOH 17 72  72  HOH HOH A . 
E 3 HOH 18 73  73  HOH HOH A . 
E 3 HOH 19 79  79  HOH HOH A . 
E 3 HOH 20 81  81  HOH HOH A . 
E 3 HOH 21 85  85  HOH HOH A . 
E 3 HOH 22 86  86  HOH HOH A . 
E 3 HOH 23 87  87  HOH HOH A . 
E 3 HOH 24 89  89  HOH HOH A . 
E 3 HOH 25 92  92  HOH HOH A . 
E 3 HOH 26 93  93  HOH HOH A . 
E 3 HOH 27 94  94  HOH HOH A . 
E 3 HOH 28 96  96  HOH HOH A . 
E 3 HOH 29 97  97  HOH HOH A . 
E 3 HOH 30 101 101 HOH HOH A . 
E 3 HOH 31 104 104 HOH HOH A . 
E 3 HOH 32 105 105 HOH HOH A . 
E 3 HOH 33 106 106 HOH HOH A . 
E 3 HOH 34 110 110 HOH HOH A . 
E 3 HOH 35 111 111 HOH HOH A . 
E 3 HOH 36 114 114 HOH HOH A . 
E 3 HOH 37 115 115 HOH HOH A . 
E 3 HOH 38 116 116 HOH HOH A . 
E 3 HOH 39 119 119 HOH HOH A . 
E 3 HOH 40 121 121 HOH HOH A . 
E 3 HOH 41 129 129 HOH HOH A . 
E 3 HOH 42 131 131 HOH HOH A . 
E 3 HOH 43 132 132 HOH HOH A . 
E 3 HOH 44 135 135 HOH HOH A . 
E 3 HOH 45 136 136 HOH HOH A . 
E 3 HOH 46 138 138 HOH HOH A . 
F 3 HOH 1  23  23  HOH HOH B . 
F 3 HOH 2  24  24  HOH HOH B . 
F 3 HOH 3  28  28  HOH HOH B . 
F 3 HOH 4  29  29  HOH HOH B . 
F 3 HOH 5  30  30  HOH HOH B . 
F 3 HOH 6  31  31  HOH HOH B . 
F 3 HOH 7  33  33  HOH HOH B . 
F 3 HOH 8  35  35  HOH HOH B . 
F 3 HOH 9  36  36  HOH HOH B . 
F 3 HOH 10 37  37  HOH HOH B . 
F 3 HOH 11 38  38  HOH HOH B . 
F 3 HOH 12 40  40  HOH HOH B . 
F 3 HOH 13 41  41  HOH HOH B . 
F 3 HOH 14 43  43  HOH HOH B . 
F 3 HOH 15 47  47  HOH HOH B . 
F 3 HOH 16 49  49  HOH HOH B . 
F 3 HOH 17 50  50  HOH HOH B . 
F 3 HOH 18 51  51  HOH HOH B . 
F 3 HOH 19 52  52  HOH HOH B . 
F 3 HOH 20 53  53  HOH HOH B . 
F 3 HOH 21 54  54  HOH HOH B . 
F 3 HOH 22 55  55  HOH HOH B . 
F 3 HOH 23 56  56  HOH HOH B . 
F 3 HOH 24 57  57  HOH HOH B . 
F 3 HOH 25 58  58  HOH HOH B . 
F 3 HOH 26 59  59  HOH HOH B . 
F 3 HOH 27 60  60  HOH HOH B . 
F 3 HOH 28 61  61  HOH HOH B . 
F 3 HOH 29 62  62  HOH HOH B . 
F 3 HOH 30 63  63  HOH HOH B . 
F 3 HOH 31 65  65  HOH HOH B . 
F 3 HOH 32 66  66  HOH HOH B . 
F 3 HOH 33 69  69  HOH HOH B . 
F 3 HOH 34 74  74  HOH HOH B . 
F 3 HOH 35 75  75  HOH HOH B . 
F 3 HOH 36 76  76  HOH HOH B . 
F 3 HOH 37 77  77  HOH HOH B . 
F 3 HOH 38 78  78  HOH HOH B . 
F 3 HOH 39 80  80  HOH HOH B . 
F 3 HOH 40 82  82  HOH HOH B . 
F 3 HOH 41 83  83  HOH HOH B . 
F 3 HOH 42 84  84  HOH HOH B . 
F 3 HOH 43 88  88  HOH HOH B . 
F 3 HOH 44 90  90  HOH HOH B . 
F 3 HOH 45 91  91  HOH HOH B . 
F 3 HOH 46 95  95  HOH HOH B . 
F 3 HOH 47 98  98  HOH HOH B . 
F 3 HOH 48 99  99  HOH HOH B . 
F 3 HOH 49 100 100 HOH HOH B . 
F 3 HOH 50 102 102 HOH HOH B . 
F 3 HOH 51 103 103 HOH HOH B . 
F 3 HOH 52 107 107 HOH HOH B . 
F 3 HOH 53 108 108 HOH HOH B . 
F 3 HOH 54 109 109 HOH HOH B . 
F 3 HOH 55 112 112 HOH HOH B . 
F 3 HOH 56 113 113 HOH HOH B . 
F 3 HOH 57 117 117 HOH HOH B . 
F 3 HOH 58 118 118 HOH HOH B . 
F 3 HOH 59 120 120 HOH HOH B . 
F 3 HOH 60 122 122 HOH HOH B . 
F 3 HOH 61 123 123 HOH HOH B . 
F 3 HOH 62 124 124 HOH HOH B . 
F 3 HOH 63 125 125 HOH HOH B . 
F 3 HOH 64 126 126 HOH HOH B . 
F 3 HOH 65 127 127 HOH HOH B . 
F 3 HOH 66 128 128 HOH HOH B . 
F 3 HOH 67 130 130 HOH HOH B . 
F 3 HOH 68 133 133 HOH HOH B . 
F 3 HOH 69 134 134 HOH HOH B . 
F 3 HOH 70 137 137 HOH HOH B . 
# 
loop_
_software.name 
_software.classification 
_software.version 
_software.citation_id 
_software.pdbx_ordinal 
SHELXL-93 refinement       .         ? 1 
DENZO     'data reduction' .         ? 2 
CCP4      'data scaling'   '(SCALA)' ? 3 
# 
_cell.entry_id           431D 
_cell.length_a           26.106 
_cell.length_b           36.455 
_cell.length_c           52.559 
_cell.angle_alpha        90.00 
_cell.angle_beta         90.00 
_cell.angle_gamma        90.00 
_cell.Z_PDB              8 
_cell.pdbx_unique_axis   ? 
# 
_symmetry.entry_id                         431D 
_symmetry.space_group_name_H-M             'P 21 21 21' 
_symmetry.pdbx_full_space_group_name_H-M   ? 
_symmetry.cell_setting                     orthorhombic 
_symmetry.Int_Tables_number                19 
# 
_exptl.entry_id          431D 
_exptl.method            'X-RAY DIFFRACTION' 
_exptl.crystals_number   1 
# 
_exptl_crystal.id                    1 
_exptl_crystal.density_meas          ? 
_exptl_crystal.density_Matthews      2.03 
_exptl_crystal.density_percent_sol   39.31 
_exptl_crystal.description           ? 
# 
_exptl_crystal_grow.crystal_id      1 
_exptl_crystal_grow.method          'VAPOR DIFFUSION, SITTING DROP' 
_exptl_crystal_grow.temp            289.0 
_exptl_crystal_grow.temp_details    ? 
_exptl_crystal_grow.pH              6.0 
_exptl_crystal_grow.pdbx_details    'pH 6.0, VAPOR DIFFUSION, SITTING DROP, temperature 289.0K' 
_exptl_crystal_grow.pdbx_pH_range   ? 
# 
loop_
_exptl_crystal_grow_comp.crystal_id 
_exptl_crystal_grow_comp.id 
_exptl_crystal_grow_comp.sol_id 
_exptl_crystal_grow_comp.name 
_exptl_crystal_grow_comp.volume 
_exptl_crystal_grow_comp.conc 
_exptl_crystal_grow_comp.details 
1 1 1 'SODIUM CACODYLATE' ? ? ? 
1 2 1 MGCL2               ? ? ? 
1 3 1 SPERMINE            ? ? ? 
1 4 1 MPD                 ? ? ? 
1 5 2 MPD                 ? ? ? 
# 
_diffrn.id                     1 
_diffrn.ambient_temp           120.0 
_diffrn.ambient_temp_details   ? 
_diffrn.crystal_id             1 
# 
_diffrn_detector.diffrn_id              1 
_diffrn_detector.detector               'IMAGE PLATE' 
_diffrn_detector.type                   MARRESEARCH 
_diffrn_detector.pdbx_collection_date   1996-05-23 
_diffrn_detector.details                ? 
# 
_diffrn_radiation.diffrn_id                        1 
_diffrn_radiation.wavelength_id                    1 
_diffrn_radiation.pdbx_monochromatic_or_laue_m_l   M 
_diffrn_radiation.monochromator                    ? 
_diffrn_radiation.pdbx_diffrn_protocol             'SINGLE WAVELENGTH' 
_diffrn_radiation.pdbx_scattering_type             x-ray 
# 
_diffrn_radiation_wavelength.id           1 
_diffrn_radiation_wavelength.wavelength   . 
_diffrn_radiation_wavelength.wt           1.0 
# 
_diffrn_source.diffrn_id                   1 
_diffrn_source.source                      SYNCHROTRON 
_diffrn_source.type                        'ELETTRA BEAMLINE 5.2R' 
_diffrn_source.pdbx_synchrotron_site       ELETTRA 
_diffrn_source.pdbx_synchrotron_beamline   5.2R 
_diffrn_source.pdbx_wavelength             ? 
_diffrn_source.pdbx_wavelength_list        ? 
# 
_reflns.entry_id                     431D 
_reflns.observed_criterion_sigma_I   0.0 
_reflns.observed_criterion_sigma_F   0.0 
_reflns.d_resolution_low             15.0 
_reflns.d_resolution_high            1.15 
_reflns.number_obs                   17760 
_reflns.number_all                   17760 
_reflns.percent_possible_obs         96.7 
_reflns.pdbx_Rmerge_I_obs            0.0540000 
_reflns.pdbx_Rsym_value              ? 
_reflns.pdbx_netI_over_sigmaI        25.0 
_reflns.B_iso_Wilson_estimate        ? 
_reflns.pdbx_redundancy              3.6 
_reflns.pdbx_diffrn_id               1 
_reflns.pdbx_ordinal                 1 
# 
_reflns_shell.d_res_high             1.15 
_reflns_shell.d_res_low              1.18 
_reflns_shell.percent_possible_all   94.7 
_reflns_shell.Rmerge_I_obs           0.1580000 
_reflns_shell.pdbx_Rsym_value        ? 
_reflns_shell.meanI_over_sigI_obs    11.71 
_reflns_shell.pdbx_redundancy        3.2 
_reflns_shell.pdbx_diffrn_id         ? 
_reflns_shell.pdbx_ordinal           1 
# 
_refine.entry_id                                 431D 
_refine.ls_number_reflns_obs                     16727 
_refine.ls_number_reflns_all                     17700 
_refine.pdbx_ls_sigma_I                          ? 
_refine.pdbx_ls_sigma_F                          ? 
_refine.pdbx_data_cutoff_high_absF               ? 
_refine.pdbx_data_cutoff_low_absF                ? 
_refine.pdbx_data_cutoff_high_rms_absF           ? 
_refine.ls_d_res_low                             10.00 
_refine.ls_d_res_high                            1.15 
_refine.ls_percent_reflns_obs                    96.0 
_refine.ls_R_factor_obs                          ? 
_refine.ls_R_factor_all                          0.1722000 
_refine.ls_R_factor_R_work                       ? 
_refine.ls_R_factor_R_free                       ? 
_refine.ls_R_factor_R_free_error                 ? 
_refine.ls_R_factor_R_free_error_details         ? 
_refine.ls_percent_reflns_R_free                 ? 
_refine.ls_number_reflns_R_free                  ? 
_refine.ls_number_parameters                     4811 
_refine.ls_number_restraints                     12226 
_refine.occupancy_min                            ? 
_refine.occupancy_max                            ? 
_refine.B_iso_mean                               ? 
_refine.aniso_B[1][1]                            ? 
_refine.aniso_B[2][2]                            ? 
_refine.aniso_B[3][3]                            ? 
_refine.aniso_B[1][2]                            ? 
_refine.aniso_B[1][3]                            ? 
_refine.aniso_B[2][3]                            ? 
_refine.solvent_model_details                    'MOEWS & KRETSINGER,J.MOL.BIOL.91(1973)201-222.' 
_refine.solvent_model_param_ksol                 ? 
_refine.solvent_model_param_bsol                 ? 
_refine.pdbx_ls_cross_valid_method               NONE 
_refine.details                                  
;SIGMAS USED BOND LENGTHS (TARGET + SIMILAR) 0.03; ANGLE DISTANCES (TARGET + SIMILAR) 0.05; PLANE RESTRAINT FOR BASES 0.02; CHIRAL VOLUME RESTRAINT (A**3) 0.2; ANTI-BUMPING RESTRAINT FOR SOLVENT MOLECULES 0.03; ISOR RESTRAINT FOR 28 SOLVENTS 0.1, FOR 15 SOLVENTS AND 21 DNA ATOMS 0.05, FOR 3 SOLVENTS 0.025; RIGID- BOND ADP COMPONENTS 0.010; SIMILAR ADP COMPONENTS 0.062
;
_refine.pdbx_starting_model                      'UDJ049 USED AS STARTING MODEL FOR REFINEMENT' 
_refine.pdbx_method_to_determine_struct          ? 
_refine.pdbx_isotropic_thermal_model             ? 
_refine.pdbx_stereochemistry_target_values       
'DISTANCES AND ANGLES WITHIN THE BASES WERE RESTRAINED TO TARGET VALUES (TAYLOR AND KENNARD).' 
_refine.pdbx_stereochem_target_val_spec_case     
'ALL OTHER CHEMICALLY EQUIVALENT BOND DISTANCES AND ANGLES WERE RESTRAINED TO BE SIMILAR BY SAME DISTANCE RESTRAINTS.' 
_refine.pdbx_R_Free_selection_details            ? 
_refine.pdbx_overall_ESU_R                       ? 
_refine.pdbx_overall_ESU_R_Free                  ? 
_refine.overall_SU_ML                            ? 
_refine.overall_SU_B                             ? 
_refine.pdbx_refine_id                           'X-RAY DIFFRACTION' 
_refine.pdbx_diffrn_id                           1 
_refine.pdbx_TLS_residual_ADP_flag               ? 
_refine.correlation_coeff_Fo_to_Fc               ? 
_refine.correlation_coeff_Fo_to_Fc_free          ? 
_refine.pdbx_solvent_vdw_probe_radii             ? 
_refine.pdbx_solvent_ion_probe_radii             ? 
_refine.pdbx_solvent_shrinkage_radii             ? 
_refine.pdbx_overall_phase_error                 ? 
_refine.overall_SU_R_Cruickshank_DPI             ? 
_refine.pdbx_overall_SU_R_free_Cruickshank_DPI   ? 
_refine.pdbx_overall_SU_R_Blow_DPI               ? 
_refine.pdbx_overall_SU_R_free_Blow_DPI          ? 
# 
_refine_analyze.entry_id                        431D 
_refine_analyze.Luzzati_coordinate_error_obs    ? 
_refine_analyze.Luzzati_sigma_a_obs             ? 
_refine_analyze.Luzzati_d_res_low_obs           ? 
_refine_analyze.Luzzati_coordinate_error_free   ? 
_refine_analyze.Luzzati_sigma_a_free            ? 
_refine_analyze.Luzzati_d_res_low_free          ? 
_refine_analyze.number_disordered_residues      2 
_refine_analyze.occupancy_sum_hydrogen          527.61 
_refine_analyze.occupancy_sum_non_hydrogen      208. 
_refine_analyze.pdbx_refine_id                  'X-RAY DIFFRACTION' 
# 
_refine_hist.pdbx_refine_id                   'X-RAY DIFFRACTION' 
_refine_hist.cycle_id                         LAST 
_refine_hist.pdbx_number_atoms_protein        0 
_refine_hist.pdbx_number_atoms_nucleic_acid   416 
_refine_hist.pdbx_number_atoms_ligand         2 
_refine_hist.number_atoms_solvent             116 
_refine_hist.number_atoms_total               534 
_refine_hist.d_res_high                       1.15 
_refine_hist.d_res_low                        10.00 
# 
loop_
_refine_ls_restr.type 
_refine_ls_restr.dev_ideal 
_refine_ls_restr.dev_ideal_target 
_refine_ls_restr.weight 
_refine_ls_restr.number 
_refine_ls_restr.pdbx_refine_id 
_refine_ls_restr.pdbx_restraint_function 
s_bond_d               0.017 ? ? ? 'X-RAY DIFFRACTION' ? 
s_angle_d              ?     ? ? ? 'X-RAY DIFFRACTION' ? 
s_similar_dist         0.052 ? ? ? 'X-RAY DIFFRACTION' ? 
s_from_restr_planes    0.015 ? ? ? 'X-RAY DIFFRACTION' ? 
s_zero_chiral_vol      ?     ? ? ? 'X-RAY DIFFRACTION' ? 
s_non_zero_chiral_vol  0.155 ? ? ? 'X-RAY DIFFRACTION' ? 
s_anti_bump_dis_restr  0.042 ? ? ? 'X-RAY DIFFRACTION' ? 
s_rigid_bond_adp_cmpnt 0.004 ? ? ? 'X-RAY DIFFRACTION' ? 
s_similar_adp_cmpnt    0.025 ? ? ? 'X-RAY DIFFRACTION' ? 
s_approx_iso_adps      0.067 ? ? ? 'X-RAY DIFFRACTION' ? 
# 
_pdbx_refine.entry_id                                    431D 
_pdbx_refine.R_factor_all_no_cutoff                      0.1722000 
_pdbx_refine.R_factor_obs_no_cutoff                      ? 
_pdbx_refine.free_R_factor_no_cutoff                     ? 
_pdbx_refine.free_R_val_test_set_size_perc_no_cutoff     ? 
_pdbx_refine.free_R_val_test_set_ct_no_cutoff            ? 
_pdbx_refine.R_factor_all_4sig_cutoff                    0.1672000 
_pdbx_refine.R_factor_obs_4sig_cutoff                    ? 
_pdbx_refine.free_R_factor_4sig_cutoff                   ? 
_pdbx_refine.free_R_val_test_set_size_perc_4sig_cutoff   ? 
_pdbx_refine.free_R_val_test_set_ct_4sig_cutoff          ? 
_pdbx_refine.number_reflns_obs_4sig_cutoff               16727 
_pdbx_refine.pdbx_refine_id                              'X-RAY DIFFRACTION' 
_pdbx_refine.free_R_error_no_cutoff                      ? 
# 
_struct.entry_id                  431D 
_struct.title                     "5'-D(*GP*GP*CP*CP*AP*AP*TP*TP*GP*G)-3'" 
_struct.pdbx_model_details        ? 
_struct.pdbx_CASP_flag            ? 
_struct.pdbx_model_type_details   ? 
# 
_struct_keywords.entry_id        431D 
_struct_keywords.pdbx_keywords   DNA 
_struct_keywords.text            
'DEOXYRIBONUCLEIC ACID, EXTENDED HYDRATION SPINE, TRIPLET FORMATION, ATOMIC RESOLUTION, DOUBLE BACKBONE CONFORMATION, DNA' 
# 
loop_
_struct_asym.id 
_struct_asym.pdbx_blank_PDB_chainid_flag 
_struct_asym.pdbx_modified 
_struct_asym.entity_id 
_struct_asym.details 
A N N 1 ? 
B N N 1 ? 
C N N 2 ? 
D N N 2 ? 
E N N 3 ? 
F N N 3 ? 
# 
_struct_ref.id                         1 
_struct_ref.entity_id                  1 
_struct_ref.db_name                    PDB 
_struct_ref.db_code                    431D 
_struct_ref.pdbx_db_accession          431D 
_struct_ref.pdbx_db_isoform            ? 
_struct_ref.pdbx_seq_one_letter_code   ? 
_struct_ref.pdbx_align_begin           ? 
# 
loop_
_struct_ref_seq.align_id 
_struct_ref_seq.ref_id 
_struct_ref_seq.pdbx_PDB_id_code 
_struct_ref_seq.pdbx_strand_id 
_struct_ref_seq.seq_align_beg 
_struct_ref_seq.pdbx_seq_align_beg_ins_code 
_struct_ref_seq.seq_align_end 
_struct_ref_seq.pdbx_seq_align_end_ins_code 
_struct_ref_seq.pdbx_db_accession 
_struct_ref_seq.db_align_beg 
_struct_ref_seq.pdbx_db_align_beg_ins_code 
_struct_ref_seq.db_align_end 
_struct_ref_seq.pdbx_db_align_end_ins_code 
_struct_ref_seq.pdbx_auth_seq_align_beg 
_struct_ref_seq.pdbx_auth_seq_align_end 
1 1 431D A 1 ? 10 ? 431D 1  ? 10 ? 1  10 
2 1 431D B 1 ? 10 ? 431D 11 ? 20 ? 11 20 
# 
_pdbx_struct_assembly.id                   1 
_pdbx_struct_assembly.details              author_defined_assembly 
_pdbx_struct_assembly.method_details       ? 
_pdbx_struct_assembly.oligomeric_details   dimeric 
_pdbx_struct_assembly.oligomeric_count     2 
# 
_pdbx_struct_assembly_gen.assembly_id       1 
_pdbx_struct_assembly_gen.oper_expression   1 
_pdbx_struct_assembly_gen.asym_id_list      A,B,C,D,E,F 
# 
_pdbx_struct_oper_list.id                   1 
_pdbx_struct_oper_list.type                 'identity operation' 
_pdbx_struct_oper_list.name                 1_555 
_pdbx_struct_oper_list.symmetry_operation   x,y,z 
_pdbx_struct_oper_list.matrix[1][1]         1.0000000000 
_pdbx_struct_oper_list.matrix[1][2]         0.0000000000 
_pdbx_struct_oper_list.matrix[1][3]         0.0000000000 
_pdbx_struct_oper_list.vector[1]            0.0000000000 
_pdbx_struct_oper_list.matrix[2][1]         0.0000000000 
_pdbx_struct_oper_list.matrix[2][2]         1.0000000000 
_pdbx_struct_oper_list.matrix[2][3]         0.0000000000 
_pdbx_struct_oper_list.vector[2]            0.0000000000 
_pdbx_struct_oper_list.matrix[3][1]         0.0000000000 
_pdbx_struct_oper_list.matrix[3][2]         0.0000000000 
_pdbx_struct_oper_list.matrix[3][3]         1.0000000000 
_pdbx_struct_oper_list.vector[3]            0.0000000000 
# 
_struct_biol.id   1 
# 
loop_
_struct_conn.id 
_struct_conn.conn_type_id 
_struct_conn.pdbx_leaving_atom_flag 
_struct_conn.pdbx_PDB_id 
_struct_conn.ptnr1_label_asym_id 
_struct_conn.ptnr1_label_comp_id 
_struct_conn.ptnr1_label_seq_id 
_struct_conn.ptnr1_label_atom_id 
_struct_conn.pdbx_ptnr1_label_alt_id 
_struct_conn.pdbx_ptnr1_PDB_ins_code 
_struct_conn.pdbx_ptnr1_standard_comp_id 
_struct_conn.ptnr1_symmetry 
_struct_conn.ptnr2_label_asym_id 
_struct_conn.ptnr2_label_comp_id 
_struct_conn.ptnr2_label_seq_id 
_struct_conn.ptnr2_label_atom_id 
_struct_conn.pdbx_ptnr2_label_alt_id 
_struct_conn.pdbx_ptnr2_PDB_ins_code 
_struct_conn.ptnr1_auth_asym_id 
_struct_conn.ptnr1_auth_comp_id 
_struct_conn.ptnr1_auth_seq_id 
_struct_conn.ptnr2_auth_asym_id 
_struct_conn.ptnr2_auth_comp_id 
_struct_conn.ptnr2_auth_seq_id 
_struct_conn.ptnr2_symmetry 
_struct_conn.pdbx_ptnr3_label_atom_id 
_struct_conn.pdbx_ptnr3_label_seq_id 
_struct_conn.pdbx_ptnr3_label_comp_id 
_struct_conn.pdbx_ptnr3_label_asym_id 
_struct_conn.pdbx_ptnr3_label_alt_id 
_struct_conn.pdbx_ptnr3_PDB_ins_code 
_struct_conn.details 
_struct_conn.pdbx_dist_value 
_struct_conn.pdbx_value_order 
_struct_conn.pdbx_role 
metalc1  metalc ? ? C MG .  MG ? ? ? 1_555 F HOH .  O  ? ? B MG 21 B HOH 28 1_555 ? ? ? ? ? ? ?            2.040 ? ? 
metalc2  metalc ? ? C MG .  MG ? ? ? 1_555 F HOH .  O  ? ? B MG 21 B HOH 53 1_555 ? ? ? ? ? ? ?            2.017 ? ? 
metalc3  metalc ? ? C MG .  MG ? ? ? 1_555 F HOH .  O  ? ? B MG 21 B HOH 55 1_555 ? ? ? ? ? ? ?            2.061 ? ? 
metalc4  metalc ? ? C MG .  MG ? ? ? 1_555 F HOH .  O  ? ? B MG 21 B HOH 56 1_555 ? ? ? ? ? ? ?            2.012 ? ? 
metalc5  metalc ? ? C MG .  MG ? ? ? 1_555 F HOH .  O  ? ? B MG 21 B HOH 58 1_555 ? ? ? ? ? ? ?            2.125 ? ? 
metalc6  metalc ? ? C MG .  MG ? ? ? 1_555 F HOH .  O  ? ? B MG 21 B HOH 60 1_555 ? ? ? ? ? ? ?            2.053 ? ? 
metalc7  metalc ? ? D MG .  MG ? ? ? 1_555 F HOH .  O  ? ? B MG 22 B HOH 54 1_555 ? ? ? ? ? ? ?            2.032 ? ? 
metalc8  metalc ? ? D MG .  MG ? ? ? 1_555 F HOH .  O  ? ? B MG 22 B HOH 57 1_555 ? ? ? ? ? ? ?            2.106 ? ? 
metalc9  metalc ? ? D MG .  MG ? ? ? 1_555 F HOH .  O  ? ? B MG 22 B HOH 59 1_555 ? ? ? ? ? ? ?            1.998 ? ? 
metalc10 metalc ? ? D MG .  MG ? ? ? 1_555 F HOH .  O  ? ? B MG 22 B HOH 61 1_555 ? ? ? ? ? ? ?            2.280 ? ? 
metalc11 metalc ? ? D MG .  MG ? ? ? 1_555 F HOH .  O  ? ? B MG 22 B HOH 62 1_555 ? ? ? ? ? ? ?            2.073 ? ? 
metalc12 metalc ? ? D MG .  MG ? ? ? 1_555 F HOH .  O  ? ? B MG 22 B HOH 63 1_555 ? ? ? ? ? ? ?            2.208 ? ? 
hydrog1  hydrog ? ? A DC 3  N3 ? ? ? 1_555 B DG  10 N1 ? ? A DC 3  B DG  20 1_555 ? ? ? ? ? ? WATSON-CRICK ?     ? ? 
hydrog2  hydrog ? ? A DC 3  N4 ? ? ? 1_555 B DG  10 O6 ? ? A DC 3  B DG  20 1_555 ? ? ? ? ? ? WATSON-CRICK ?     ? ? 
hydrog3  hydrog ? ? A DC 3  O2 ? ? ? 1_555 B DG  10 N2 ? ? A DC 3  B DG  20 1_555 ? ? ? ? ? ? WATSON-CRICK ?     ? ? 
hydrog4  hydrog ? ? A DC 4  N3 ? ? ? 1_555 B DG  9  N1 ? ? A DC 4  B DG  19 1_555 ? ? ? ? ? ? WATSON-CRICK ?     ? ? 
hydrog5  hydrog ? ? A DC 4  N4 ? ? ? 1_555 B DG  9  O6 ? ? A DC 4  B DG  19 1_555 ? ? ? ? ? ? WATSON-CRICK ?     ? ? 
hydrog6  hydrog ? ? A DC 4  O2 ? ? ? 1_555 B DG  9  N2 ? ? A DC 4  B DG  19 1_555 ? ? ? ? ? ? WATSON-CRICK ?     ? ? 
hydrog7  hydrog ? ? A DA 5  N1 ? ? ? 1_555 B DT  8  N3 ? ? A DA 5  B DT  18 1_555 ? ? ? ? ? ? WATSON-CRICK ?     ? ? 
hydrog8  hydrog ? ? A DA 5  N6 ? ? ? 1_555 B DT  8  O4 ? ? A DA 5  B DT  18 1_555 ? ? ? ? ? ? WATSON-CRICK ?     ? ? 
hydrog9  hydrog ? ? A DA 6  N1 ? ? ? 1_555 B DT  7  N3 ? ? A DA 6  B DT  17 1_555 ? ? ? ? ? ? WATSON-CRICK ?     ? ? 
hydrog10 hydrog ? ? A DA 6  N6 ? ? ? 1_555 B DT  7  O4 ? ? A DA 6  B DT  17 1_555 ? ? ? ? ? ? WATSON-CRICK ?     ? ? 
hydrog11 hydrog ? ? A DT 7  N3 ? ? ? 1_555 B DA  6  N1 ? ? A DT 7  B DA  16 1_555 ? ? ? ? ? ? WATSON-CRICK ?     ? ? 
hydrog12 hydrog ? ? A DT 7  O4 ? ? ? 1_555 B DA  6  N6 ? ? A DT 7  B DA  16 1_555 ? ? ? ? ? ? WATSON-CRICK ?     ? ? 
hydrog13 hydrog ? ? A DT 8  N3 ? ? ? 1_555 B DA  5  N1 ? ? A DT 8  B DA  15 1_555 ? ? ? ? ? ? WATSON-CRICK ?     ? ? 
hydrog14 hydrog ? ? A DT 8  O4 ? ? ? 1_555 B DA  5  N6 ? ? A DT 8  B DA  15 1_555 ? ? ? ? ? ? WATSON-CRICK ?     ? ? 
hydrog15 hydrog ? ? A DG 9  N1 ? ? ? 1_555 B DC  4  N3 ? ? A DG 9  B DC  14 1_555 ? ? ? ? ? ? WATSON-CRICK ?     ? ? 
hydrog16 hydrog ? ? A DG 9  N2 ? ? ? 1_555 B DC  4  O2 ? ? A DG 9  B DC  14 1_555 ? ? ? ? ? ? WATSON-CRICK ?     ? ? 
hydrog17 hydrog ? ? A DG 9  O6 ? ? ? 1_555 B DC  4  N4 ? ? A DG 9  B DC  14 1_555 ? ? ? ? ? ? WATSON-CRICK ?     ? ? 
hydrog18 hydrog ? ? A DG 10 N1 ? ? ? 1_555 B DC  3  N3 ? ? A DG 10 B DC  13 1_555 ? ? ? ? ? ? WATSON-CRICK ?     ? ? 
hydrog19 hydrog ? ? A DG 10 N2 ? ? ? 1_555 B DC  3  O2 ? ? A DG 10 B DC  13 1_555 ? ? ? ? ? ? WATSON-CRICK ?     ? ? 
hydrog20 hydrog ? ? A DG 10 O6 ? ? ? 1_555 B DC  3  N4 ? ? A DG 10 B DC  13 1_555 ? ? ? ? ? ? WATSON-CRICK ?     ? ? 
# 
loop_
_struct_conn_type.id 
_struct_conn_type.criteria 
_struct_conn_type.reference 
metalc ? ? 
hydrog ? ? 
# 
loop_
_pdbx_struct_conn_angle.id 
_pdbx_struct_conn_angle.ptnr1_label_atom_id 
_pdbx_struct_conn_angle.ptnr1_label_alt_id 
_pdbx_struct_conn_angle.ptnr1_label_asym_id 
_pdbx_struct_conn_angle.ptnr1_label_comp_id 
_pdbx_struct_conn_angle.ptnr1_label_seq_id 
_pdbx_struct_conn_angle.ptnr1_auth_atom_id 
_pdbx_struct_conn_angle.ptnr1_auth_asym_id 
_pdbx_struct_conn_angle.ptnr1_auth_comp_id 
_pdbx_struct_conn_angle.ptnr1_auth_seq_id 
_pdbx_struct_conn_angle.ptnr1_PDB_ins_code 
_pdbx_struct_conn_angle.ptnr1_symmetry 
_pdbx_struct_conn_angle.ptnr2_label_atom_id 
_pdbx_struct_conn_angle.ptnr2_label_alt_id 
_pdbx_struct_conn_angle.ptnr2_label_asym_id 
_pdbx_struct_conn_angle.ptnr2_label_comp_id 
_pdbx_struct_conn_angle.ptnr2_label_seq_id 
_pdbx_struct_conn_angle.ptnr2_auth_atom_id 
_pdbx_struct_conn_angle.ptnr2_auth_asym_id 
_pdbx_struct_conn_angle.ptnr2_auth_comp_id 
_pdbx_struct_conn_angle.ptnr2_auth_seq_id 
_pdbx_struct_conn_angle.ptnr2_PDB_ins_code 
_pdbx_struct_conn_angle.ptnr2_symmetry 
_pdbx_struct_conn_angle.ptnr3_label_atom_id 
_pdbx_struct_conn_angle.ptnr3_label_alt_id 
_pdbx_struct_conn_angle.ptnr3_label_asym_id 
_pdbx_struct_conn_angle.ptnr3_label_comp_id 
_pdbx_struct_conn_angle.ptnr3_label_seq_id 
_pdbx_struct_conn_angle.ptnr3_auth_atom_id 
_pdbx_struct_conn_angle.ptnr3_auth_asym_id 
_pdbx_struct_conn_angle.ptnr3_auth_comp_id 
_pdbx_struct_conn_angle.ptnr3_auth_seq_id 
_pdbx_struct_conn_angle.ptnr3_PDB_ins_code 
_pdbx_struct_conn_angle.ptnr3_symmetry 
_pdbx_struct_conn_angle.value 
_pdbx_struct_conn_angle.value_esd 
1  O ? F HOH . ? B HOH 28 ? 1_555 MG ? C MG . ? B MG 21 ? 1_555 O ? F HOH . ? B HOH 53 ? 1_555 88.5  ? 
2  O ? F HOH . ? B HOH 28 ? 1_555 MG ? C MG . ? B MG 21 ? 1_555 O ? F HOH . ? B HOH 55 ? 1_555 178.0 ? 
3  O ? F HOH . ? B HOH 53 ? 1_555 MG ? C MG . ? B MG 21 ? 1_555 O ? F HOH . ? B HOH 55 ? 1_555 89.6  ? 
4  O ? F HOH . ? B HOH 28 ? 1_555 MG ? C MG . ? B MG 21 ? 1_555 O ? F HOH . ? B HOH 56 ? 1_555 87.0  ? 
5  O ? F HOH . ? B HOH 53 ? 1_555 MG ? C MG . ? B MG 21 ? 1_555 O ? F HOH . ? B HOH 56 ? 1_555 93.0  ? 
6  O ? F HOH . ? B HOH 55 ? 1_555 MG ? C MG . ? B MG 21 ? 1_555 O ? F HOH . ? B HOH 56 ? 1_555 93.6  ? 
7  O ? F HOH . ? B HOH 28 ? 1_555 MG ? C MG . ? B MG 21 ? 1_555 O ? F HOH . ? B HOH 58 ? 1_555 88.5  ? 
8  O ? F HOH . ? B HOH 53 ? 1_555 MG ? C MG . ? B MG 21 ? 1_555 O ? F HOH . ? B HOH 58 ? 1_555 89.5  ? 
9  O ? F HOH . ? B HOH 55 ? 1_555 MG ? C MG . ? B MG 21 ? 1_555 O ? F HOH . ? B HOH 58 ? 1_555 91.0  ? 
10 O ? F HOH . ? B HOH 56 ? 1_555 MG ? C MG . ? B MG 21 ? 1_555 O ? F HOH . ? B HOH 58 ? 1_555 174.8 ? 
11 O ? F HOH . ? B HOH 28 ? 1_555 MG ? C MG . ? B MG 21 ? 1_555 O ? F HOH . ? B HOH 60 ? 1_555 93.3  ? 
12 O ? F HOH . ? B HOH 53 ? 1_555 MG ? C MG . ? B MG 21 ? 1_555 O ? F HOH . ? B HOH 60 ? 1_555 177.6 ? 
13 O ? F HOH . ? B HOH 55 ? 1_555 MG ? C MG . ? B MG 21 ? 1_555 O ? F HOH . ? B HOH 60 ? 1_555 88.6  ? 
14 O ? F HOH . ? B HOH 56 ? 1_555 MG ? C MG . ? B MG 21 ? 1_555 O ? F HOH . ? B HOH 60 ? 1_555 88.8  ? 
15 O ? F HOH . ? B HOH 58 ? 1_555 MG ? C MG . ? B MG 21 ? 1_555 O ? F HOH . ? B HOH 60 ? 1_555 88.9  ? 
16 O ? F HOH . ? B HOH 54 ? 1_555 MG ? D MG . ? B MG 22 ? 1_555 O ? F HOH . ? B HOH 57 ? 1_555 92.1  ? 
17 O ? F HOH . ? B HOH 54 ? 1_555 MG ? D MG . ? B MG 22 ? 1_555 O ? F HOH . ? B HOH 59 ? 1_555 92.0  ? 
18 O ? F HOH . ? B HOH 57 ? 1_555 MG ? D MG . ? B MG 22 ? 1_555 O ? F HOH . ? B HOH 59 ? 1_555 174.6 ? 
19 O ? F HOH . ? B HOH 54 ? 1_555 MG ? D MG . ? B MG 22 ? 1_555 O ? F HOH . ? B HOH 61 ? 1_555 99.5  ? 
20 O ? F HOH . ? B HOH 57 ? 1_555 MG ? D MG . ? B MG 22 ? 1_555 O ? F HOH . ? B HOH 61 ? 1_555 94.6  ? 
21 O ? F HOH . ? B HOH 59 ? 1_555 MG ? D MG . ? B MG 22 ? 1_555 O ? F HOH . ? B HOH 61 ? 1_555 81.2  ? 
22 O ? F HOH . ? B HOH 54 ? 1_555 MG ? D MG . ? B MG 22 ? 1_555 O ? F HOH . ? B HOH 62 ? 1_555 81.6  ? 
23 O ? F HOH . ? B HOH 57 ? 1_555 MG ? D MG . ? B MG 22 ? 1_555 O ? F HOH . ? B HOH 62 ? 1_555 86.9  ? 
24 O ? F HOH . ? B HOH 59 ? 1_555 MG ? D MG . ? B MG 22 ? 1_555 O ? F HOH . ? B HOH 62 ? 1_555 97.2  ? 
25 O ? F HOH . ? B HOH 61 ? 1_555 MG ? D MG . ? B MG 22 ? 1_555 O ? F HOH . ? B HOH 62 ? 1_555 178.1 ? 
26 O ? F HOH . ? B HOH 54 ? 1_555 MG ? D MG . ? B MG 22 ? 1_555 O ? F HOH . ? B HOH 63 ? 1_555 173.0 ? 
27 O ? F HOH . ? B HOH 57 ? 1_555 MG ? D MG . ? B MG 22 ? 1_555 O ? F HOH . ? B HOH 63 ? 1_555 90.6  ? 
28 O ? F HOH . ? B HOH 59 ? 1_555 MG ? D MG . ? B MG 22 ? 1_555 O ? F HOH . ? B HOH 63 ? 1_555 85.7  ? 
29 O ? F HOH . ? B HOH 61 ? 1_555 MG ? D MG . ? B MG 22 ? 1_555 O ? F HOH . ? B HOH 63 ? 1_555 86.7  ? 
30 O ? F HOH . ? B HOH 62 ? 1_555 MG ? D MG . ? B MG 22 ? 1_555 O ? F HOH . ? B HOH 63 ? 1_555 92.1  ? 
# 
loop_
_struct_site.id 
_struct_site.pdbx_evidence_code 
_struct_site.pdbx_auth_asym_id 
_struct_site.pdbx_auth_comp_id 
_struct_site.pdbx_auth_seq_id 
_struct_site.pdbx_auth_ins_code 
_struct_site.pdbx_num_residues 
_struct_site.details 
AC1 Software B MG 21 ? 6 'BINDING SITE FOR RESIDUE MG B 21' 
AC2 Software B MG 22 ? 6 'BINDING SITE FOR RESIDUE MG B 22' 
# 
loop_
_struct_site_gen.id 
_struct_site_gen.site_id 
_struct_site_gen.pdbx_num_res 
_struct_site_gen.label_comp_id 
_struct_site_gen.label_asym_id 
_struct_site_gen.label_seq_id 
_struct_site_gen.pdbx_auth_ins_code 
_struct_site_gen.auth_comp_id 
_struct_site_gen.auth_asym_id 
_struct_site_gen.auth_seq_id 
_struct_site_gen.label_atom_id 
_struct_site_gen.label_alt_id 
_struct_site_gen.symmetry 
_struct_site_gen.details 
1  AC1 6 HOH F . ? HOH B 28 . ? 1_555 ? 
2  AC1 6 HOH F . ? HOH B 53 . ? 1_555 ? 
3  AC1 6 HOH F . ? HOH B 55 . ? 1_555 ? 
4  AC1 6 HOH F . ? HOH B 56 . ? 1_555 ? 
5  AC1 6 HOH F . ? HOH B 58 . ? 1_555 ? 
6  AC1 6 HOH F . ? HOH B 60 . ? 1_555 ? 
7  AC2 6 HOH F . ? HOH B 54 . ? 1_555 ? 
8  AC2 6 HOH F . ? HOH B 57 . ? 1_555 ? 
9  AC2 6 HOH F . ? HOH B 59 . ? 1_555 ? 
10 AC2 6 HOH F . ? HOH B 61 . ? 1_555 ? 
11 AC2 6 HOH F . ? HOH B 62 . ? 1_555 ? 
12 AC2 6 HOH F . ? HOH B 63 . ? 1_555 ? 
# 
loop_
_pdbx_validate_rmsd_bond.id 
_pdbx_validate_rmsd_bond.PDB_model_num 
_pdbx_validate_rmsd_bond.auth_atom_id_1 
_pdbx_validate_rmsd_bond.auth_asym_id_1 
_pdbx_validate_rmsd_bond.auth_comp_id_1 
_pdbx_validate_rmsd_bond.auth_seq_id_1 
_pdbx_validate_rmsd_bond.PDB_ins_code_1 
_pdbx_validate_rmsd_bond.label_alt_id_1 
_pdbx_validate_rmsd_bond.auth_atom_id_2 
_pdbx_validate_rmsd_bond.auth_asym_id_2 
_pdbx_validate_rmsd_bond.auth_comp_id_2 
_pdbx_validate_rmsd_bond.auth_seq_id_2 
_pdbx_validate_rmsd_bond.PDB_ins_code_2 
_pdbx_validate_rmsd_bond.label_alt_id_2 
_pdbx_validate_rmsd_bond.bond_value 
_pdbx_validate_rmsd_bond.bond_target_value 
_pdbx_validate_rmsd_bond.bond_deviation 
_pdbx_validate_rmsd_bond.bond_standard_deviation 
_pdbx_validate_rmsd_bond.linker_flag 
1 1 "C2'" A DT 7  ? ? "C1'" A DT 7  ? ? 1.456 1.518 -0.062 0.010 N 
2 1 "O4'" A DT 8  ? ? "C1'" A DT 8  ? ? 1.488 1.420 0.068  0.011 N 
3 1 "C2'" B DG 11 ? ? "C1'" B DG 11 ? ? 1.446 1.518 -0.072 0.010 N 
4 1 C5    B DG 11 ? ? N7    B DG 11 ? ? 1.348 1.388 -0.040 0.006 N 
5 1 "C2'" B DC 13 ? ? "C1'" B DC 13 ? ? 1.442 1.518 -0.076 0.010 N 
6 1 "C2'" B DA 16 ? B "C1'" B DA 16 ? ? 1.448 1.518 -0.070 0.010 N 
7 1 "O4'" B DA 16 ? ? "C1'" B DA 16 ? ? 1.486 1.420 0.066  0.011 N 
8 1 "C2'" B DG 19 ? ? "C1'" B DG 19 ? ? 1.456 1.518 -0.062 0.010 N 
9 1 "O4'" B DG 19 ? ? "C1'" B DG 19 ? ? 1.504 1.420 0.084  0.011 N 
# 
loop_
_pdbx_validate_rmsd_angle.id 
_pdbx_validate_rmsd_angle.PDB_model_num 
_pdbx_validate_rmsd_angle.auth_atom_id_1 
_pdbx_validate_rmsd_angle.auth_asym_id_1 
_pdbx_validate_rmsd_angle.auth_comp_id_1 
_pdbx_validate_rmsd_angle.auth_seq_id_1 
_pdbx_validate_rmsd_angle.PDB_ins_code_1 
_pdbx_validate_rmsd_angle.label_alt_id_1 
_pdbx_validate_rmsd_angle.auth_atom_id_2 
_pdbx_validate_rmsd_angle.auth_asym_id_2 
_pdbx_validate_rmsd_angle.auth_comp_id_2 
_pdbx_validate_rmsd_angle.auth_seq_id_2 
_pdbx_validate_rmsd_angle.PDB_ins_code_2 
_pdbx_validate_rmsd_angle.label_alt_id_2 
_pdbx_validate_rmsd_angle.auth_atom_id_3 
_pdbx_validate_rmsd_angle.auth_asym_id_3 
_pdbx_validate_rmsd_angle.auth_comp_id_3 
_pdbx_validate_rmsd_angle.auth_seq_id_3 
_pdbx_validate_rmsd_angle.PDB_ins_code_3 
_pdbx_validate_rmsd_angle.label_alt_id_3 
_pdbx_validate_rmsd_angle.angle_value 
_pdbx_validate_rmsd_angle.angle_target_value 
_pdbx_validate_rmsd_angle.angle_deviation 
_pdbx_validate_rmsd_angle.angle_standard_deviation 
_pdbx_validate_rmsd_angle.linker_flag 
1  1 "O4'" A DG 1  ? ? "C1'" A DG 1  ? ? N9    A DG 1  ? ? 102.89 108.00 -5.11  0.70 N 
2  1 "O4'" A DC 3  ? ? "C1'" A DC 3  ? ? "C2'" A DC 3  ? ? 110.24 106.80 3.44   0.50 N 
3  1 N1    A DC 3  ? ? C2    A DC 3  ? ? O2    A DC 3  ? ? 122.74 118.90 3.84   0.60 N 
4  1 "O4'" A DC 4  ? ? "C1'" A DC 4  ? ? N1    A DC 4  ? ? 114.66 108.30 6.36   0.30 N 
5  1 "C3'" A DC 4  ? ? "O3'" A DC 4  ? ? P     A DA 5  ? ? 127.17 119.70 7.47   1.20 Y 
6  1 "O4'" A DA 5  ? ? "C1'" A DA 5  ? ? N9    A DA 5  ? ? 101.42 108.00 -6.58  0.70 N 
7  1 "C3'" A DA 5  ? ? "O3'" A DA 5  ? ? P     A DA 6  ? ? 128.26 119.70 8.56   1.20 Y 
8  1 "O4'" A DA 6  ? ? "C1'" A DA 6  ? ? N9    A DA 6  ? ? 102.17 108.00 -5.83  0.70 N 
9  1 P     A DT 7  ? ? "O5'" A DT 7  ? ? "C5'" A DT 7  ? ? 89.79  120.90 -31.11 1.60 N 
10 1 "C5'" A DT 7  ? ? "C4'" A DT 7  ? ? "C3'" A DT 7  ? ? 123.04 115.70 7.34   1.20 N 
11 1 N1    A DT 7  ? ? "C1'" A DT 7  ? ? "C2'" A DT 7  ? ? 123.63 114.30 9.33   1.40 N 
12 1 "O4'" A DT 7  ? ? "C1'" A DT 7  ? ? N1    A DT 7  ? ? 103.64 108.00 -4.36  0.70 N 
13 1 "C3'" A DT 7  ? ? "O3'" A DT 7  ? ? P     A DT 8  ? ? 129.75 119.70 10.05  1.20 Y 
14 1 N1    A DT 8  ? ? "C1'" A DT 8  ? ? "C2'" A DT 8  ? ? 125.02 114.30 10.72  1.40 N 
15 1 "O4'" A DT 8  ? ? "C1'" A DT 8  ? ? N1    A DT 8  ? ? 101.95 108.00 -6.05  0.70 N 
16 1 "O4'" A DG 9  ? ? "C1'" A DG 9  ? ? N9    A DG 9  ? ? 102.91 108.00 -5.09  0.70 N 
17 1 "C1'" A DG 10 ? ? "O4'" A DG 10 ? ? "C4'" A DG 10 ? ? 103.48 110.10 -6.62  1.00 N 
18 1 N7    A DG 10 ? ? C8    A DG 10 ? ? N9    A DG 10 ? ? 109.05 113.10 -4.05  0.50 N 
19 1 N1    B DC 13 ? ? "C1'" B DC 13 ? ? "C2'" B DC 13 ? ? 124.49 114.30 10.19  1.40 N 
20 1 "O4'" B DC 14 ? ? "C1'" B DC 14 ? ? N1    B DC 14 ? ? 112.31 108.30 4.01   0.30 N 
21 1 "O4'" B DA 15 ? ? "C1'" B DA 15 ? ? N9    B DA 15 ? ? 102.13 108.00 -5.87  0.70 N 
22 1 "O4'" B DA 16 ? ? "C4'" B DA 16 ? ? "C3'" B DA 16 ? B 110.28 106.00 4.28   0.60 N 
23 1 "C5'" B DA 16 ? ? "C4'" B DA 16 ? ? "C3'" B DA 16 ? B 124.57 115.70 8.87   1.20 N 
24 1 N9    B DA 16 ? ? "C1'" B DA 16 ? ? "C2'" B DA 16 ? B 132.18 114.30 17.88  1.40 N 
25 1 "O4'" B DA 16 ? ? "C1'" B DA 16 ? ? N9    B DA 16 ? ? 101.39 108.00 -6.61  0.70 N 
26 1 N7    B DA 16 ? ? C8    B DA 16 ? ? N9    B DA 16 ? ? 118.81 113.80 5.01   0.50 N 
27 1 C8    B DA 16 ? ? N9    B DA 16 ? ? C4    B DA 16 ? ? 101.77 105.80 -4.03  0.40 N 
28 1 "C3'" B DA 16 ? A "O3'" B DA 16 ? A P     B DT 17 ? A 128.23 119.70 8.53   1.20 Y 
29 1 "O5'" B DT 17 ? ? P     B DT 17 ? B OP1   B DT 17 ? B 119.17 110.70 8.47   1.20 N 
30 1 P     B DT 17 ? A "O5'" B DT 17 ? ? "C5'" B DT 17 ? ? 138.44 120.90 17.54  1.60 N 
31 1 P     B DT 17 ? B "O5'" B DT 17 ? ? "C5'" B DT 17 ? ? 98.05  120.90 -22.85 1.60 N 
32 1 N1    B DT 18 ? ? "C1'" B DT 18 ? ? "C2'" B DT 18 ? ? 124.29 114.30 9.99   1.40 N 
33 1 "O4'" B DT 18 ? ? "C1'" B DT 18 ? ? N1    B DT 18 ? ? 103.46 108.00 -4.54  0.70 N 
34 1 N9    B DG 19 ? ? "C1'" B DG 19 ? ? "C2'" B DG 19 ? ? 122.98 114.30 8.68   1.40 N 
35 1 "O4'" B DG 19 ? ? "C1'" B DG 19 ? ? N9    B DG 19 ? ? 99.91  108.00 -8.09  0.70 N 
# 
loop_
_chem_comp_atom.comp_id 
_chem_comp_atom.atom_id 
_chem_comp_atom.type_symbol 
_chem_comp_atom.pdbx_aromatic_flag 
_chem_comp_atom.pdbx_stereo_config 
_chem_comp_atom.pdbx_ordinal 
DA  OP3    O  N N 1   
DA  P      P  N N 2   
DA  OP1    O  N N 3   
DA  OP2    O  N N 4   
DA  "O5'"  O  N N 5   
DA  "C5'"  C  N N 6   
DA  "C4'"  C  N R 7   
DA  "O4'"  O  N N 8   
DA  "C3'"  C  N S 9   
DA  "O3'"  O  N N 10  
DA  "C2'"  C  N N 11  
DA  "C1'"  C  N R 12  
DA  N9     N  Y N 13  
DA  C8     C  Y N 14  
DA  N7     N  Y N 15  
DA  C5     C  Y N 16  
DA  C6     C  Y N 17  
DA  N6     N  N N 18  
DA  N1     N  Y N 19  
DA  C2     C  Y N 20  
DA  N3     N  Y N 21  
DA  C4     C  Y N 22  
DA  HOP3   H  N N 23  
DA  HOP2   H  N N 24  
DA  "H5'"  H  N N 25  
DA  "H5''" H  N N 26  
DA  "H4'"  H  N N 27  
DA  "H3'"  H  N N 28  
DA  "HO3'" H  N N 29  
DA  "H2'"  H  N N 30  
DA  "H2''" H  N N 31  
DA  "H1'"  H  N N 32  
DA  H8     H  N N 33  
DA  H61    H  N N 34  
DA  H62    H  N N 35  
DA  H2     H  N N 36  
DC  OP3    O  N N 37  
DC  P      P  N N 38  
DC  OP1    O  N N 39  
DC  OP2    O  N N 40  
DC  "O5'"  O  N N 41  
DC  "C5'"  C  N N 42  
DC  "C4'"  C  N R 43  
DC  "O4'"  O  N N 44  
DC  "C3'"  C  N S 45  
DC  "O3'"  O  N N 46  
DC  "C2'"  C  N N 47  
DC  "C1'"  C  N R 48  
DC  N1     N  N N 49  
DC  C2     C  N N 50  
DC  O2     O  N N 51  
DC  N3     N  N N 52  
DC  C4     C  N N 53  
DC  N4     N  N N 54  
DC  C5     C  N N 55  
DC  C6     C  N N 56  
DC  HOP3   H  N N 57  
DC  HOP2   H  N N 58  
DC  "H5'"  H  N N 59  
DC  "H5''" H  N N 60  
DC  "H4'"  H  N N 61  
DC  "H3'"  H  N N 62  
DC  "HO3'" H  N N 63  
DC  "H2'"  H  N N 64  
DC  "H2''" H  N N 65  
DC  "H1'"  H  N N 66  
DC  H41    H  N N 67  
DC  H42    H  N N 68  
DC  H5     H  N N 69  
DC  H6     H  N N 70  
DG  OP3    O  N N 71  
DG  P      P  N N 72  
DG  OP1    O  N N 73  
DG  OP2    O  N N 74  
DG  "O5'"  O  N N 75  
DG  "C5'"  C  N N 76  
DG  "C4'"  C  N R 77  
DG  "O4'"  O  N N 78  
DG  "C3'"  C  N S 79  
DG  "O3'"  O  N N 80  
DG  "C2'"  C  N N 81  
DG  "C1'"  C  N R 82  
DG  N9     N  Y N 83  
DG  C8     C  Y N 84  
DG  N7     N  Y N 85  
DG  C5     C  Y N 86  
DG  C6     C  N N 87  
DG  O6     O  N N 88  
DG  N1     N  N N 89  
DG  C2     C  N N 90  
DG  N2     N  N N 91  
DG  N3     N  N N 92  
DG  C4     C  Y N 93  
DG  HOP3   H  N N 94  
DG  HOP2   H  N N 95  
DG  "H5'"  H  N N 96  
DG  "H5''" H  N N 97  
DG  "H4'"  H  N N 98  
DG  "H3'"  H  N N 99  
DG  "HO3'" H  N N 100 
DG  "H2'"  H  N N 101 
DG  "H2''" H  N N 102 
DG  "H1'"  H  N N 103 
DG  H8     H  N N 104 
DG  H1     H  N N 105 
DG  H21    H  N N 106 
DG  H22    H  N N 107 
DT  OP3    O  N N 108 
DT  P      P  N N 109 
DT  OP1    O  N N 110 
DT  OP2    O  N N 111 
DT  "O5'"  O  N N 112 
DT  "C5'"  C  N N 113 
DT  "C4'"  C  N R 114 
DT  "O4'"  O  N N 115 
DT  "C3'"  C  N S 116 
DT  "O3'"  O  N N 117 
DT  "C2'"  C  N N 118 
DT  "C1'"  C  N R 119 
DT  N1     N  N N 120 
DT  C2     C  N N 121 
DT  O2     O  N N 122 
DT  N3     N  N N 123 
DT  C4     C  N N 124 
DT  O4     O  N N 125 
DT  C5     C  N N 126 
DT  C7     C  N N 127 
DT  C6     C  N N 128 
DT  HOP3   H  N N 129 
DT  HOP2   H  N N 130 
DT  "H5'"  H  N N 131 
DT  "H5''" H  N N 132 
DT  "H4'"  H  N N 133 
DT  "H3'"  H  N N 134 
DT  "HO3'" H  N N 135 
DT  "H2'"  H  N N 136 
DT  "H2''" H  N N 137 
DT  "H1'"  H  N N 138 
DT  H3     H  N N 139 
DT  H71    H  N N 140 
DT  H72    H  N N 141 
DT  H73    H  N N 142 
DT  H6     H  N N 143 
HOH O      O  N N 144 
HOH H1     H  N N 145 
HOH H2     H  N N 146 
MG  MG     MG N N 147 
# 
loop_
_chem_comp_bond.comp_id 
_chem_comp_bond.atom_id_1 
_chem_comp_bond.atom_id_2 
_chem_comp_bond.value_order 
_chem_comp_bond.pdbx_aromatic_flag 
_chem_comp_bond.pdbx_stereo_config 
_chem_comp_bond.pdbx_ordinal 
DA  OP3   P      sing N N 1   
DA  OP3   HOP3   sing N N 2   
DA  P     OP1    doub N N 3   
DA  P     OP2    sing N N 4   
DA  P     "O5'"  sing N N 5   
DA  OP2   HOP2   sing N N 6   
DA  "O5'" "C5'"  sing N N 7   
DA  "C5'" "C4'"  sing N N 8   
DA  "C5'" "H5'"  sing N N 9   
DA  "C5'" "H5''" sing N N 10  
DA  "C4'" "O4'"  sing N N 11  
DA  "C4'" "C3'"  sing N N 12  
DA  "C4'" "H4'"  sing N N 13  
DA  "O4'" "C1'"  sing N N 14  
DA  "C3'" "O3'"  sing N N 15  
DA  "C3'" "C2'"  sing N N 16  
DA  "C3'" "H3'"  sing N N 17  
DA  "O3'" "HO3'" sing N N 18  
DA  "C2'" "C1'"  sing N N 19  
DA  "C2'" "H2'"  sing N N 20  
DA  "C2'" "H2''" sing N N 21  
DA  "C1'" N9     sing N N 22  
DA  "C1'" "H1'"  sing N N 23  
DA  N9    C8     sing Y N 24  
DA  N9    C4     sing Y N 25  
DA  C8    N7     doub Y N 26  
DA  C8    H8     sing N N 27  
DA  N7    C5     sing Y N 28  
DA  C5    C6     sing Y N 29  
DA  C5    C4     doub Y N 30  
DA  C6    N6     sing N N 31  
DA  C6    N1     doub Y N 32  
DA  N6    H61    sing N N 33  
DA  N6    H62    sing N N 34  
DA  N1    C2     sing Y N 35  
DA  C2    N3     doub Y N 36  
DA  C2    H2     sing N N 37  
DA  N3    C4     sing Y N 38  
DC  OP3   P      sing N N 39  
DC  OP3   HOP3   sing N N 40  
DC  P     OP1    doub N N 41  
DC  P     OP2    sing N N 42  
DC  P     "O5'"  sing N N 43  
DC  OP2   HOP2   sing N N 44  
DC  "O5'" "C5'"  sing N N 45  
DC  "C5'" "C4'"  sing N N 46  
DC  "C5'" "H5'"  sing N N 47  
DC  "C5'" "H5''" sing N N 48  
DC  "C4'" "O4'"  sing N N 49  
DC  "C4'" "C3'"  sing N N 50  
DC  "C4'" "H4'"  sing N N 51  
DC  "O4'" "C1'"  sing N N 52  
DC  "C3'" "O3'"  sing N N 53  
DC  "C3'" "C2'"  sing N N 54  
DC  "C3'" "H3'"  sing N N 55  
DC  "O3'" "HO3'" sing N N 56  
DC  "C2'" "C1'"  sing N N 57  
DC  "C2'" "H2'"  sing N N 58  
DC  "C2'" "H2''" sing N N 59  
DC  "C1'" N1     sing N N 60  
DC  "C1'" "H1'"  sing N N 61  
DC  N1    C2     sing N N 62  
DC  N1    C6     sing N N 63  
DC  C2    O2     doub N N 64  
DC  C2    N3     sing N N 65  
DC  N3    C4     doub N N 66  
DC  C4    N4     sing N N 67  
DC  C4    C5     sing N N 68  
DC  N4    H41    sing N N 69  
DC  N4    H42    sing N N 70  
DC  C5    C6     doub N N 71  
DC  C5    H5     sing N N 72  
DC  C6    H6     sing N N 73  
DG  OP3   P      sing N N 74  
DG  OP3   HOP3   sing N N 75  
DG  P     OP1    doub N N 76  
DG  P     OP2    sing N N 77  
DG  P     "O5'"  sing N N 78  
DG  OP2   HOP2   sing N N 79  
DG  "O5'" "C5'"  sing N N 80  
DG  "C5'" "C4'"  sing N N 81  
DG  "C5'" "H5'"  sing N N 82  
DG  "C5'" "H5''" sing N N 83  
DG  "C4'" "O4'"  sing N N 84  
DG  "C4'" "C3'"  sing N N 85  
DG  "C4'" "H4'"  sing N N 86  
DG  "O4'" "C1'"  sing N N 87  
DG  "C3'" "O3'"  sing N N 88  
DG  "C3'" "C2'"  sing N N 89  
DG  "C3'" "H3'"  sing N N 90  
DG  "O3'" "HO3'" sing N N 91  
DG  "C2'" "C1'"  sing N N 92  
DG  "C2'" "H2'"  sing N N 93  
DG  "C2'" "H2''" sing N N 94  
DG  "C1'" N9     sing N N 95  
DG  "C1'" "H1'"  sing N N 96  
DG  N9    C8     sing Y N 97  
DG  N9    C4     sing Y N 98  
DG  C8    N7     doub Y N 99  
DG  C8    H8     sing N N 100 
DG  N7    C5     sing Y N 101 
DG  C5    C6     sing N N 102 
DG  C5    C4     doub Y N 103 
DG  C6    O6     doub N N 104 
DG  C6    N1     sing N N 105 
DG  N1    C2     sing N N 106 
DG  N1    H1     sing N N 107 
DG  C2    N2     sing N N 108 
DG  C2    N3     doub N N 109 
DG  N2    H21    sing N N 110 
DG  N2    H22    sing N N 111 
DG  N3    C4     sing N N 112 
DT  OP3   P      sing N N 113 
DT  OP3   HOP3   sing N N 114 
DT  P     OP1    doub N N 115 
DT  P     OP2    sing N N 116 
DT  P     "O5'"  sing N N 117 
DT  OP2   HOP2   sing N N 118 
DT  "O5'" "C5'"  sing N N 119 
DT  "C5'" "C4'"  sing N N 120 
DT  "C5'" "H5'"  sing N N 121 
DT  "C5'" "H5''" sing N N 122 
DT  "C4'" "O4'"  sing N N 123 
DT  "C4'" "C3'"  sing N N 124 
DT  "C4'" "H4'"  sing N N 125 
DT  "O4'" "C1'"  sing N N 126 
DT  "C3'" "O3'"  sing N N 127 
DT  "C3'" "C2'"  sing N N 128 
DT  "C3'" "H3'"  sing N N 129 
DT  "O3'" "HO3'" sing N N 130 
DT  "C2'" "C1'"  sing N N 131 
DT  "C2'" "H2'"  sing N N 132 
DT  "C2'" "H2''" sing N N 133 
DT  "C1'" N1     sing N N 134 
DT  "C1'" "H1'"  sing N N 135 
DT  N1    C2     sing N N 136 
DT  N1    C6     sing N N 137 
DT  C2    O2     doub N N 138 
DT  C2    N3     sing N N 139 
DT  N3    C4     sing N N 140 
DT  N3    H3     sing N N 141 
DT  C4    O4     doub N N 142 
DT  C4    C5     sing N N 143 
DT  C5    C7     sing N N 144 
DT  C5    C6     doub N N 145 
DT  C7    H71    sing N N 146 
DT  C7    H72    sing N N 147 
DT  C7    H73    sing N N 148 
DT  C6    H6     sing N N 149 
HOH O     H1     sing N N 150 
HOH O     H2     sing N N 151 
# 
_ndb_struct_conf_na.entry_id   431D 
_ndb_struct_conf_na.feature    'b-form double helix' 
# 
loop_
_ndb_struct_na_base_pair.model_number 
_ndb_struct_na_base_pair.i_label_asym_id 
_ndb_struct_na_base_pair.i_label_comp_id 
_ndb_struct_na_base_pair.i_label_seq_id 
_ndb_struct_na_base_pair.i_symmetry 
_ndb_struct_na_base_pair.j_label_asym_id 
_ndb_struct_na_base_pair.j_label_comp_id 
_ndb_struct_na_base_pair.j_label_seq_id 
_ndb_struct_na_base_pair.j_symmetry 
_ndb_struct_na_base_pair.shear 
_ndb_struct_na_base_pair.stretch 
_ndb_struct_na_base_pair.stagger 
_ndb_struct_na_base_pair.buckle 
_ndb_struct_na_base_pair.propeller 
_ndb_struct_na_base_pair.opening 
_ndb_struct_na_base_pair.pair_number 
_ndb_struct_na_base_pair.pair_name 
_ndb_struct_na_base_pair.i_auth_asym_id 
_ndb_struct_na_base_pair.i_auth_seq_id 
_ndb_struct_na_base_pair.i_PDB_ins_code 
_ndb_struct_na_base_pair.j_auth_asym_id 
_ndb_struct_na_base_pair.j_auth_seq_id 
_ndb_struct_na_base_pair.j_PDB_ins_code 
_ndb_struct_na_base_pair.hbond_type_28 
_ndb_struct_na_base_pair.hbond_type_12 
1 A DC 3  1_555 B DG 10 1_555 0.091  -0.127 -0.102 8.344   -13.362 -2.179 1 A_DC3:DG20_B  A 3  ? B 20 ? 19 1 
1 A DC 4  1_555 B DG 9  1_555 0.246  -0.017 -0.275 23.497  -5.825  -0.548 2 A_DC4:DG19_B  A 4  ? B 19 ? 19 1 
1 A DA 5  1_555 B DT 8  1_555 0.068  -0.115 0.056  5.882   -16.447 1.389  3 A_DA5:DT18_B  A 5  ? B 18 ? 20 1 
1 A DA 6  1_555 B DT 7  1_555 0.060  -0.083 0.156  2.881   -16.016 3.023  4 A_DA6:DT17_B  A 6  ? B 17 ? 20 1 
1 A DT 7  1_555 B DA 6  1_555 -0.021 -0.100 0.018  3.757   -15.532 3.825  5 A_DT7:DA16_B  A 7  ? B 16 ? 20 1 
1 A DT 8  1_555 B DA 5  1_555 0.017  -0.107 0.102  -0.009  -12.020 5.800  6 A_DT8:DA15_B  A 8  ? B 15 ? 20 1 
1 A DG 9  1_555 B DC 4  1_555 -0.288 -0.146 -0.089 -14.461 -7.268  -2.195 7 A_DG9:DC14_B  A 9  ? B 14 ? 19 1 
1 A DG 10 1_555 B DC 3  1_555 -0.192 -0.142 0.079  -6.683  -14.000 -4.868 8 A_DG10:DC13_B A 10 ? B 13 ? 19 1 
# 
loop_
_ndb_struct_na_base_pair_step.model_number 
_ndb_struct_na_base_pair_step.i_label_asym_id_1 
_ndb_struct_na_base_pair_step.i_label_comp_id_1 
_ndb_struct_na_base_pair_step.i_label_seq_id_1 
_ndb_struct_na_base_pair_step.i_symmetry_1 
_ndb_struct_na_base_pair_step.j_label_asym_id_1 
_ndb_struct_na_base_pair_step.j_label_comp_id_1 
_ndb_struct_na_base_pair_step.j_label_seq_id_1 
_ndb_struct_na_base_pair_step.j_symmetry_1 
_ndb_struct_na_base_pair_step.i_label_asym_id_2 
_ndb_struct_na_base_pair_step.i_label_comp_id_2 
_ndb_struct_na_base_pair_step.i_label_seq_id_2 
_ndb_struct_na_base_pair_step.i_symmetry_2 
_ndb_struct_na_base_pair_step.j_label_asym_id_2 
_ndb_struct_na_base_pair_step.j_label_comp_id_2 
_ndb_struct_na_base_pair_step.j_label_seq_id_2 
_ndb_struct_na_base_pair_step.j_symmetry_2 
_ndb_struct_na_base_pair_step.shift 
_ndb_struct_na_base_pair_step.slide 
_ndb_struct_na_base_pair_step.rise 
_ndb_struct_na_base_pair_step.tilt 
_ndb_struct_na_base_pair_step.roll 
_ndb_struct_na_base_pair_step.twist 
_ndb_struct_na_base_pair_step.x_displacement 
_ndb_struct_na_base_pair_step.y_displacement 
_ndb_struct_na_base_pair_step.helical_rise 
_ndb_struct_na_base_pair_step.inclination 
_ndb_struct_na_base_pair_step.tip 
_ndb_struct_na_base_pair_step.helical_twist 
_ndb_struct_na_base_pair_step.step_number 
_ndb_struct_na_base_pair_step.step_name 
_ndb_struct_na_base_pair_step.i_auth_asym_id_1 
_ndb_struct_na_base_pair_step.i_auth_seq_id_1 
_ndb_struct_na_base_pair_step.i_PDB_ins_code_1 
_ndb_struct_na_base_pair_step.j_auth_asym_id_1 
_ndb_struct_na_base_pair_step.j_auth_seq_id_1 
_ndb_struct_na_base_pair_step.j_PDB_ins_code_1 
_ndb_struct_na_base_pair_step.i_auth_asym_id_2 
_ndb_struct_na_base_pair_step.i_auth_seq_id_2 
_ndb_struct_na_base_pair_step.i_PDB_ins_code_2 
_ndb_struct_na_base_pair_step.j_auth_asym_id_2 
_ndb_struct_na_base_pair_step.j_auth_seq_id_2 
_ndb_struct_na_base_pair_step.j_PDB_ins_code_2 
1 A DC 3 1_555 B DG 10 1_555 A DC 4  1_555 B DG 9 1_555 0.721 0.352  3.032 7.409  12.417 24.122 -2.163 0.238  2.953 26.847 -16.019 
28.069 1 AA_DC3DC4:DG19DG20_BB  A 3 ? B 20 ? A 4  ? B 19 ? 
1 A DC 4 1_555 B DG 9  1_555 A DA 5  1_555 B DT 8 1_555 0.008 0.581  3.632 0.574  3.617  45.454 0.395  0.046  3.666 4.672  -0.742  
45.594 2 AA_DC4DA5:DT18DG19_BB  A 4 ? B 19 ? A 5  ? B 18 ? 
1 A DA 5 1_555 B DT 8  1_555 A DA 6  1_555 B DT 7 1_555 0.370 -0.249 3.290 -0.845 -2.410 37.485 -0.071 -0.686 3.290 -3.745 1.314   
37.569 3 AA_DA5DA6:DT17DT18_BB  A 5 ? B 18 ? A 6  ? B 17 ? 
1 A DA 6 1_555 B DT 7  1_555 A DT 7  1_555 B DA 6 1_555 0.275 -0.470 3.240 1.795  -2.830 30.721 -0.334 -0.169 3.279 -5.321 -3.375  
30.899 4 AA_DA6DT7:DA16DT17_BB  A 6 ? B 17 ? A 7  ? B 16 ? 
1 A DT 7 1_555 B DA 6  1_555 A DT 8  1_555 B DA 5 1_555 0.164 -0.432 3.386 1.710  -3.123 36.943 -0.245 -0.019 3.414 -4.914 -2.691  
37.108 5 AA_DT7DT8:DA15DA16_BB  A 7 ? B 16 ? A 8  ? B 15 ? 
1 A DT 8 1_555 B DA 5  1_555 A DG 9  1_555 B DC 4 1_555 0.013 -0.652 3.507 3.035  4.093  38.285 -1.522 0.378  3.413 6.207  -4.602  
38.610 6 AA_DT8DG9:DC14DA15_BB  A 8 ? B 15 ? A 9  ? B 14 ? 
1 A DG 9 1_555 B DC 4  1_555 A DG 10 1_555 B DC 3 1_555 0.015 -0.486 3.186 -3.936 9.162  30.443 -2.462 -0.706 2.897 16.888 7.256   
31.998 7 AA_DG9DG10:DC13DC14_BB A 9 ? B 14 ? A 10 ? B 13 ? 
# 
_pdbx_initial_refinement_model.accession_code   272D 
_pdbx_initial_refinement_model.id               1 
_pdbx_initial_refinement_model.entity_id_list   ? 
_pdbx_initial_refinement_model.type             'experimental model' 
_pdbx_initial_refinement_model.source_name      PDB 
_pdbx_initial_refinement_model.details          'UDJ049 USED AS STARTING MODEL FOR REFINEMENT' 
# 
_atom_sites.entry_id                    431D 
_atom_sites.fract_transf_matrix[1][1]   -0.03777334 
_atom_sites.fract_transf_matrix[1][2]   0.00530136 
_atom_sites.fract_transf_matrix[1][3]   -0.00351331 
_atom_sites.fract_transf_matrix[2][1]   0.00091305 
_atom_sites.fract_transf_matrix[2][2]   0.01936616 
_atom_sites.fract_transf_matrix[2][3]   0.01940561 
_atom_sites.fract_transf_matrix[3][1]   0.00309479 
_atom_sites.fract_transf_matrix[3][2]   0.01321473 
_atom_sites.fract_transf_matrix[3][3]   -0.01333348 
_atom_sites.fract_transf_vector[1]      0.348732 
_atom_sites.fract_transf_vector[2]      0.435952 
_atom_sites.fract_transf_vector[3]      0.309085 
# 
loop_
_atom_type.symbol 
C  
MG 
N  
O  
P  
# 
loop_
_atom_site.group_PDB 
_atom_site.id 
_atom_site.type_symbol 
_atom_site.label_atom_id 
_atom_site.label_alt_id 
_atom_site.label_comp_id 
_atom_site.label_asym_id 
_atom_site.label_entity_id 
_atom_site.label_seq_id 
_atom_site.pdbx_PDB_ins_code 
_atom_site.Cartn_x 
_atom_site.Cartn_y 
_atom_site.Cartn_z 
_atom_site.occupancy 
_atom_site.B_iso_or_equiv 
_atom_site.pdbx_formal_charge 
_atom_site.auth_seq_id 
_atom_site.auth_comp_id 
_atom_site.auth_asym_id 
_atom_site.auth_atom_id 
_atom_site.pdbx_PDB_model_num 
ATOM   1   O  "O5'" . DG  A 1 1  ? -15.990 -17.392 9.246   1.00 27.01 ? 1   DG  A "O5'" 1 
ATOM   2   C  "C5'" . DG  A 1 1  ? -15.160 -16.348 8.739   1.00 19.64 ? 1   DG  A "C5'" 1 
ATOM   3   C  "C4'" . DG  A 1 1  ? -14.239 -16.897 7.680   1.00 15.52 ? 1   DG  A "C4'" 1 
ATOM   4   O  "O4'" . DG  A 1 1  ? -15.035 -17.251 6.550   1.00 13.55 ? 1   DG  A "O4'" 1 
ATOM   5   C  "C3'" . DG  A 1 1  ? -13.173 -15.964 7.115   1.00 16.05 ? 1   DG  A "C3'" 1 
ATOM   6   O  "O3'" . DG  A 1 1  ? -11.931 -16.354 7.699   1.00 17.39 ? 1   DG  A "O3'" 1 
ATOM   7   C  "C2'" . DG  A 1 1  ? -13.163 -16.208 5.598   1.00 14.55 ? 1   DG  A "C2'" 1 
ATOM   8   C  "C1'" . DG  A 1 1  ? -14.119 -17.303 5.392   1.00 11.67 ? 1   DG  A "C1'" 1 
ATOM   9   N  N9    . DG  A 1 1  ? -15.028 -17.261 4.258   1.00 10.31 ? 1   DG  A N9    1 
ATOM   10  C  C8    . DG  A 1 1  ? -16.029 -16.385 3.976   1.00 10.91 ? 1   DG  A C8    1 
ATOM   11  N  N7    . DG  A 1 1  ? -16.676 -16.614 2.861   1.00 9.81  ? 1   DG  A N7    1 
ATOM   12  C  C5    . DG  A 1 1  ? -16.053 -17.727 2.364   1.00 9.19  ? 1   DG  A C5    1 
ATOM   13  C  C6    . DG  A 1 1  ? -16.283 -18.490 1.173   1.00 8.50  ? 1   DG  A C6    1 
ATOM   14  O  O6    . DG  A 1 1  ? -17.144 -18.279 0.304   1.00 9.46  ? 1   DG  A O6    1 
ATOM   15  N  N1    . DG  A 1 1  ? -15.426 -19.548 1.050   1.00 8.03  ? 1   DG  A N1    1 
ATOM   16  C  C2    . DG  A 1 1  ? -14.442 -19.879 1.947   1.00 7.96  ? 1   DG  A C2    1 
ATOM   17  N  N2    . DG  A 1 1  ? -13.665 -20.942 1.715   1.00 8.17  ? 1   DG  A N2    1 
ATOM   18  N  N3    . DG  A 1 1  ? -14.193 -19.211 3.053   1.00 7.85  ? 1   DG  A N3    1 
ATOM   19  C  C4    . DG  A 1 1  ? -15.030 -18.154 3.205   1.00 9.31  ? 1   DG  A C4    1 
ATOM   20  P  P     . DG  A 1 2  ? -10.722 -15.344 7.953   1.00 16.61 ? 2   DG  A P     1 
ATOM   21  O  OP1   . DG  A 1 2  ? -10.065 -15.851 9.159   1.00 21.26 ? 2   DG  A OP1   1 
ATOM   22  O  OP2   . DG  A 1 2  ? -11.271 -13.969 7.908   1.00 18.97 ? 2   DG  A OP2   1 
ATOM   23  O  "O5'" . DG  A 1 2  ? -9.799  -15.571 6.701   1.00 13.96 ? 2   DG  A "O5'" 1 
ATOM   24  C  "C5'" . DG  A 1 2  ? -9.073  -16.721 6.487   1.00 12.07 ? 2   DG  A "C5'" 1 
ATOM   25  C  "C4'" . DG  A 1 2  ? -8.513  -16.735 5.089   1.00 10.44 ? 2   DG  A "C4'" 1 
ATOM   26  O  "O4'" . DG  A 1 2  ? -9.633  -16.870 4.210   1.00 9.97  ? 2   DG  A "O4'" 1 
ATOM   27  C  "C3'" . DG  A 1 2  ? -7.771  -15.460 4.688   1.00 10.21 ? 2   DG  A "C3'" 1 
ATOM   28  O  "O3'" . DG  A 1 2  ? -6.711  -15.811 3.833   1.00 10.59 ? 2   DG  A "O3'" 1 
ATOM   29  C  "C2'" . DG  A 1 2  ? -8.855  -14.697 3.918   1.00 10.60 ? 2   DG  A "C2'" 1 
ATOM   30  C  "C1'" . DG  A 1 2  ? -9.528  -15.825 3.206   1.00 9.75  ? 2   DG  A "C1'" 1 
ATOM   31  N  N9    . DG  A 1 2  ? -10.815 -15.599 2.612   1.00 9.21  ? 2   DG  A N9    1 
ATOM   32  C  C8    . DG  A 1 2  ? -11.708 -14.599 2.877   1.00 9.12  ? 2   DG  A C8    1 
ATOM   33  N  N7    . DG  A 1 2  ? -12.775 -14.674 2.175   1.00 9.77  ? 2   DG  A N7    1 
ATOM   34  C  C5    . DG  A 1 2  ? -12.632 -15.789 1.368   1.00 9.21  ? 2   DG  A C5    1 
ATOM   35  C  C6    . DG  A 1 2  ? -13.470 -16.373 0.391   1.00 8.75  ? 2   DG  A C6    1 
ATOM   36  O  O6    . DG  A 1 2  ? -14.600 -16.006 0.003   1.00 9.88  ? 2   DG  A O6    1 
ATOM   37  N  N1    . DG  A 1 2  ? -12.885 -17.512 -0.171  1.00 7.80  ? 2   DG  A N1    1 
ATOM   38  C  C2    . DG  A 1 2  ? -11.651 -18.026 0.160   1.00 7.42  ? 2   DG  A C2    1 
ATOM   39  N  N2    . DG  A 1 2  ? -11.282 -19.119 -0.494  1.00 8.98  ? 2   DG  A N2    1 
ATOM   40  N  N3    . DG  A 1 2  ? -10.837 -17.494 1.081   1.00 8.23  ? 2   DG  A N3    1 
ATOM   41  C  C4    . DG  A 1 2  ? -11.404 -16.376 1.634   1.00 8.35  ? 2   DG  A C4    1 
ATOM   42  P  P     . DC  A 1 3  ? -5.222  -16.028 4.318   1.00 11.79 ? 3   DC  A P     1 
ATOM   43  O  OP1   . DC  A 1 3  ? -4.464  -16.305 3.060   1.00 13.77 ? 3   DC  A OP1   1 
ATOM   44  O  OP2   . DC  A 1 3  ? -5.200  -16.995 5.398   1.00 15.70 ? 3   DC  A OP2   1 
ATOM   45  O  "O5'" . DC  A 1 3  ? -4.799  -14.646 4.972   1.00 11.94 ? 3   DC  A "O5'" 1 
ATOM   46  C  "C5'" . DC  A 1 3  ? -4.814  -13.458 4.248   1.00 11.07 ? 3   DC  A "C5'" 1 
ATOM   47  C  "C4'" . DC  A 1 3  ? -5.389  -12.347 5.117   1.00 10.17 ? 3   DC  A "C4'" 1 
ATOM   48  O  "O4'" . DC  A 1 3  ? -4.503  -12.071 6.189   1.00 11.30 ? 3   DC  A "O4'" 1 
ATOM   49  C  "C3'" . DC  A 1 3  ? -5.600  -11.052 4.352   1.00 11.82 ? 3   DC  A "C3'" 1 
ATOM   50  O  "O3'" . DC  A 1 3  ? -6.908  -11.066 3.812   1.00 11.42 ? 3   DC  A "O3'" 1 
ATOM   51  C  "C2'" . DC  A 1 3  ? -5.419  -9.976  5.404   1.00 15.49 ? 3   DC  A "C2'" 1 
ATOM   52  C  "C1'" . DC  A 1 3  ? -4.697  -10.636 6.497   1.00 12.58 ? 3   DC  A "C1'" 1 
ATOM   53  N  N1    . DC  A 1 3  ? -3.374  -10.102 6.820   1.00 9.97  ? 3   DC  A N1    1 
ATOM   54  C  C2    . DC  A 1 3  ? -3.284  -9.249  7.883   1.00 8.29  ? 3   DC  A C2    1 
ATOM   55  O  O2    . DC  A 1 3  ? -4.270  -8.910  8.559   1.00 9.85  ? 3   DC  A O2    1 
ATOM   56  N  N3    . DC  A 1 3  ? -2.049  -8.737  8.215   1.00 8.35  ? 3   DC  A N3    1 
ATOM   57  C  C4    . DC  A 1 3  ? -0.971  -9.074  7.490   1.00 7.27  ? 3   DC  A C4    1 
ATOM   58  N  N4    . DC  A 1 3  ? 0.189   -8.562  7.827   1.00 7.67  ? 3   DC  A N4    1 
ATOM   59  C  C5    . DC  A 1 3  ? -1.066  -9.960  6.355   1.00 8.72  ? 3   DC  A C5    1 
ATOM   60  C  C6    . DC  A 1 3  ? -2.294  -10.453 6.079   1.00 8.96  ? 3   DC  A C6    1 
ATOM   61  P  P     . DC  A 1 4  ? -7.184  -10.377 2.402   1.00 11.79 ? 4   DC  A P     1 
ATOM   62  O  OP1   . DC  A 1 4  ? -8.524  -10.764 2.047   1.00 12.12 ? 4   DC  A OP1   1 
ATOM   63  O  OP2   . DC  A 1 4  ? -6.045  -10.651 1.524   1.00 16.84 ? 4   DC  A OP2   1 
ATOM   64  O  "O5'" . DC  A 1 4  ? -7.113  -8.813  2.772   1.00 11.21 ? 4   DC  A "O5'" 1 
ATOM   65  C  "C5'" . DC  A 1 4  ? -8.027  -8.237  3.671   1.00 11.92 ? 4   DC  A "C5'" 1 
ATOM   66  C  "C4'" . DC  A 1 4  ? -7.562  -6.834  4.014   1.00 12.92 ? 4   DC  A "C4'" 1 
ATOM   67  O  "O4'" . DC  A 1 4  ? -6.318  -6.972  4.731   1.00 12.78 ? 4   DC  A "O4'" 1 
ATOM   68  C  "C3'" . DC  A 1 4  ? -7.323  -5.937  2.810   1.00 14.36 ? 4   DC  A "C3'" 1 
ATOM   69  O  "O3'" . DC  A 1 4  ? -7.611  -4.589  3.175   1.00 15.69 ? 4   DC  A "O3'" 1 
ATOM   70  C  "C2'" . DC  A 1 4  ? -5.827  -6.065  2.577   1.00 13.48 ? 4   DC  A "C2'" 1 
ATOM   71  C  "C1'" . DC  A 1 4  ? -5.384  -6.092  4.028   1.00 11.81 ? 4   DC  A "C1'" 1 
ATOM   72  N  N1    . DC  A 1 4  ? -3.989  -6.378  4.269   1.00 11.34 ? 4   DC  A N1    1 
ATOM   73  C  C2    . DC  A 1 4  ? -3.371  -5.895  5.423   1.00 11.05 ? 4   DC  A C2    1 
ATOM   74  O  O2    . DC  A 1 4  ? -4.040  -5.241  6.218   1.00 12.17 ? 4   DC  A O2    1 
ATOM   75  N  N3    . DC  A 1 4  ? -2.070  -6.164  5.657   1.00 10.41 ? 4   DC  A N3    1 
ATOM   76  C  C4    . DC  A 1 4  ? -1.382  -6.877  4.791   1.00 11.58 ? 4   DC  A C4    1 
ATOM   77  N  N4    . DC  A 1 4  ? -0.100  -7.107  5.008   1.00 9.75  ? 4   DC  A N4    1 
ATOM   78  C  C5    . DC  A 1 4  ? -1.965  -7.425  3.566   1.00 13.00 ? 4   DC  A C5    1 
ATOM   79  C  C6    . DC  A 1 4  ? -3.255  -7.145  3.374   1.00 10.97 ? 4   DC  A C6    1 
ATOM   80  P  P     . DA  A 1 5  ? -8.858  -3.743  2.759   1.00 18.31 ? 5   DA  A P     1 
ATOM   81  O  OP1   . DA  A 1 5  ? -10.082 -4.477  3.165   1.00 23.60 ? 5   DA  A OP1   1 
ATOM   82  O  OP2   . DA  A 1 5  ? -8.673  -3.497  1.340   1.00 25.39 ? 5   DA  A OP2   1 
ATOM   83  O  "O5'" . DA  A 1 5  ? -8.672  -2.447  3.625   1.00 17.06 ? 5   DA  A "O5'" 1 
ATOM   84  C  "C5'" . DA  A 1 5  ? -8.858  -2.576  5.055   1.00 17.95 ? 5   DA  A "C5'" 1 
ATOM   85  C  "C4'" . DA  A 1 5  ? -7.984  -1.511  5.698   1.00 16.93 ? 5   DA  A "C4'" 1 
ATOM   86  O  "O4'" . DA  A 1 5  ? -6.637  -1.995  5.601   1.00 16.55 ? 5   DA  A "O4'" 1 
ATOM   87  C  "C3'" . DA  A 1 5  ? -7.998  -0.137  5.052   1.00 17.83 ? 5   DA  A "C3'" 1 
ATOM   88  O  "O3'" . DA  A 1 5  ? -7.998  0.841   6.105   1.00 17.83 ? 5   DA  A "O3'" 1 
ATOM   89  C  "C2'" . DA  A 1 5  ? -6.747  -0.139  4.187   1.00 16.61 ? 5   DA  A "C2'" 1 
ATOM   90  C  "C1'" . DA  A 1 5  ? -5.806  -0.949  4.983   1.00 15.89 ? 5   DA  A "C1'" 1 
ATOM   91  N  N9    . DA  A 1 5  ? -4.770  -1.742  4.349   1.00 14.35 ? 5   DA  A N9    1 
ATOM   92  C  C8    . DA  A 1 5  ? -4.916  -2.509  3.236   1.00 14.71 ? 5   DA  A C8    1 
ATOM   93  N  N7    . DA  A 1 5  ? -3.874  -3.141  2.828   1.00 13.81 ? 5   DA  A N7    1 
ATOM   94  C  C5    . DA  A 1 5  ? -2.904  -2.773  3.753   1.00 12.25 ? 5   DA  A C5    1 
ATOM   95  C  C6    . DA  A 1 5  ? -1.558  -3.121  3.867   1.00 10.56 ? 5   DA  A C6    1 
ATOM   96  N  N6    . DA  A 1 5  ? -0.918  -3.943  3.023   1.00 10.32 ? 5   DA  A N6    1 
ATOM   97  N  N1    . DA  A 1 5  ? -0.870  -2.576  4.914   1.00 9.58  ? 5   DA  A N1    1 
ATOM   98  C  C2    . DA  A 1 5  ? -1.494  -1.757  5.760   1.00 9.51  ? 5   DA  A C2    1 
ATOM   99  N  N3    . DA  A 1 5  ? -2.743  -1.379  5.732   1.00 11.49 ? 5   DA  A N3    1 
ATOM   100 C  C4    . DA  A 1 5  ? -3.430  -1.913  4.701   1.00 12.39 ? 5   DA  A C4    1 
ATOM   101 P  P     . DA  A 1 6  ? -7.906  2.409   5.981   1.00 19.98 ? 6   DA  A P     1 
ATOM   102 O  OP1   . DA  A 1 6  ? -8.586  3.078   7.087   1.00 21.78 ? 6   DA  A OP1   1 
ATOM   103 O  OP2   . DA  A 1 6  ? -8.315  2.687   4.575   1.00 19.80 ? 6   DA  A OP2   1 
ATOM   104 O  "O5'" . DA  A 1 6  ? -6.368  2.757   6.025   1.00 18.40 ? 6   DA  A "O5'" 1 
ATOM   105 C  "C5'" . DA  A 1 6  ? -5.667  2.457   7.226   1.00 19.06 ? 6   DA  A "C5'" 1 
ATOM   106 C  "C4'" . DA  A 1 6  ? -4.203  2.865   7.015   1.00 16.91 ? 6   DA  A "C4'" 1 
ATOM   107 O  "O4'" . DA  A 1 6  ? -3.630  1.896   6.123   1.00 15.80 ? 6   DA  A "O4'" 1 
ATOM   108 C  "C3'" . DA  A 1 6  ? -3.974  4.237   6.408   1.00 17.31 ? 6   DA  A "C3'" 1 
ATOM   109 O  "O3'" . DA  A 1 6  ? -3.086  4.945   7.277   1.00 17.96 ? 6   DA  A "O3'" 1 
ATOM   110 C  "C2'" . DA  A 1 6  ? -3.332  3.975   5.060   1.00 13.66 ? 6   DA  A "C2'" 1 
ATOM   111 C  "C1'" . DA  A 1 6  ? -2.678  2.647   5.281   1.00 13.09 ? 6   DA  A "C1'" 1 
ATOM   112 N  N9    . DA  A 1 6  ? -2.507  1.751   4.135   1.00 11.04 ? 6   DA  A N9    1 
ATOM   113 C  C8    . DA  A 1 6  ? -3.456  1.451   3.209   1.00 12.81 ? 6   DA  A C8    1 
ATOM   114 N  N7    . DA  A 1 6  ? -3.045  0.616   2.274   1.00 11.53 ? 6   DA  A N7    1 
ATOM   115 C  C5    . DA  A 1 6  ? -1.719  0.350   2.623   1.00 9.73  ? 6   DA  A C5    1 
ATOM   116 C  C6    . DA  A 1 6  ? -0.742  -0.458  2.030   1.00 9.81  ? 6   DA  A C6    1 
ATOM   117 N  N6    . DA  A 1 6  ? -0.889  -1.202  0.925   1.00 9.59  ? 6   DA  A N6    1 
ATOM   118 N  N1    . DA  A 1 6  ? 0.459   -0.467  2.663   1.00 9.17  ? 6   DA  A N1    1 
ATOM   119 C  C2    . DA  A 1 6  ? 0.658   0.239   3.749   1.00 9.44  ? 6   DA  A C2    1 
ATOM   120 N  N3    . DA  A 1 6  ? -0.212  1.047   4.396   1.00 9.63  ? 6   DA  A N3    1 
ATOM   121 C  C4    . DA  A 1 6  ? -1.374  1.040   3.761   1.00 9.56  ? 6   DA  A C4    1 
ATOM   122 P  P     . DT  A 1 7  ? -2.730  6.465   7.206   1.00 19.62 ? 7   DT  A P     1 
ATOM   123 O  OP1   . DT  A 1 7  ? -1.901  6.813   8.420   1.00 24.04 ? 7   DT  A OP1   1 
ATOM   124 O  OP2   . DT  A 1 7  ? -3.941  7.216   7.011   1.00 26.11 ? 7   DT  A OP2   1 
ATOM   125 O  "O5'" . DT  A 1 7  ? -1.739  6.507   5.994   1.00 19.25 ? 7   DT  A "O5'" 1 
ATOM   126 C  "C5'" . DT  A 1 7  ? -0.747  5.861   6.789   1.00 21.67 ? 7   DT  A "C5'" 1 
ATOM   127 C  "C4'" . DT  A 1 7  ? 0.511   5.498   6.059   1.00 18.16 ? 7   DT  A "C4'" 1 
ATOM   128 O  "O4'" . DT  A 1 7  ? 0.156   4.574   5.051   1.00 16.66 ? 7   DT  A "O4'" 1 
ATOM   129 C  "C3'" . DT  A 1 7  ? 1.457   6.535   5.465   1.00 13.01 ? 7   DT  A "C3'" 1 
ATOM   130 O  "O3'" . DT  A 1 7  ? 2.676   6.443   6.219   1.00 11.82 ? 7   DT  A "O3'" 1 
ATOM   131 C  "C2'" . DT  A 1 7  ? 1.670   6.078   4.037   1.00 11.01 ? 7   DT  A "C2'" 1 
ATOM   132 C  "C1'" . DT  A 1 7  ? 1.188   4.704   4.007   1.00 10.65 ? 7   DT  A "C1'" 1 
ATOM   133 N  N1    . DT  A 1 7  ? 0.583   4.100   2.855   1.00 9.51  ? 7   DT  A N1    1 
ATOM   134 C  C2    . DT  A 1 7  ? 1.330   3.137   2.181   1.00 8.96  ? 7   DT  A C2    1 
ATOM   135 O  O2    . DT  A 1 7  ? 2.463   2.807   2.523   1.00 9.87  ? 7   DT  A O2    1 
ATOM   136 N  N3    . DT  A 1 7  ? 0.697   2.620   1.106   1.00 8.48  ? 7   DT  A N3    1 
ATOM   137 C  C4    . DT  A 1 7  ? -0.553  2.895   0.622   1.00 9.40  ? 7   DT  A C4    1 
ATOM   138 O  O4    . DT  A 1 7  ? -0.955  2.305   -0.368  1.00 9.64  ? 7   DT  A O4    1 
ATOM   139 C  C5    . DT  A 1 7  ? -1.284  3.928   1.358   1.00 9.68  ? 7   DT  A C5    1 
ATOM   140 C  C7    . DT  A 1 7  ? -2.678  4.332   0.894   1.00 13.67 ? 7   DT  A C7    1 
ATOM   141 C  C6    . DT  A 1 7  ? -0.667  4.443   2.423   1.00 9.89  ? 7   DT  A C6    1 
ATOM   142 P  P     . DT  A 1 8  ? 3.974   7.315   6.137   1.00 11.05 ? 8   DT  A P     1 
ATOM   143 O  OP1   . DT  A 1 8  ? 4.691   7.147   7.405   1.00 11.93 ? 8   DT  A OP1   1 
ATOM   144 O  OP2   . DT  A 1 8  ? 3.642   8.696   5.690   1.00 15.35 ? 8   DT  A OP2   1 
ATOM   145 O  "O5'" . DT  A 1 8  ? 4.789   6.707   4.913   1.00 10.39 ? 8   DT  A "O5'" 1 
ATOM   146 C  "C5'" . DT  A 1 8  ? 5.356   5.444   5.054   1.00 10.01 ? 8   DT  A "C5'" 1 
ATOM   147 C  "C4'" . DT  A 1 8  ? 5.967   5.047   3.727   1.00 9.22  ? 8   DT  A "C4'" 1 
ATOM   148 O  "O4'" . DT  A 1 8  ? 4.999   4.778   2.739   1.00 8.96  ? 8   DT  A "O4'" 1 
ATOM   149 C  "C3'" . DT  A 1 8  ? 6.937   6.040   3.116   1.00 9.91  ? 8   DT  A "C3'" 1 
ATOM   150 O  "O3'" . DT  A 1 8  ? 8.177   5.372   2.962   1.00 12.14 ? 8   DT  A "O3'" 1 
ATOM   151 C  "C2'" . DT  A 1 8  ? 6.270   6.468   1.807   1.00 9.45  ? 8   DT  A "C2'" 1 
ATOM   152 C  "C1'" . DT  A 1 8  ? 5.518   5.262   1.430   1.00 8.36  ? 8   DT  A "C1'" 1 
ATOM   153 N  N1    . DT  A 1 8  ? 4.345   5.250   0.625   1.00 7.98  ? 8   DT  A N1    1 
ATOM   154 C  C2    . DT  A 1 8  ? 4.238   4.344   -0.395  1.00 6.91  ? 8   DT  A C2    1 
ATOM   155 O  O2    . DT  A 1 8  ? 5.125   3.539   -0.675  1.00 8.20  ? 8   DT  A O2    1 
ATOM   156 N  N3    . DT  A 1 8  ? 3.090   4.416   -1.107  1.00 7.07  ? 8   DT  A N3    1 
ATOM   157 C  C4    . DT  A 1 8  ? 2.034   5.252   -0.935  1.00 7.15  ? 8   DT  A C4    1 
ATOM   158 O  O4    . DT  A 1 8  ? 1.015   5.187   -1.641  1.00 8.22  ? 8   DT  A O4    1 
ATOM   159 C  C5    . DT  A 1 8  ? 2.178   6.183   0.149   1.00 6.74  ? 8   DT  A C5    1 
ATOM   160 C  C7    . DT  A 1 8  ? 1.067   7.186   0.421   1.00 8.47  ? 8   DT  A C7    1 
ATOM   161 C  C6    . DT  A 1 8  ? 3.306   6.173   0.872   1.00 8.49  ? 8   DT  A C6    1 
ATOM   162 P  P     . DG  A 1 9  ? 9.455   5.984   2.269   1.00 14.19 ? 9   DG  A P     1 
ATOM   163 O  OP1   . DG  A 1 9  ? 10.585  5.299   2.947   1.00 20.07 ? 9   DG  A OP1   1 
ATOM   164 O  OP2   . DG  A 1 9  ? 9.399   7.473   2.290   1.00 16.75 ? 9   DG  A OP2   1 
ATOM   165 O  "O5'" . DG  A 1 9  ? 9.351   5.562   0.756   1.00 11.36 ? 9   DG  A "O5'" 1 
ATOM   166 C  "C5'" . DG  A 1 9  ? 9.492   4.194   0.464   1.00 11.17 ? 9   DG  A "C5'" 1 
ATOM   167 C  "C4'" . DG  A 1 9  ? 9.529   4.022   -1.038  1.00 11.05 ? 9   DG  A "C4'" 1 
ATOM   168 O  "O4'" . DG  A 1 9  ? 8.188   4.185   -1.512  1.00 10.20 ? 9   DG  A "O4'" 1 
ATOM   169 C  "C3'" . DG  A 1 9  ? 10.406  4.968   -1.813  1.00 9.35  ? 9   DG  A "C3'" 1 
ATOM   170 O  "O3'" . DG  A 1 9  ? 11.339  4.216   -2.593  1.00 12.67 ? 9   DG  A "O3'" 1 
ATOM   171 C  "C2'" . DG  A 1 9  ? 9.435   5.788   -2.651  1.00 9.46  ? 9   DG  A "C2'" 1 
ATOM   172 C  "C1'" . DG  A 1 9  ? 8.294   4.873   -2.820  1.00 8.82  ? 9   DG  A "C1'" 1 
ATOM   173 N  N9    . DG  A 1 9  ? 6.959   5.410   -3.014  1.00 8.16  ? 9   DG  A N9    1 
ATOM   174 C  C8    . DG  A 1 9  ? 6.359   6.387   -2.256  1.00 8.57  ? 9   DG  A C8    1 
ATOM   175 N  N7    . DG  A 1 9  ? 5.143   6.656   -2.686  1.00 8.55  ? 9   DG  A N7    1 
ATOM   176 C  C5    . DG  A 1 9  ? 4.951   5.821   -3.759  1.00 7.78  ? 9   DG  A C5    1 
ATOM   177 C  C6    . DG  A 1 9  ? 3.802   5.688   -4.603  1.00 8.23  ? 9   DG  A C6    1 
ATOM   178 O  O6    . DG  A 1 9  ? 2.748   6.312   -4.524  1.00 8.83  ? 9   DG  A O6    1 
ATOM   179 N  N1    . DG  A 1 9  ? 4.013   4.719   -5.586  1.00 7.06  ? 9   DG  A N1    1 
ATOM   180 C  C2    . DG  A 1 9  ? 5.156   3.979   -5.744  1.00 7.13  ? 9   DG  A C2    1 
ATOM   181 N  N2    . DG  A 1 9  ? 5.146   3.102   -6.757  1.00 8.39  ? 9   DG  A N2    1 
ATOM   182 N  N3    . DG  A 1 9  ? 6.211   4.120   -4.942  1.00 8.11  ? 9   DG  A N3    1 
ATOM   183 C  C4    . DG  A 1 9  ? 6.043   5.037   -3.994  1.00 8.25  ? 9   DG  A C4    1 
ATOM   184 P  P     . DG  A 1 10 ? 12.433  4.842   -3.524  1.00 14.55 ? 10  DG  A P     1 
ATOM   185 O  OP1   . DG  A 1 10 ? 13.529  3.832   -3.616  1.00 20.68 ? 10  DG  A OP1   1 
ATOM   186 O  OP2   . DG  A 1 10 ? 12.757  6.221   -3.154  1.00 16.76 ? 10  DG  A OP2   1 
ATOM   187 O  "O5'" . DG  A 1 10 ? 11.751  4.945   -4.941  1.00 12.85 ? 10  DG  A "O5'" 1 
ATOM   188 C  "C5'" . DG  A 1 10 ? 11.443  3.754   -5.655  1.00 13.94 ? 10  DG  A "C5'" 1 
ATOM   189 C  "C4'" . DG  A 1 10 ? 10.623  4.142   -6.883  1.00 12.80 ? 10  DG  A "C4'" 1 
ATOM   190 O  "O4'" . DG  A 1 10 ? 9.384   4.718   -6.407  1.00 12.87 ? 10  DG  A "O4'" 1 
ATOM   191 C  "C3'" . DG  A 1 10 ? 11.286  5.212   -7.717  1.00 12.38 ? 10  DG  A "C3'" 1 
ATOM   192 O  "O3'" . DG  A 1 10 ? 11.797  4.664   -8.904  1.00 16.15 ? 10  DG  A "O3'" 1 
ATOM   193 C  "C2'" . DG  A 1 10 ? 10.232  6.254   -7.896  1.00 14.13 ? 10  DG  A "C2'" 1 
ATOM   194 C  "C1'" . DG  A 1 10 ? 8.949   5.564   -7.524  1.00 12.55 ? 10  DG  A "C1'" 1 
ATOM   195 N  N9    . DG  A 1 10 ? 7.878   6.404   -7.047  1.00 9.79  ? 10  DG  A N9    1 
ATOM   196 C  C8    . DG  A 1 10 ? 7.938   7.286   -5.950  1.00 8.25  ? 10  DG  A C8    1 
ATOM   197 N  N7    . DG  A 1 10 ? 6.782   7.882   -5.817  1.00 8.44  ? 10  DG  A N7    1 
ATOM   198 C  C5    . DG  A 1 10 ? 5.959   7.397   -6.819  1.00 7.62  ? 10  DG  A C5    1 
ATOM   199 C  C6    . DG  A 1 10 ? 4.622   7.702   -7.126  1.00 7.69  ? 10  DG  A C6    1 
ATOM   200 O  O6    . DG  A 1 10 ? 3.868   8.498   -6.545  1.00 9.52  ? 10  DG  A O6    1 
ATOM   201 N  N1    . DG  A 1 10 ? 4.172   6.989   -8.216  1.00 7.37  ? 10  DG  A N1    1 
ATOM   202 C  C2    . DG  A 1 10 ? 4.912   6.084   -8.937  1.00 8.49  ? 10  DG  A C2    1 
ATOM   203 N  N2    . DG  A 1 10 ? 4.259   5.512   -9.960  1.00 8.75  ? 10  DG  A N2    1 
ATOM   204 N  N3    . DG  A 1 10 ? 6.160   5.796   -8.654  1.00 8.76  ? 10  DG  A N3    1 
ATOM   205 C  C4    . DG  A 1 10 ? 6.616   6.481   -7.593  1.00 8.38  ? 10  DG  A C4    1 
ATOM   206 O  "O5'" . DG  B 1 1  ? -3.117  18.576  -5.949  1.00 28.12 ? 11  DG  B "O5'" 1 
ATOM   207 C  "C5'" . DG  B 1 1  ? -3.660  19.029  -7.174  1.00 25.52 ? 11  DG  B "C5'" 1 
ATOM   208 C  "C4'" . DG  B 1 1  ? -3.736  17.843  -8.131  1.00 20.70 ? 11  DG  B "C4'" 1 
ATOM   209 O  "O4'" . DG  B 1 1  ? -2.417  17.467  -8.554  1.00 18.11 ? 11  DG  B "O4'" 1 
ATOM   210 C  "C3'" . DG  B 1 1  ? -4.307  16.599  -7.459  1.00 17.35 ? 11  DG  B "C3'" 1 
ATOM   211 O  "O3'" . DG  B 1 1  ? -5.113  15.935  -8.391  1.00 18.21 ? 11  DG  B "O3'" 1 
ATOM   212 C  "C2'" . DG  B 1 1  ? -3.085  15.797  -7.080  1.00 15.53 ? 11  DG  B "C2'" 1 
ATOM   213 C  "C1'" . DG  B 1 1  ? -2.086  16.110  -8.077  1.00 13.25 ? 11  DG  B "C1'" 1 
ATOM   214 N  N9    . DG  B 1 1  ? -0.696  16.156  -7.643  1.00 11.12 ? 11  DG  B N9    1 
ATOM   215 C  C8    . DG  B 1 1  ? -0.207  16.743  -6.513  1.00 11.96 ? 11  DG  B C8    1 
ATOM   216 N  N7    . DG  B 1 1  ? 1.072   16.645  -6.353  1.00 11.37 ? 11  DG  B N7    1 
ATOM   217 C  C5    . DG  B 1 1  ? 1.476   15.953  -7.436  1.00 9.81  ? 11  DG  B C5    1 
ATOM   218 C  C6    . DG  B 1 1  ? 2.774   15.532  -7.826  1.00 9.09  ? 11  DG  B C6    1 
ATOM   219 O  O6    . DG  B 1 1  ? 3.841   15.711  -7.248  1.00 9.73  ? 11  DG  B O6    1 
ATOM   220 N  N1    . DG  B 1 1  ? 2.731   14.837  -9.025  1.00 7.79  ? 11  DG  B N1    1 
ATOM   221 C  C2    . DG  B 1 1  ? 1.631   14.566  -9.770  1.00 8.23  ? 11  DG  B C2    1 
ATOM   222 N  N2    . DG  B 1 1  ? 1.763   13.877  -10.918 1.00 7.75  ? 11  DG  B N2    1 
ATOM   223 N  N3    . DG  B 1 1  ? 0.405   14.946  -9.436  1.00 8.49  ? 11  DG  B N3    1 
ATOM   224 C  C4    . DG  B 1 1  ? 0.400   15.638  -8.251  1.00 9.52  ? 11  DG  B C4    1 
ATOM   225 P  P     . DG  B 1 2  ? -6.036  14.666  -8.075  1.00 14.55 ? 12  DG  B P     1 
ATOM   226 O  OP1   . DG  B 1 2  ? -7.284  14.896  -8.822  1.00 18.87 ? 12  DG  B OP1   1 
ATOM   227 O  OP2   . DG  B 1 2  ? -6.079  14.442  -6.615  1.00 20.09 ? 12  DG  B OP2   1 
ATOM   228 O  "O5'" . DG  B 1 2  ? -5.186  13.509  -8.755  1.00 14.23 ? 12  DG  B "O5'" 1 
ATOM   229 C  "C5'" . DG  B 1 2  ? -4.952  13.464  -10.147 1.00 12.32 ? 12  DG  B "C5'" 1 
ATOM   230 C  "C4'" . DG  B 1 2  ? -4.188  12.168  -10.459 1.00 10.95 ? 12  DG  B "C4'" 1 
ATOM   231 O  "O4'" . DG  B 1 2  ? -2.852  12.337  -9.933  1.00 10.18 ? 12  DG  B "O4'" 1 
ATOM   232 C  "C3'" . DG  B 1 2  ? -4.715  10.906  -9.790  1.00 10.60 ? 12  DG  B "C3'" 1 
ATOM   233 O  "O3'" . DG  B 1 2  ? -4.533  9.795   -10.686 1.00 10.74 ? 12  DG  B "O3'" 1 
ATOM   234 C  "C2'" . DG  B 1 2  ? -3.829  10.732  -8.577  1.00 10.40 ? 12  DG  B "C2'" 1 
ATOM   235 C  "C1'" . DG  B 1 2  ? -2.516  11.152  -9.112  1.00 9.15  ? 12  DG  B "C1'" 1 
ATOM   236 N  N9    . DG  B 1 2  ? -1.461  11.605  -8.244  1.00 8.54  ? 12  DG  B N9    1 
ATOM   237 C  C8    . DG  B 1 2  ? -1.552  12.309  -7.056  1.00 9.91  ? 12  DG  B C8    1 
ATOM   238 N  N7    . DG  B 1 2  ? -0.391  12.568  -6.508  1.00 8.77  ? 12  DG  B N7    1 
ATOM   239 C  C5    . DG  B 1 2  ? 0.527   11.999  -7.395  1.00 7.56  ? 12  DG  B C5    1 
ATOM   240 C  C6    . DG  B 1 2  ? 1.941   11.957  -7.340  1.00 7.55  ? 12  DG  B C6    1 
ATOM   241 O  O6    . DG  B 1 2  ? 2.703   12.426  -6.476  1.00 7.98  ? 12  DG  B O6    1 
ATOM   242 N  N1    . DG  B 1 2  ? 2.482   11.283  -8.440  1.00 7.04  ? 12  DG  B N1    1 
ATOM   243 C  C2    . DG  B 1 2  ? 1.741   10.725  -9.458  1.00 6.64  ? 12  DG  B C2    1 
ATOM   244 N  N2    . DG  B 1 2  ? 2.432   10.121  -10.429 1.00 7.71  ? 12  DG  B N2    1 
ATOM   245 N  N3    . DG  B 1 2  ? 0.412   10.759  -9.522  1.00 7.00  ? 12  DG  B N3    1 
ATOM   246 C  C4    . DG  B 1 2  ? -0.133  11.414  -8.450  1.00 6.92  ? 12  DG  B C4    1 
ATOM   247 P  P     . DC  B 1 3  ? -5.728  9.358   -11.652 1.00 11.09 ? 13  DC  B P     1 
ATOM   248 O  OP1   . DC  B 1 3  ? -5.910  10.367  -12.726 1.00 12.37 ? 13  DC  B OP1   1 
ATOM   249 O  OP2   . DC  B 1 3  ? -6.890  8.959   -10.882 1.00 13.11 ? 13  DC  B OP2   1 
ATOM   250 O  "O5'" . DC  B 1 3  ? -5.035  8.091   -12.335 1.00 11.13 ? 13  DC  B "O5'" 1 
ATOM   251 C  "C5'" . DC  B 1 3  ? -4.691  6.971   -11.512 1.00 11.64 ? 13  DC  B "C5'" 1 
ATOM   252 C  "C4'" . DC  B 1 3  ? -3.427  6.324   -12.007 1.00 9.52  ? 13  DC  B "C4'" 1 
ATOM   253 O  "O4'" . DC  B 1 3  ? -2.331  7.242   -11.719 1.00 9.56  ? 13  DC  B "O4'" 1 
ATOM   254 C  "C3'" . DC  B 1 3  ? -3.055  5.029   -11.305 1.00 9.32  ? 13  DC  B "C3'" 1 
ATOM   255 O  "O3'" . DC  B 1 3  ? -3.697  3.891   -11.869 1.00 11.24 ? 13  DC  B "O3'" 1 
ATOM   256 C  "C2'" . DC  B 1 3  ? -1.563  5.016   -11.511 1.00 9.66  ? 13  DC  B "C2'" 1 
ATOM   257 C  "C1'" . DC  B 1 3  ? -1.180  6.395   -11.333 1.00 9.88  ? 13  DC  B "C1'" 1 
ATOM   258 N  N1    . DC  B 1 3  ? -0.593  6.935   -10.123 1.00 8.45  ? 13  DC  B N1    1 
ATOM   259 C  C2    . DC  B 1 3  ? 0.764   6.844   -9.878  1.00 8.17  ? 13  DC  B C2    1 
ATOM   260 O  O2    . DC  B 1 3  ? 1.501   6.278   -10.703 1.00 9.10  ? 13  DC  B O2    1 
ATOM   261 N  N3    . DC  B 1 3  ? 1.289   7.351   -8.738  1.00 7.33  ? 13  DC  B N3    1 
ATOM   262 C  C4    . DC  B 1 3  ? 0.508   7.954   -7.845  1.00 8.16  ? 13  DC  B C4    1 
ATOM   263 N  N4    . DC  B 1 3  ? 1.002   8.494   -6.730  1.00 7.97  ? 13  DC  B N4    1 
ATOM   264 C  C5    . DC  B 1 3  ? -0.908  8.056   -8.050  1.00 9.08  ? 13  DC  B C5    1 
ATOM   265 C  C6    . DC  B 1 3  ? -1.405  7.530   -9.181  1.00 7.71  ? 13  DC  B C6    1 
ATOM   266 P  P     . DC  B 1 4  ? -3.885  2.552   -11.091 1.00 10.87 ? 14  DC  B P     1 
ATOM   267 O  OP1   . DC  B 1 4  ? -4.728  1.660   -11.918 1.00 14.68 ? 14  DC  B OP1   1 
ATOM   268 O  OP2   . DC  B 1 4  ? -4.306  2.800   -9.683  1.00 13.63 ? 14  DC  B OP2   1 
ATOM   269 O  "O5'" . DC  B 1 4  ? -2.405  1.942   -10.948 1.00 9.89  ? 14  DC  B "O5'" 1 
ATOM   270 C  "C5'" . DC  B 1 4  ? -1.670  1.568   -12.098 1.00 10.49 ? 14  DC  B "C5'" 1 
ATOM   271 C  "C4'" . DC  B 1 4  ? -0.315  1.002   -11.692 1.00 10.86 ? 14  DC  B "C4'" 1 
ATOM   272 O  "O4'" . DC  B 1 4  ? 0.378   2.035   -10.960 1.00 9.93  ? 14  DC  B "O4'" 1 
ATOM   273 C  "C3'" . DC  B 1 4  ? -0.427  -0.198  -10.771 1.00 11.09 ? 14  DC  B "C3'" 1 
ATOM   274 O  "O3'" . DC  B 1 4  ? 0.630   -1.095  -11.025 1.00 13.39 ? 14  DC  B "O3'" 1 
ATOM   275 C  "C2'" . DC  B 1 4  ? -0.302  0.440   -9.398  1.00 9.58  ? 14  DC  B "C2'" 1 
ATOM   276 C  "C1'" . DC  B 1 4  ? 0.679   1.554   -9.613  1.00 9.06  ? 14  DC  B "C1'" 1 
ATOM   277 N  N1    . DC  B 1 4  ? 0.564   2.616   -8.603  1.00 8.99  ? 14  DC  B N1    1 
ATOM   278 C  C2    . DC  B 1 4  ? 1.722   3.091   -7.974  1.00 8.27  ? 14  DC  B C2    1 
ATOM   279 O  O2    . DC  B 1 4  ? 2.805   2.603   -8.294  1.00 8.21  ? 14  DC  B O2    1 
ATOM   280 N  N3    . DC  B 1 4  ? 1.585   4.071   -7.057  1.00 7.62  ? 14  DC  B N3    1 
ATOM   281 C  C4    . DC  B 1 4  ? 0.391   4.564   -6.748  1.00 7.98  ? 14  DC  B C4    1 
ATOM   282 N  N4    . DC  B 1 4  ? 0.343   5.509   -5.813  1.00 8.57  ? 14  DC  B N4    1 
ATOM   283 C  C5    . DC  B 1 4  ? -0.807  4.094   -7.389  1.00 9.13  ? 14  DC  B C5    1 
ATOM   284 C  C6    . DC  B 1 4  ? -0.648  3.141   -8.292  1.00 9.46  ? 14  DC  B C6    1 
ATOM   285 P  P     . DA  B 1 5  ? 0.981   -2.383  -10.152 1.00 14.39 ? 15  DA  B P     1 
ATOM   286 O  OP1   . DA  B 1 5  ? 1.435   -3.398  -11.127 1.00 17.35 ? 15  DA  B OP1   1 
ATOM   287 O  OP2   . DA  B 1 5  ? -0.094  -2.690  -9.191  1.00 15.98 ? 15  DA  B OP2   1 
ATOM   288 O  "O5'" . DA  B 1 5  ? 2.267   -1.928  -9.319  1.00 13.66 ? 15  DA  B "O5'" 1 
ATOM   289 C  "C5'" . DA  B 1 5  ? 3.433   -1.477  -10.017 1.00 13.01 ? 15  DA  B "C5'" 1 
ATOM   290 C  "C4'" . DA  B 1 5  ? 4.616   -1.482  -9.051  1.00 12.32 ? 15  DA  B "C4'" 1 
ATOM   291 O  "O4'" . DA  B 1 5  ? 4.488   -0.442  -8.066  1.00 10.67 ? 15  DA  B "O4'" 1 
ATOM   292 C  "C3'" . DA  B 1 5  ? 4.811   -2.756  -8.255  1.00 12.05 ? 15  DA  B "C3'" 1 
ATOM   293 O  "O3'" . DA  B 1 5  ? 6.218   -2.925  -8.060  1.00 9.87  ? 15  DA  B "O3'" 1 
ATOM   294 C  "C2'" . DA  B 1 5  ? 4.061   -2.470  -6.948  1.00 10.43 ? 15  DA  B "C2'" 1 
ATOM   295 C  "C1'" . DA  B 1 5  ? 4.317   -1.041  -6.723  1.00 9.70  ? 15  DA  B "C1'" 1 
ATOM   296 N  N9    . DA  B 1 5  ? 3.276   -0.194  -6.139  1.00 8.52  ? 15  DA  B N9    1 
ATOM   297 C  C8    . DA  B 1 5  ? 1.976   -0.156  -6.549  1.00 9.00  ? 15  DA  B C8    1 
ATOM   298 N  N7    . DA  B 1 5  ? 1.224   0.680   -5.877  1.00 8.28  ? 15  DA  B N7    1 
ATOM   299 C  C5    . DA  B 1 5  ? 2.106   1.224   -4.967  1.00 7.74  ? 15  DA  B C5    1 
ATOM   300 C  C6    . DA  B 1 5  ? 1.927   2.197   -3.945  1.00 6.71  ? 15  DA  B C6    1 
ATOM   301 N  N6    . DA  B 1 5  ? 0.768   2.820   -3.659  1.00 7.66  ? 15  DA  B N6    1 
ATOM   302 N  N1    . DA  B 1 5  ? 3.014   2.521   -3.210  1.00 6.27  ? 15  DA  B N1    1 
ATOM   303 C  C2    . DA  B 1 5  ? 4.179   1.949   -3.442  1.00 6.96  ? 15  DA  B C2    1 
ATOM   304 N  N3    . DA  B 1 5  ? 4.463   1.024   -4.373  1.00 7.59  ? 15  DA  B N3    1 
ATOM   305 C  C4    . DA  B 1 5  ? 3.379   0.715   -5.092  1.00 7.88  ? 15  DA  B C4    1 
ATOM   306 P  P     . DA  B 1 6  ? 6.827   -4.045  -7.151  1.00 11.43 ? 16  DA  B P     1 
ATOM   307 O  OP1   . DA  B 1 6  ? 8.193   -4.326  -7.684  1.00 11.49 ? 16  DA  B OP1   1 
ATOM   308 O  OP2   . DA  B 1 6  ? 5.875   -5.149  -6.986  1.00 13.74 ? 16  DA  B OP2   1 
ATOM   309 O  "O5'" . DA  B 1 6  ? 6.958   -3.363  -5.713  1.00 12.22 ? 16  DA  B "O5'" 1 
ATOM   310 C  "C5'" . DA  B 1 6  ? 7.919   -2.319  -5.508  1.00 11.44 ? 16  DA  B "C5'" 1 
ATOM   311 C  "C4'" . DA  B 1 6  ? 7.880   -2.026  -4.031  1.00 11.31 ? 16  DA  B "C4'" 1 
ATOM   312 O  "O4'" . DA  B 1 6  ? 6.655   -1.373  -3.688  1.00 11.34 ? 16  DA  B "O4'" 1 
ATOM   313 C  "C3'" A DA  B 1 6  ? 7.863   -3.343  -3.214  0.61 11.18 ? 16  DA  B "C3'" 1 
ATOM   314 C  "C3'" B DA  B 1 6  ? 8.265   -2.999  -2.962  0.39 11.05 ? 16  DA  B "C3'" 1 
ATOM   315 O  "O3'" A DA  B 1 6  ? 8.998   -3.382  -2.411  0.61 10.58 ? 16  DA  B "O3'" 1 
ATOM   316 O  "O3'" B DA  B 1 6  ? 9.435   -2.587  -2.259  0.39 10.56 ? 16  DA  B "O3'" 1 
ATOM   317 C  "C2'" A DA  B 1 6  ? 6.618   -3.293  -2.364  0.61 10.40 ? 16  DA  B "C2'" 1 
ATOM   318 C  "C2'" B DA  B 1 6  ? 7.023   -3.056  -2.078  0.39 10.66 ? 16  DA  B "C2'" 1 
ATOM   319 C  "C1'" . DA  B 1 6  ? 6.256   -1.856  -2.340  1.00 11.12 ? 16  DA  B "C1'" 1 
ATOM   320 N  N9    . DA  B 1 6  ? 4.843   -1.599  -2.354  1.00 10.24 ? 16  DA  B N9    1 
ATOM   321 C  C8    . DA  B 1 6  ? 3.887   -2.180  -3.150  1.00 10.26 ? 16  DA  B C8    1 
ATOM   322 N  N7    . DA  B 1 6  ? 2.660   -1.815  -3.015  1.00 10.39 ? 16  DA  B N7    1 
ATOM   323 C  C5    . DA  B 1 6  ? 2.776   -0.861  -1.996  1.00 9.23  ? 16  DA  B C5    1 
ATOM   324 C  C6    . DA  B 1 6  ? 1.836   -0.050  -1.344  1.00 9.04  ? 16  DA  B C6    1 
ATOM   325 N  N6    . DA  B 1 6  ? 0.523   -0.074  -1.634  1.00 10.00 ? 16  DA  B N6    1 
ATOM   326 N  N1    . DA  B 1 6  ? 2.284   0.788   -0.380  1.00 8.04  ? 16  DA  B N1    1 
ATOM   327 C  C2    . DA  B 1 6  ? 3.581   0.797   -0.109  1.00 8.85  ? 16  DA  B C2    1 
ATOM   328 N  N3    . DA  B 1 6  ? 4.571   0.098   -0.638  1.00 8.69  ? 16  DA  B N3    1 
ATOM   329 C  C4    . DA  B 1 6  ? 4.089   -0.729  -1.600  1.00 8.86  ? 16  DA  B C4    1 
ATOM   330 P  P     A DT  B 1 7  ? 9.309   -4.356  -1.191  0.61 10.61 ? 17  DT  B P     1 
ATOM   331 P  P     B DT  B 1 7  ? 10.148  -3.495  -1.158  0.39 12.21 ? 17  DT  B P     1 
ATOM   332 O  OP1   A DT  B 1 7  ? 10.809  -4.426  -1.271  0.61 11.11 ? 17  DT  B OP1   1 
ATOM   333 O  OP1   B DT  B 1 7  ? 11.511  -3.052  -0.962  0.39 14.29 ? 17  DT  B OP1   1 
ATOM   334 O  OP2   A DT  B 1 7  ? 8.543   -5.567  -1.122  0.61 11.87 ? 17  DT  B OP2   1 
ATOM   335 O  OP2   B DT  B 1 7  ? 9.952   -4.909  -1.603  0.39 13.43 ? 17  DT  B OP2   1 
ATOM   336 O  "O5'" . DT  B 1 7  ? 9.102   -3.389  0.068   1.00 12.86 ? 17  DT  B "O5'" 1 
ATOM   337 C  "C5'" . DT  B 1 7  ? 9.344   -2.028  0.420   1.00 11.53 ? 17  DT  B "C5'" 1 
ATOM   338 C  "C4'" . DT  B 1 7  ? 8.502   -1.587  1.594   1.00 9.76  ? 17  DT  B "C4'" 1 
ATOM   339 O  "O4'" . DT  B 1 7  ? 7.146   -1.566  1.153   1.00 8.81  ? 17  DT  B "O4'" 1 
ATOM   340 C  "C3'" . DT  B 1 7  ? 8.566   -2.534  2.789   1.00 9.72  ? 17  DT  B "C3'" 1 
ATOM   341 O  "O3'" . DT  B 1 7  ? 9.171   -1.848  3.894   1.00 10.41 ? 17  DT  B "O3'" 1 
ATOM   342 C  "C2'" . DT  B 1 7  ? 7.139   -2.966  3.029   1.00 9.59  ? 17  DT  B "C2'" 1 
ATOM   343 C  "C1'" . DT  B 1 7  ? 6.335   -1.912  2.343   1.00 8.59  ? 17  DT  B "C1'" 1 
ATOM   344 N  N1    . DT  B 1 7  ? 5.039   -2.243  1.841   1.00 7.94  ? 17  DT  B N1    1 
ATOM   345 C  C2    . DT  B 1 7  ? 3.948   -1.552  2.272   1.00 7.67  ? 17  DT  B C2    1 
ATOM   346 O  O2    . DT  B 1 7  ? 3.989   -0.635  3.102   1.00 8.67  ? 17  DT  B O2    1 
ATOM   347 N  N3    . DT  B 1 7  ? 2.772   -1.954  1.734   1.00 7.75  ? 17  DT  B N3    1 
ATOM   348 C  C4    . DT  B 1 7  ? 2.515   -2.940  0.809   1.00 8.97  ? 17  DT  B C4    1 
ATOM   349 O  O4    . DT  B 1 7  ? 1.399   -3.144  0.421   1.00 10.14 ? 17  DT  B O4    1 
ATOM   350 C  C5    . DT  B 1 7  ? 3.716   -3.638  0.399   1.00 8.29  ? 17  DT  B C5    1 
ATOM   351 C  C7    . DT  B 1 7  ? 3.638   -4.773  -0.595  1.00 11.73 ? 17  DT  B C7    1 
ATOM   352 C  C6    . DT  B 1 7  ? 4.879   -3.255  0.930   1.00 8.18  ? 17  DT  B C6    1 
ATOM   353 P  P     . DT  B 1 8  ? 9.224   -2.398  5.374   1.00 11.03 ? 18  DT  B P     1 
ATOM   354 O  OP1   . DT  B 1 8  ? 10.425  -1.839  6.028   1.00 13.10 ? 18  DT  B OP1   1 
ATOM   355 O  OP2   . DT  B 1 8  ? 9.028   -3.857  5.435   1.00 12.93 ? 18  DT  B OP2   1 
ATOM   356 O  "O5'" . DT  B 1 8  ? 7.959   -1.706  6.044   1.00 10.20 ? 18  DT  B "O5'" 1 
ATOM   357 C  "C5'" . DT  B 1 8  ? 7.811   -0.304  5.996   1.00 9.81  ? 18  DT  B "C5'" 1 
ATOM   358 C  "C4'" . DT  B 1 8  ? 6.569   0.097   6.774   1.00 9.84  ? 18  DT  B "C4'" 1 
ATOM   359 O  "O4'" . DT  B 1 8  ? 5.397   -0.386  6.143   1.00 9.14  ? 18  DT  B "O4'" 1 
ATOM   360 C  "C3'" . DT  B 1 8  ? 6.547   -0.419  8.210   1.00 9.76  ? 18  DT  B "C3'" 1 
ATOM   361 O  "O3'" . DT  B 1 8  ? 6.106   0.631   9.075   1.00 10.49 ? 18  DT  B "O3'" 1 
ATOM   362 C  "C2'" . DT  B 1 8  ? 5.559   -1.585  8.155   1.00 9.39  ? 18  DT  B "C2'" 1 
ATOM   363 C  "C1'" . DT  B 1 8  ? 4.599   -1.183  7.103   1.00 8.71  ? 18  DT  B "C1'" 1 
ATOM   364 N  N1    . DT  B 1 8  ? 3.893   -2.096  6.270   1.00 8.05  ? 18  DT  B N1    1 
ATOM   365 C  C2    . DT  B 1 8  ? 2.530   -1.932  6.077   1.00 8.68  ? 18  DT  B C2    1 
ATOM   366 O  O2    . DT  B 1 8  ? 1.831   -1.061  6.590   1.00 9.40  ? 18  DT  B O2    1 
ATOM   367 N  N3    . DT  B 1 8  ? 1.964   -2.870  5.263   1.00 8.28  ? 18  DT  B N3    1 
ATOM   368 C  C4    . DT  B 1 8  ? 2.545   -3.928  4.605   1.00 8.94  ? 18  DT  B C4    1 
ATOM   369 O  O4    . DT  B 1 8  ? 1.880   -4.668  3.877   1.00 9.66  ? 18  DT  B O4    1 
ATOM   370 C  C5    . DT  B 1 8  ? 3.947   -4.059  4.842   1.00 8.72  ? 18  DT  B C5    1 
ATOM   371 C  C7    . DT  B 1 8  ? 4.678   -5.193  4.196   1.00 8.94  ? 18  DT  B C7    1 
ATOM   372 C  C6    . DT  B 1 8  ? 4.545   -3.155  5.651   1.00 8.66  ? 18  DT  B C6    1 
ATOM   373 P  P     . DG  B 1 9  ? 5.733   0.502   10.622  1.00 9.78  ? 19  DG  B P     1 
ATOM   374 O  OP1   . DG  B 1 9  ? 6.188   1.783   11.245  1.00 11.92 ? 19  DG  B OP1   1 
ATOM   375 O  OP2   . DG  B 1 9  ? 6.226   -0.751  11.212  1.00 10.16 ? 19  DG  B OP2   1 
ATOM   376 O  "O5'" . DG  B 1 9  ? 4.158   0.459   10.646  1.00 9.42  ? 19  DG  B "O5'" 1 
ATOM   377 C  "C5'" . DG  B 1 9  ? 3.364   1.539   10.156  1.00 10.46 ? 19  DG  B "C5'" 1 
ATOM   378 C  "C4'" . DG  B 1 9  ? 1.910   1.347   10.587  1.00 10.16 ? 19  DG  B "C4'" 1 
ATOM   379 O  "O4'" . DG  B 1 9  ? 1.287   0.305   9.878   1.00 10.46 ? 19  DG  B "O4'" 1 
ATOM   380 C  "C3'" . DG  B 1 9  ? 1.718   1.022   12.053  1.00 10.48 ? 19  DG  B "C3'" 1 
ATOM   381 O  "O3'" . DG  B 1 9  ? 0.590   1.743   12.561  1.00 11.04 ? 19  DG  B "O3'" 1 
ATOM   382 C  "C2'" . DG  B 1 9  ? 1.535   -0.490  12.058  1.00 9.37  ? 19  DG  B "C2'" 1 
ATOM   383 C  "C1'" . DG  B 1 9  ? 0.868   -0.805  10.802  1.00 9.39  ? 19  DG  B "C1'" 1 
ATOM   384 N  N9    . DG  B 1 9  ? 1.217   -1.946  9.994   1.00 7.66  ? 19  DG  B N9    1 
ATOM   385 C  C8    . DG  B 1 9  ? 2.486   -2.458  9.761   1.00 7.70  ? 19  DG  B C8    1 
ATOM   386 N  N7    . DG  B 1 9  ? 2.513   -3.494  8.991   1.00 7.57  ? 19  DG  B N7    1 
ATOM   387 C  C5    . DG  B 1 9  ? 1.202   -3.692  8.685   1.00 7.25  ? 19  DG  B C5    1 
ATOM   388 C  C6    . DG  B 1 9  ? 0.630   -4.695  7.866   1.00 7.25  ? 19  DG  B C6    1 
ATOM   389 O  O6    . DG  B 1 9  ? 1.226   -5.588  7.264   1.00 8.17  ? 19  DG  B O6    1 
ATOM   390 N  N1    . DG  B 1 9  ? -0.777  -4.578  7.789   1.00 8.43  ? 19  DG  B N1    1 
ATOM   391 C  C2    . DG  B 1 9  ? -1.513  -3.602  8.431   1.00 8.52  ? 19  DG  B C2    1 
ATOM   392 N  N2    . DG  B 1 9  ? -2.833  -3.689  8.213   1.00 9.14  ? 19  DG  B N2    1 
ATOM   393 N  N3    . DG  B 1 9  ? -0.973  -2.678  9.186   1.00 7.54  ? 19  DG  B N3    1 
ATOM   394 C  C4    . DG  B 1 9  ? 0.370   -2.770  9.276   1.00 7.44  ? 19  DG  B C4    1 
ATOM   395 P  P     . DG  B 1 10 ? 0.158   1.630   14.081  1.00 11.00 ? 20  DG  B P     1 
ATOM   396 O  OP1   . DG  B 1 10 ? -0.519  2.901   14.452  1.00 13.96 ? 20  DG  B OP1   1 
ATOM   397 O  OP2   . DG  B 1 10 ? 1.297   1.189   14.934  1.00 11.23 ? 20  DG  B OP2   1 
ATOM   398 O  "O5'" . DG  B 1 10 ? -0.901  0.456   14.071  1.00 11.49 ? 20  DG  B "O5'" 1 
ATOM   399 C  "C5'" . DG  B 1 10 ? -2.187  0.643   13.504  1.00 10.64 ? 20  DG  B "C5'" 1 
ATOM   400 C  "C4'" . DG  B 1 10 ? -3.001  -0.632  13.671  1.00 10.44 ? 20  DG  B "C4'" 1 
ATOM   401 O  "O4'" . DG  B 1 10 ? -2.496  -1.615  12.752  1.00 9.82  ? 20  DG  B "O4'" 1 
ATOM   402 C  "C3'" . DG  B 1 10 ? -2.993  -1.256  15.053  1.00 10.53 ? 20  DG  B "C3'" 1 
ATOM   403 O  "O3'" . DG  B 1 10 ? -4.311  -1.671  15.383  1.00 12.90 ? 20  DG  B "O3'" 1 
ATOM   404 C  "C2'" . DG  B 1 10 ? -2.083  -2.474  14.888  1.00 9.57  ? 20  DG  B "C2'" 1 
ATOM   405 C  "C1'" . DG  B 1 10 ? -2.413  -2.885  13.485  1.00 8.89  ? 20  DG  B "C1'" 1 
ATOM   406 N  N9    . DG  B 1 10 ? -1.451  -3.710  12.801  1.00 7.94  ? 20  DG  B N9    1 
ATOM   407 C  C8    . DG  B 1 10 ? -0.056  -3.671  12.887  1.00 8.18  ? 20  DG  B C8    1 
ATOM   408 N  N7    . DG  B 1 10 ? 0.528   -4.553  12.144  1.00 7.24  ? 20  DG  B N7    1 
ATOM   409 C  C5    . DG  B 1 10 ? -0.527  -5.221  11.525  1.00 6.63  ? 20  DG  B C5    1 
ATOM   410 C  C6    . DG  B 1 10 ? -0.522  -6.280  10.606  1.00 7.12  ? 20  DG  B C6    1 
ATOM   411 O  O6    . DG  B 1 10 ? 0.412   -6.883  10.115  1.00 7.79  ? 20  DG  B O6    1 
ATOM   412 N  N1    . DG  B 1 10 ? -1.818  -6.652  10.237  1.00 7.83  ? 20  DG  B N1    1 
ATOM   413 C  C2    . DG  B 1 10 ? -2.980  -6.076  10.697  1.00 7.63  ? 20  DG  B C2    1 
ATOM   414 N  N2    . DG  B 1 10 ? -4.118  -6.582  10.218  1.00 9.98  ? 20  DG  B N2    1 
ATOM   415 N  N3    . DG  B 1 10 ? -2.993  -5.089  11.551  1.00 7.98  ? 20  DG  B N3    1 
ATOM   416 C  C4    . DG  B 1 10 ? -1.733  -4.720  11.918  1.00 6.92  ? 20  DG  B C4    1 
HETATM 417 MG MG    . MG  C 2 .  ? -3.138  13.148  -14.953 1.00 11.20 ? 21  MG  B MG    1 
HETATM 418 MG MG    . MG  D 2 .  ? 11.755  -3.600  -6.955  1.00 14.69 ? 22  MG  B MG    1 
HETATM 419 O  O     . HOH E 3 .  ? 7.445   1.479   -4.481  1.00 9.75  ? 25  HOH A O     1 
HETATM 420 O  O     . HOH E 3 .  ? 6.921   1.562   0.058   1.00 9.62  ? 26  HOH A O     1 
HETATM 421 O  O     . HOH E 3 .  ? 7.261   1.668   2.809   1.00 10.85 ? 27  HOH A O     1 
HETATM 422 O  O     . HOH E 3 .  ? -8.472  -18.884 1.940   1.00 10.47 ? 32  HOH A O     1 
HETATM 423 O  O     . HOH E 3 .  ? 3.601   2.745   6.592   1.00 12.50 ? 34  HOH A O     1 
HETATM 424 O  O     . HOH E 3 .  ? 3.106   8.977   3.010   1.00 12.68 ? 39  HOH A O     1 
HETATM 425 O  O     . HOH E 3 .  ? -6.080  -17.874 1.095   1.00 14.41 ? 42  HOH A O     1 
HETATM 426 O  O     . HOH E 3 .  ? -9.274  -13.001 0.495   1.00 14.68 ? 44  HOH A O     1 
HETATM 427 O  O     . HOH E 3 .  ? -4.105  9.870   7.619   1.00 23.13 ? 45  HOH A O     1 
HETATM 428 O  O     . HOH E 3 .  ? -1.270  6.586   -2.245  1.00 14.50 ? 46  HOH A O     1 
HETATM 429 O  O     . HOH E 3 .  ? 4.236   4.549   8.512   1.00 13.84 ? 48  HOH A O     1 
HETATM 430 O  O     . HOH E 3 .  ? -2.479  8.020   -0.314  1.00 15.75 ? 64  HOH A O     1 
HETATM 431 O  O     . HOH E 3 .  ? 9.757   0.499   -5.561  1.00 20.78 ? 67  HOH A O     1 
HETATM 432 O  O     . HOH E 3 .  ? -18.541 -15.125 2.125   1.00 18.70 ? 68  HOH A O     1 
HETATM 433 O  O     . HOH E 3 .  ? -10.205 -9.028  0.882   1.00 25.33 ? 70  HOH A O     1 
HETATM 434 O  O     . HOH E 3 .  ? -6.186  3.288   2.644   1.00 18.20 ? 71  HOH A O     1 
HETATM 435 O  O     . HOH E 3 .  ? -1.604  8.091   2.310   1.00 19.47 ? 72  HOH A O     1 
HETATM 436 O  O     . HOH E 3 .  ? 11.719  6.298   -11.033 1.00 23.19 ? 73  HOH A O     1 
HETATM 437 O  O     . HOH E 3 .  ? 12.414  1.085   -3.898  1.00 20.36 ? 79  HOH A O     1 
HETATM 438 O  O     . HOH E 3 .  ? -5.397  -16.727 7.896   1.00 27.73 ? 81  HOH A O     1 
HETATM 439 O  O     . HOH E 3 .  ? 9.863   -0.048  -8.126  1.00 19.25 ? 85  HOH A O     1 
HETATM 440 O  O     . HOH E 3 .  ? -14.786 -12.851 2.991   1.00 21.16 ? 86  HOH A O     1 
HETATM 441 O  O     . HOH E 3 .  ? -10.439 -11.458 3.933   1.00 18.92 ? 87  HOH A O     1 
HETATM 442 O  O     . HOH E 3 .  ? -16.443 -14.068 0.666   1.00 23.91 ? 89  HOH A O     1 
HETATM 443 O  O     . HOH E 3 .  ? 4.671   4.071   -12.674 1.00 19.94 ? 92  HOH A O     1 
HETATM 444 O  O     . HOH E 3 .  ? 2.344   5.251   10.353  1.00 18.20 ? 93  HOH A O     1 
HETATM 445 O  O     . HOH E 3 .  ? -6.329  -4.292  7.558   1.00 25.46 ? 94  HOH A O     1 
HETATM 446 O  O     . HOH E 3 .  ? -3.529  -14.662 1.142   1.00 22.75 ? 96  HOH A O     1 
HETATM 447 O  O     . HOH E 3 .  ? -6.479  -7.328  7.545   1.00 28.07 ? 97  HOH A O     1 
HETATM 448 O  O     . HOH E 3 .  ? -4.982  6.823   -0.167  1.00 24.29 ? 101 HOH A O     1 
HETATM 449 O  O     . HOH E 3 .  ? -3.161  1.946   -1.774  1.00 22.81 ? 104 HOH A O     1 
HETATM 450 O  O     . HOH E 3 .  ? -5.254  -12.663 0.118   1.00 22.08 ? 105 HOH A O     1 
HETATM 451 O  O     . HOH E 3 .  ? 9.590   2.443   3.953   1.00 20.12 ? 106 HOH A O     1 
HETATM 452 O  O     . HOH E 3 .  ? -3.057  -1.623  -1.299  1.00 24.65 ? 110 HOH A O     1 
HETATM 453 O  O     . HOH E 3 .  ? 0.065   8.582   8.891   1.00 27.27 ? 111 HOH A O     1 
HETATM 454 O  O     . HOH E 3 .  ? -5.662  5.913   2.419   1.00 25.12 ? 114 HOH A O     1 
HETATM 455 O  O     . HOH E 3 .  ? 2.971   4.772   12.950  1.00 23.68 ? 115 HOH A O     1 
HETATM 456 O  O     . HOH E 3 .  ? -9.241  -8.736  7.553   1.00 41.00 ? 116 HOH A O     1 
HETATM 457 O  O     . HOH E 3 .  ? 14.161  -0.541  -5.392  1.00 26.05 ? 119 HOH A O     1 
HETATM 458 O  O     . HOH E 3 .  ? -3.378  -4.384  0.287   1.00 29.71 ? 121 HOH A O     1 
HETATM 459 O  O     . HOH E 3 .  ? -0.438  4.718   10.018  1.00 28.31 ? 129 HOH A O     1 
HETATM 460 O  O     . HOH E 3 .  ? -5.234  4.624   -1.413  1.00 35.25 ? 131 HOH A O     1 
HETATM 461 O  O     . HOH E 3 .  ? -4.802  -0.217  7.502   1.00 36.89 ? 132 HOH A O     1 
HETATM 462 O  O     . HOH E 3 .  ? -18.839 -16.205 0.084   1.00 29.93 ? 135 HOH A O     1 
HETATM 463 O  O     . HOH E 3 .  ? 2.225   7.291   13.141  1.00 33.85 ? 136 HOH A O     1 
HETATM 464 O  O     . HOH E 3 .  ? 2.025   7.965   16.290  1.00 40.42 ? 138 HOH A O     1 
HETATM 465 O  O     . HOH F 3 .  ? -0.677  12.453  -11.686 1.00 10.44 ? 23  HOH B O     1 
HETATM 466 O  O     . HOH F 3 .  ? 4.666   1.915   4.072   1.00 9.65  ? 24  HOH B O     1 
HETATM 467 O  O     . HOH F 3 .  ? -3.724  11.474  -13.944 1.00 11.81 ? 28  HOH B O     1 
HETATM 468 O  O     . HOH F 3 .  ? 2.943   13.734  -4.116  1.00 12.53 ? 29  HOH B O     1 
HETATM 469 O  O     . HOH F 3 .  ? 8.582   0.747   -2.029  1.00 13.20 ? 30  HOH B O     1 
HETATM 470 O  O     . HOH F 3 .  ? 5.364   -2.997  12.622  1.00 11.33 ? 31  HOH B O     1 
HETATM 471 O  O     . HOH F 3 .  ? 8.850   -5.669  -9.943  1.00 10.77 ? 33  HOH B O     1 
HETATM 472 O  O     . HOH F 3 .  ? 1.000   1.586   6.884   1.00 12.39 ? 35  HOH B O     1 
HETATM 473 O  O     . HOH F 3 .  ? 1.780   4.086   -12.349 1.00 12.37 ? 36  HOH B O     1 
HETATM 474 O  O     . HOH F 3 .  ? 1.599   -1.651  15.143  1.00 12.26 ? 37  HOH B O     1 
HETATM 475 O  O     . HOH F 3 .  ? -0.626  9.017   -4.400  1.00 13.73 ? 38  HOH B O     1 
HETATM 476 O  O     . HOH F 3 .  ? 0.014   13.587  -3.962  1.00 13.31 ? 40  HOH B O     1 
HETATM 477 O  O     . HOH F 3 .  ? 8.607   -5.352  7.738   1.00 14.50 ? 41  HOH B O     1 
HETATM 478 O  O     . HOH F 3 .  ? 2.150   -6.935  2.328   1.00 18.09 ? 43  HOH B O     1 
HETATM 479 O  O     . HOH F 3 .  ? -6.207  1.651   -14.248 1.00 19.21 ? 47  HOH B O     1 
HETATM 480 O  O     . HOH F 3 .  ? 4.324   1.750   -10.499 1.00 18.04 ? 49  HOH B O     1 
HETATM 481 O  O     . HOH F 3 .  ? 4.812   -5.379  -4.200  1.00 17.07 ? 50  HOH B O     1 
HETATM 482 O  O     . HOH F 3 .  ? 9.030   1.963   11.097  1.00 15.86 ? 51  HOH B O     1 
HETATM 483 O  O     . HOH F 3 .  ? 5.108   3.169   13.481  1.00 17.47 ? 52  HOH B O     1 
HETATM 484 O  O     . HOH F 3 .  ? -2.952  12.018  -16.613 1.00 13.87 ? 53  HOH B O     1 
HETATM 485 O  O     . HOH F 3 .  ? 12.692  -4.570  -8.475  1.00 12.00 ? 54  HOH B O     1 
HETATM 486 O  O     . HOH F 3 .  ? -2.560  14.805  -16.033 1.00 13.37 ? 55  HOH B O     1 
HETATM 487 O  O     . HOH F 3 .  ? -1.268  12.737  -14.338 1.00 11.09 ? 56  HOH B O     1 
HETATM 488 O  O     . HOH F 3 .  ? 10.374  -2.711  -8.272  1.00 13.97 ? 57  HOH B O     1 
HETATM 489 O  O     . HOH F 3 .  ? -5.177  13.496  -15.442 1.00 14.29 ? 58  HOH B O     1 
HETATM 490 O  O     . HOH F 3 .  ? 12.921  -4.471  -5.587  1.00 13.59 ? 59  HOH B O     1 
HETATM 491 O  O     . HOH F 3 .  ? -3.365  14.360  -13.312 1.00 13.18 ? 60  HOH B O     1 
HETATM 492 O  O     . HOH F 3 .  ? 10.330  -5.248  -6.280  1.00 18.70 ? 61  HOH B O     1 
HETATM 493 O  O     . HOH F 3 .  ? 13.075  -2.099  -7.503  1.00 22.37 ? 62  HOH B O     1 
HETATM 494 O  O     . HOH F 3 .  ? 10.962  -2.403  -5.278  1.00 16.94 ? 63  HOH B O     1 
HETATM 495 O  O     . HOH F 3 .  ? 11.245  0.243   -1.655  1.00 17.57 ? 65  HOH B O     1 
HETATM 496 O  O     . HOH F 3 .  ? 3.293   16.459  -4.218  1.00 22.70 ? 66  HOH B O     1 
HETATM 497 O  O     . HOH F 3 .  ? -4.327  12.942  -5.199  1.00 17.49 ? 69  HOH B O     1 
HETATM 498 O  O     . HOH F 3 .  ? 6.444   -6.781  -2.723  1.00 19.66 ? 74  HOH B O     1 
HETATM 499 O  O     . HOH F 3 .  ? 3.283   -6.056  -7.564  1.00 25.47 ? 75  HOH B O     1 
HETATM 500 O  O     . HOH F 3 .  ? -2.187  2.568   -4.486  1.00 28.16 ? 76  HOH B O     1 
HETATM 501 O  O     . HOH F 3 .  ? -1.609  0.550   -5.661  1.00 22.92 ? 77  HOH B O     1 
HETATM 502 O  O     . HOH F 3 .  ? 4.652   -7.699  1.497   1.00 23.69 ? 78  HOH B O     1 
HETATM 503 O  O     . HOH F 3 .  ? -4.480  4.558   -7.776  1.00 22.11 ? 80  HOH B O     1 
HETATM 504 O  O     . HOH F 3 .  ? -2.861  3.261   16.442  1.00 25.71 ? 82  HOH B O     1 
HETATM 505 O  O     . HOH F 3 .  ? 7.013   -5.997  1.365   1.00 17.68 ? 83  HOH B O     1 
HETATM 506 O  O     . HOH F 3 .  ? -1.222  1.906   8.685   1.00 29.48 ? 84  HOH B O     1 
HETATM 507 O  O     . HOH F 3 .  ? -7.167  2.370   -9.980  1.00 21.43 ? 88  HOH B O     1 
HETATM 508 O  O     . HOH F 3 .  ? 6.976   0.913   -8.099  1.00 19.94 ? 90  HOH B O     1 
HETATM 509 O  O     . HOH F 3 .  ? 9.954   1.649   8.744   1.00 24.57 ? 91  HOH B O     1 
HETATM 510 O  O     . HOH F 3 .  ? -3.707  0.608   -7.901  1.00 20.37 ? 95  HOH B O     1 
HETATM 511 O  O     . HOH F 3 .  ? -1.563  -9.234  0.637   1.00 28.10 ? 98  HOH B O     1 
HETATM 512 O  O     . HOH F 3 .  ? 8.446   -6.217  3.956   1.00 26.52 ? 99  HOH B O     1 
HETATM 513 O  O     . HOH F 3 .  ? 5.074   18.091  -6.061  1.00 28.52 ? 100 HOH B O     1 
HETATM 514 O  O     . HOH F 3 .  ? -4.487  7.211   -7.870  1.00 23.14 ? 102 HOH B O     1 
HETATM 515 O  O     . HOH F 3 .  ? 9.714   -7.920  -0.487  1.00 26.67 ? 103 HOH B O     1 
HETATM 516 O  O     . HOH F 3 .  ? 11.953  -2.443  -2.735  0.61 11.50 ? 107 HOH B O     1 
HETATM 517 O  O     . HOH F 3 .  ? -2.532  -0.200  9.135   1.00 31.83 ? 108 HOH B O     1 
HETATM 518 O  O     . HOH F 3 .  ? -5.808  15.845  -12.890 1.00 27.50 ? 109 HOH B O     1 
HETATM 519 O  O     . HOH F 3 .  ? 6.629   4.172   9.738   1.00 20.91 ? 112 HOH B O     1 
HETATM 520 O  O     . HOH F 3 .  ? -5.694  15.500  -16.975 1.00 29.97 ? 113 HOH B O     1 
HETATM 521 O  O     . HOH F 3 .  ? -6.705  16.677  -10.957 1.00 27.38 ? 117 HOH B O     1 
HETATM 522 O  O     . HOH F 3 .  ? -1.578  -1.445  -3.823  1.00 28.74 ? 118 HOH B O     1 
HETATM 523 O  O     . HOH F 3 .  ? 0.876   -4.164  -7.071  1.00 27.70 ? 120 HOH B O     1 
HETATM 524 O  O     . HOH F 3 .  ? 0.137   -4.534  -1.537  1.00 27.04 ? 122 HOH B O     1 
HETATM 525 O  O     . HOH F 3 .  ? 11.629  0.349   4.858   1.00 24.38 ? 123 HOH B O     1 
HETATM 526 O  O     . HOH F 3 .  ? 0.592   -7.440  0.314   1.00 29.97 ? 124 HOH B O     1 
HETATM 527 O  O     . HOH F 3 .  ? -2.306  6.412   -4.725  1.00 22.84 ? 125 HOH B O     1 
HETATM 528 O  O     . HOH F 3 .  ? 0.504   -3.016  -4.367  1.00 26.17 ? 126 HOH B O     1 
HETATM 529 O  O     . HOH F 3 .  ? -2.706  -2.178  -8.169  1.00 23.98 ? 127 HOH B O     1 
HETATM 530 O  O     . HOH F 3 .  ? -4.423  10.396  -4.100  1.00 25.38 ? 128 HOH B O     1 
HETATM 531 O  O     . HOH F 3 .  ? 2.477   -5.637  -10.435 1.00 30.05 ? 130 HOH B O     1 
HETATM 532 O  O     . HOH F 3 .  ? 1.775   -8.410  -10.785 1.00 33.78 ? 133 HOH B O     1 
HETATM 533 O  O     . HOH F 3 .  ? -1.197  15.794  -3.721  1.00 34.53 ? 134 HOH B O     1 
HETATM 534 O  O     . HOH F 3 .  ? 0.652   4.915   14.940  1.00 34.94 ? 137 HOH B O     1 
# 
loop_
_atom_site_anisotrop.id 
_atom_site_anisotrop.type_symbol 
_atom_site_anisotrop.pdbx_label_atom_id 
_atom_site_anisotrop.pdbx_label_alt_id 
_atom_site_anisotrop.pdbx_label_comp_id 
_atom_site_anisotrop.pdbx_label_asym_id 
_atom_site_anisotrop.pdbx_label_seq_id 
_atom_site_anisotrop.pdbx_PDB_ins_code 
_atom_site_anisotrop.U[1][1] 
_atom_site_anisotrop.U[2][2] 
_atom_site_anisotrop.U[3][3] 
_atom_site_anisotrop.U[1][2] 
_atom_site_anisotrop.U[1][3] 
_atom_site_anisotrop.U[2][3] 
_atom_site_anisotrop.pdbx_auth_seq_id 
_atom_site_anisotrop.pdbx_auth_comp_id 
_atom_site_anisotrop.pdbx_auth_asym_id 
_atom_site_anisotrop.pdbx_auth_atom_id 
1   O  "O5'" . DG  A 1  ? 0.2507 0.5525 0.1976 0.0142  0.0239  0.1841  1   DG  A "O5'" 
2   C  "C5'" . DG  A 1  ? 0.2503 0.3297 0.1477 0.0296  -0.0009 -0.0160 1   DG  A "C5'" 
3   C  "C4'" . DG  A 1  ? 0.1633 0.2741 0.1378 -0.0085 -0.0183 0.0021  1   DG  A "C4'" 
4   O  "O4'" . DG  A 1  ? 0.1816 0.1961 0.1245 -0.0160 -0.0135 0.0257  1   DG  A "O4'" 
5   C  "C3'" . DG  A 1  ? 0.2128 0.2158 0.1660 -0.0338 -0.0359 -0.0227 1   DG  A "C3'" 
6   O  "O3'" . DG  A 1  ? 0.1741 0.2646 0.2058 -0.0531 -0.0210 -0.0230 1   DG  A "O3'" 
7   C  "C2'" . DG  A 1  ? 0.1973 0.1775 0.1643 -0.0367 0.0044  -0.0072 1   DG  A "C2'" 
8   C  "C1'" . DG  A 1  ? 0.1481 0.1372 0.1472 0.0125  -0.0054 -0.0183 1   DG  A "C1'" 
9   N  N9    . DG  A 1  ? 0.1663 0.0941 0.1217 0.0181  0.0056  0.0002  1   DG  A N9    
10  C  C8    . DG  A 1  ? 0.1970 0.0954 0.1119 0.0317  0.0075  0.0121  1   DG  A C8    
11  N  N7    . DG  A 1  ? 0.2031 0.0817 0.0789 0.0354  0.0240  0.0397  1   DG  A N7    
12  C  C5    . DG  A 1  ? 0.1739 0.0676 0.0990 0.0221  0.0073  0.0314  1   DG  A C5    
13  C  C6    . DG  A 1  ? 0.1462 0.0870 0.0816 0.0219  0.0245  0.0344  1   DG  A C6    
14  O  O6    . DG  A 1  ? 0.1294 0.1140 0.1072 0.0262  0.0134  0.0225  1   DG  A O6    
15  N  N1    . DG  A 1  ? 0.1214 0.0914 0.0847 0.0137  0.0049  0.0113  1   DG  A N1    
16  C  C2    . DG  A 1  ? 0.1192 0.0984 0.0773 0.0157  0.0130  0.0110  1   DG  A C2    
17  N  N2    . DG  A 1  ? 0.1295 0.0797 0.0934 0.0132  0.0096  0.0201  1   DG  A N2    
18  N  N3    . DG  A 1  ? 0.1278 0.0767 0.0863 0.0031  -0.0011 0.0149  1   DG  A N3    
19  C  C4    . DG  A 1  ? 0.1709 0.0469 0.1271 0.0037  -0.0109 0.0188  1   DG  A C4    
20  P  P     . DG  A 2  ? 0.2013 0.2676 0.1468 -0.0710 0.0015  -0.0360 2   DG  A P     
21  O  OP1   . DG  A 2  ? 0.2066 0.4346 0.1468 -0.0321 -0.0213 -0.0478 2   DG  A OP1   
22  O  OP2   . DG  A 2  ? 0.2276 0.2657 0.2097 -0.0537 0.0679  -0.0716 2   DG  A OP2   
23  O  "O5'" . DG  A 2  ? 0.1671 0.2030 0.1470 -0.0317 -0.0190 -0.0355 2   DG  A "O5'" 
24  C  "C5'" . DG  A 2  ? 0.1548 0.1652 0.1271 -0.0414 -0.0435 0.0331  2   DG  A "C5'" 
25  C  "C4'" . DG  A 2  ? 0.1220 0.1188 0.1460 -0.0180 -0.0309 0.0086  2   DG  A "C4'" 
26  O  "O4'" . DG  A 2  ? 0.1577 0.0873 0.1243 -0.0184 -0.0419 -0.0030 2   DG  A "O4'" 
27  C  "C3'" . DG  A 2  ? 0.1343 0.1121 0.1320 -0.0215 -0.0096 -0.0076 2   DG  A "C3'" 
28  O  "O3'" . DG  A 2  ? 0.1301 0.1107 0.1515 -0.0055 -0.0094 -0.0161 2   DG  A "O3'" 
29  C  "C2'" . DG  A 2  ? 0.1367 0.0839 0.1724 -0.0138 -0.0168 -0.0111 2   DG  A "C2'" 
30  C  "C1'" . DG  A 2  ? 0.1404 0.0708 0.1501 0.0056  -0.0298 -0.0032 2   DG  A "C1'" 
31  N  N9    . DG  A 2  ? 0.1297 0.0793 0.1322 0.0084  -0.0142 0.0007  2   DG  A N9    
32  C  C8    . DG  A 2  ? 0.1306 0.0816 0.1258 0.0082  -0.0010 0.0080  2   DG  A C8    
33  N  N7    . DG  A 2  ? 0.1385 0.1003 0.1234 0.0227  -0.0104 0.0133  2   DG  A N7    
34  C  C5    . DG  A 2  ? 0.1375 0.1002 0.1037 0.0173  -0.0068 0.0168  2   DG  A C5    
35  C  C6    . DG  A 2  ? 0.1215 0.0927 0.1101 0.0041  -0.0042 0.0312  2   DG  A C6    
36  O  O6    . DG  A 2  ? 0.1317 0.1273 0.1073 0.0276  -0.0022 0.0385  2   DG  A O6    
37  N  N1    . DG  A 2  ? 0.1271 0.0906 0.0714 0.0077  -0.0143 0.0403  2   DG  A N1    
38  C  C2    . DG  A 2  ? 0.1166 0.0754 0.0830 -0.0037 -0.0102 0.0262  2   DG  A C2    
39  N  N2    . DG  A 2  ? 0.1499 0.0689 0.1140 0.0083  -0.0452 0.0153  2   DG  A N2    
40  N  N3    . DG  A 2  ? 0.1173 0.0640 0.1238 -0.0070 -0.0181 0.0120  2   DG  A N3    
41  C  C4    . DG  A 2  ? 0.1267 0.0786 0.1042 0.0036  -0.0076 0.0125  2   DG  A C4    
42  P  P     . DC  A 3  ? 0.1444 0.1170 0.1754 -0.0074 -0.0132 -0.0127 3   DC  A P     
43  O  OP1   . DC  A 3  ? 0.1235 0.1697 0.2169 0.0089  -0.0059 -0.0488 3   DC  A OP1   
44  O  OP2   . DC  A 3  ? 0.2091 0.1502 0.2223 -0.0350 -0.0819 0.0344  3   DC  A OP2   
45  O  "O5'" . DC  A 3  ? 0.1594 0.1239 0.1593 -0.0202 -0.0391 -0.0064 3   DC  A "O5'" 
46  C  "C5'" . DC  A 3  ? 0.1446 0.1143 0.1515 -0.0074 -0.0366 -0.0135 3   DC  A "C5'" 
47  C  "C4'" . DC  A 3  ? 0.0988 0.1206 0.1575 -0.0196 -0.0195 -0.0112 3   DC  A "C4'" 
48  O  "O4'" . DC  A 3  ? 0.1520 0.0992 0.1674 -0.0213 -0.0350 -0.0170 3   DC  A "O4'" 
49  C  "C3'" . DC  A 3  ? 0.1281 0.1176 0.1922 -0.0080 -0.0281 -0.0074 3   DC  A "C3'" 
50  O  "O3'" . DC  A 3  ? 0.1394 0.1193 0.1647 -0.0406 -0.0344 0.0221  3   DC  A "O3'" 
51  C  "C2'" . DC  A 3  ? 0.1872 0.1217 0.2652 0.0083  -0.0946 -0.0328 3   DC  A "C2'" 
52  C  "C1'" . DC  A 3  ? 0.1530 0.1076 0.2056 -0.0201 -0.0390 -0.0293 3   DC  A "C1'" 
53  N  N1    . DC  A 3  ? 0.1439 0.0902 0.1355 -0.0132 -0.0266 -0.0122 3   DC  A N1    
54  C  C2    . DC  A 3  ? 0.1154 0.0785 0.1133 -0.0175 -0.0054 0.0055  3   DC  A C2    
55  O  O2    . DC  A 3  ? 0.1143 0.1233 0.1275 -0.0439 0.0081  -0.0098 3   DC  A O2    
56  N  N3    . DC  A 3  ? 0.1143 0.0938 0.1013 -0.0252 0.0008  0.0020  3   DC  A N3    
57  C  C4    . DC  A 3  ? 0.1248 0.0740 0.0708 -0.0365 0.0134  0.0179  3   DC  A C4    
58  N  N4    . DC  A 3  ? 0.1233 0.0783 0.0828 -0.0259 0.0049  0.0020  3   DC  A N4    
59  C  C5    . DC  A 3  ? 0.1521 0.0827 0.0883 -0.0074 -0.0253 -0.0005 3   DC  A C5    
60  C  C6    . DC  A 3  ? 0.1628 0.1033 0.0657 -0.0198 -0.0228 0.0094  3   DC  A C6    
61  P  P     . DC  A 4  ? 0.1836 0.1121 0.1412 -0.0210 -0.0022 0.0164  4   DC  A P     
62  O  OP1   . DC  A 4  ? 0.1962 0.1281 0.1247 -0.0239 -0.0437 -0.0074 4   DC  A OP1   
63  O  OP2   . DC  A 4  ? 0.2212 0.2195 0.1833 0.0180  0.0327  -0.0206 4   DC  A OP2   
64  O  "O5'" . DC  A 4  ? 0.1378 0.1094 0.1683 -0.0357 0.0050  0.0153  4   DC  A "O5'" 
65  C  "C5'" . DC  A 4  ? 0.1250 0.1250 0.1917 -0.0272 -0.0007 -0.0005 4   DC  A "C5'" 
66  C  "C4'" . DC  A 4  ? 0.1544 0.1271 0.1974 -0.0122 -0.0341 -0.0095 4   DC  A "C4'" 
67  O  "O4'" . DC  A 4  ? 0.1390 0.1381 0.1962 -0.0184 -0.0259 -0.0029 4   DC  A "O4'" 
68  C  "C3'" . DC  A 4  ? 0.1699 0.1248 0.2373 -0.0302 -0.0535 0.0152  4   DC  A "C3'" 
69  O  "O3'" . DC  A 4  ? 0.1971 0.1328 0.2515 -0.0063 -0.0499 0.0117  4   DC  A "O3'" 
70  C  "C2'" . DC  A 4  ? 0.1656 0.1568 0.1772 -0.0349 -0.0458 -0.0090 4   DC  A "C2'" 
71  C  "C1'" . DC  A 4  ? 0.1545 0.1196 0.1637 -0.0034 -0.0245 0.0025  4   DC  A "C1'" 
72  N  N1    . DC  A 4  ? 0.1512 0.1337 0.1356 -0.0164 -0.0118 0.0148  4   DC  A N1    
73  C  C2    . DC  A 4  ? 0.1258 0.1084 0.1754 -0.0353 -0.0093 -0.0086 4   DC  A C2    
74  O  O2    . DC  A 4  ? 0.1184 0.1628 0.1700 -0.0265 -0.0112 -0.0260 4   DC  A O2    
75  N  N3    . DC  A 4  ? 0.1237 0.0972 0.1650 -0.0313 0.0034  0.0094  4   DC  A N3    
76  C  C4    . DC  A 4  ? 0.1469 0.1367 0.1455 -0.0031 -0.0252 -0.0120 4   DC  A C4    
77  N  N4    . DC  A 4  ? 0.1515 0.1118 0.0982 0.0068  -0.0228 -0.0005 4   DC  A N4    
78  C  C5    . DC  A 4  ? 0.1355 0.1884 0.1578 -0.0113 -0.0335 -0.0164 4   DC  A C5    
79  C  C6    . DC  A 4  ? 0.1358 0.1298 0.1408 -0.0175 -0.0220 0.0133  4   DC  A C6    
80  P  P     . DA  A 5  ? 0.2165 0.1627 0.2994 0.0084  -0.0575 0.0386  5   DA  A P     
81  O  OP1   . DA  A 5  ? 0.1870 0.2236 0.4638 -0.0251 -0.0998 0.0214  5   DA  A OP1   
82  O  OP2   . DA  A 5  ? 0.4618 0.2049 0.2740 0.0084  -0.1184 0.0425  5   DA  A OP2   
83  O  "O5'" . DA  A 5  ? 0.1694 0.1619 0.3007 -0.0022 0.0498  0.0235  5   DA  A "O5'" 
84  C  "C5'" . DA  A 5  ? 0.1464 0.2083 0.3105 -0.0187 0.0920  0.0122  5   DA  A "C5'" 
85  C  "C4'" . DA  A 5  ? 0.1429 0.1955 0.2891 0.0029  0.0628  0.0212  5   DA  A "C4'" 
86  O  "O4'" . DA  A 5  ? 0.1457 0.1772 0.2902 -0.0005 0.0771  0.0297  5   DA  A "O4'" 
87  C  "C3'" . DA  A 5  ? 0.1451 0.1913 0.3242 0.0095  0.0625  0.0292  5   DA  A "C3'" 
88  O  "O3'" . DA  A 5  ? 0.1576 0.1854 0.3176 0.0075  0.1079  0.0396  5   DA  A "O3'" 
89  C  "C2'" . DA  A 5  ? 0.1669 0.1520 0.2967 0.0191  0.0675  0.0166  5   DA  A "C2'" 
90  C  "C1'" . DA  A 5  ? 0.1501 0.1534 0.2856 -0.0006 0.0688  0.0266  5   DA  A "C1'" 
91  N  N9    . DA  A 5  ? 0.1537 0.1129 0.2651 -0.0072 0.0680  0.0404  5   DA  A N9    
92  C  C8    . DA  A 5  ? 0.1395 0.1466 0.2591 -0.0046 0.0547  0.0355  5   DA  A C8    
93  N  N7    . DA  A 5  ? 0.1258 0.1321 0.2541 -0.0193 0.0442  0.0208  5   DA  A N7    
94  C  C5    . DA  A 5  ? 0.1398 0.1050 0.2093 -0.0229 0.0555  0.0352  5   DA  A C5    
95  C  C6    . DA  A 5  ? 0.1452 0.0741 0.1721 -0.0184 0.0441  0.0305  5   DA  A C6    
96  N  N6    . DA  A 5  ? 0.1396 0.0979 0.1447 -0.0113 0.0220  0.0213  5   DA  A N6    
97  N  N1    . DA  A 5  ? 0.1647 0.0745 0.1158 0.0019  0.0552  0.0497  5   DA  A N1    
98  C  C2    . DA  A 5  ? 0.1763 0.0621 0.1141 0.0068  0.0690  0.0716  5   DA  A C2    
99  N  N3    . DA  A 5  ? 0.1790 0.0709 0.1761 0.0101  0.0765  0.0626  5   DA  A N3    
100 C  C4    . DA  A 5  ? 0.1547 0.0796 0.2247 -0.0115 0.0662  0.0506  5   DA  A C4    
101 P  P     . DA  A 6  ? 0.2009 0.1781 0.3613 0.0465  0.1093  0.0368  6   DA  A P     
102 O  OP1   . DA  A 6  ? 0.2339 0.2054 0.3678 -0.0034 0.1275  0.0021  6   DA  A OP1   
103 O  OP2   . DA  A 6  ? 0.2747 0.0969 0.3622 0.0030  0.0507  -0.0060 6   DA  A OP2   
104 O  "O5'" . DA  A 6  ? 0.2141 0.1189 0.3486 0.0250  0.0946  0.0192  6   DA  A "O5'" 
105 C  "C5'" . DA  A 6  ? 0.1991 0.1950 0.3119 0.0363  0.1261  0.0115  6   DA  A "C5'" 
106 C  "C4'" . DA  A 6  ? 0.2125 0.1618 0.2523 0.0197  0.1208  0.0075  6   DA  A "C4'" 
107 O  "O4'" . DA  A 6  ? 0.2127 0.1387 0.2341 0.0516  0.1178  0.0404  6   DA  A "O4'" 
108 C  "C3'" . DA  A 6  ? 0.2332 0.1447 0.2635 0.0298  0.0906  0.0005  6   DA  A "C3'" 
109 O  "O3'" . DA  A 6  ? 0.2689 0.1624 0.2343 0.0102  0.1171  -0.0123 6   DA  A "O3'" 
110 C  "C2'" . DA  A 6  ? 0.1555 0.1249 0.2257 0.0195  0.0500  0.0240  6   DA  A "C2'" 
111 C  "C1'" . DA  A 6  ? 0.1854 0.1375 0.1623 0.0298  0.0569  0.0348  6   DA  A "C1'" 
112 N  N9    . DA  A 6  ? 0.1358 0.1119 0.1615 0.0012  0.0473  0.0390  6   DA  A N9    
113 C  C8    . DA  A 6  ? 0.1214 0.2033 0.1500 0.0223  0.0572  0.0326  6   DA  A C8    
114 N  N7    . DA  A 6  ? 0.1223 0.1462 0.1588 0.0095  0.0301  0.0324  6   DA  A N7    
115 C  C5    . DA  A 6  ? 0.1251 0.1000 0.1355 0.0047  0.0338  0.0506  6   DA  A C5    
116 C  C6    . DA  A 6  ? 0.1263 0.1035 0.1336 0.0045  0.0178  0.0365  6   DA  A C6    
117 N  N6    . DA  A 6  ? 0.1166 0.1215 0.1171 -0.0086 0.0262  0.0378  6   DA  A N6    
118 N  N1    . DA  A 6  ? 0.1210 0.0957 0.1233 -0.0021 0.0257  0.0331  6   DA  A N1    
119 C  C2    . DA  A 6  ? 0.1295 0.0657 0.1547 -0.0173 0.0329  0.0136  6   DA  A C2    
120 N  N3    . DA  A 6  ? 0.1282 0.0955 0.1330 -0.0045 0.0494  0.0383  6   DA  A N3    
121 C  C4    . DA  A 6  ? 0.1385 0.1168 0.0989 0.0075  0.0438  0.0643  6   DA  A C4    
122 P  P     . DT  A 7  ? 0.2575 0.1689 0.3006 -0.0014 0.1304  -0.0416 7   DT  A P     
123 O  OP1   . DT  A 7  ? 0.4334 0.1794 0.2781 0.0218  0.0911  -0.0803 7   DT  A OP1   
124 O  OP2   . DT  A 7  ? 0.2896 0.1620 0.5160 0.0253  0.1237  -0.0162 7   DT  A OP2   
125 O  "O5'" . DT  A 7  ? 0.2107 0.2520 0.2509 -0.0771 0.0720  -0.0308 7   DT  A "O5'" 
126 C  "C5'" . DT  A 7  ? 0.2221 0.3388 0.2419 -0.0120 0.0674  -0.0752 7   DT  A "C5'" 
127 C  "C4'" . DT  A 7  ? 0.1948 0.3477 0.1303 -0.0588 0.0522  -0.0577 7   DT  A "C4'" 
128 O  "O4'" . DT  A 7  ? 0.1987 0.3052 0.1136 -0.0783 0.0492  -0.0218 7   DT  A "O4'" 
129 C  "C3'" . DT  A 7  ? 0.1993 0.1641 0.1188 0.0331  -0.0009 -0.0260 7   DT  A "C3'" 
130 O  "O3'" . DT  A 7  ? 0.1784 0.1535 0.1063 0.0037  0.0185  -0.0517 7   DT  A "O3'" 
131 C  "C2'" . DT  A 7  ? 0.1903 0.1141 0.1035 0.0074  0.0003  0.0040  7   DT  A "C2'" 
132 C  "C1'" . DT  A 7  ? 0.1600 0.1272 0.1074 -0.0065 0.0310  0.0066  7   DT  A "C1'" 
133 N  N1    . DT  A 7  ? 0.1486 0.0983 0.1057 -0.0101 0.0351  0.0140  7   DT  A N1    
134 C  C2    . DT  A 7  ? 0.1456 0.0911 0.0954 -0.0044 0.0364  0.0316  7   DT  A C2    
135 O  O2    . DT  A 7  ? 0.1494 0.1133 0.1031 -0.0030 0.0332  0.0309  7   DT  A O2    
136 N  N3    . DT  A 7  ? 0.1374 0.0705 0.1064 0.0084  0.0417  0.0167  7   DT  A N3    
137 C  C4    . DT  A 7  ? 0.1447 0.1140 0.0897 0.0123  0.0379  0.0219  7   DT  A C4    
138 O  O4    . DT  A 7  ? 0.1516 0.1060 0.0997 0.0019  0.0300  0.0206  7   DT  A O4    
139 C  C5    . DT  A 7  ? 0.1209 0.1043 0.1336 -0.0037 0.0389  0.0044  7   DT  A C5    
140 C  C7    . DT  A 7  ? 0.1584 0.1708 0.1771 0.0454  0.0045  -0.0019 7   DT  A C7    
141 C  C6    . DT  A 7  ? 0.1540 0.0961 0.1165 -0.0005 0.0310  0.0144  7   DT  A C6    
142 P  P     . DT  A 8  ? 0.2021 0.1005 0.1068 0.0122  0.0034  0.0046  8   DT  A P     
143 O  OP1   . DT  A 8  ? 0.1832 0.1423 0.1166 -0.0061 -0.0032 -0.0014 8   DT  A OP1   
144 O  OP2   . DT  A 8  ? 0.2951 0.1147 0.1589 0.0531  0.0079  0.0068  8   DT  A OP2   
145 O  "O5'" . DT  A 8  ? 0.1801 0.0914 0.1133 0.0033  0.0105  0.0109  8   DT  A "O5'" 
146 C  "C5'" . DT  A 8  ? 0.1624 0.1014 0.1071 0.0027  0.0059  0.0062  8   DT  A "C5'" 
147 C  "C4'" . DT  A 8  ? 0.1529 0.1023 0.0863 0.0048  -0.0103 0.0158  8   DT  A "C4'" 
148 O  "O4'" . DT  A 8  ? 0.1506 0.0765 0.1051 -0.0064 -0.0200 0.0280  8   DT  A "O4'" 
149 C  "C3'" . DT  A 8  ? 0.1359 0.1343 0.0967 -0.0084 -0.0138 0.0103  8   DT  A "C3'" 
150 O  "O3'" . DT  A 8  ? 0.1513 0.1976 0.1011 0.0269  -0.0082 0.0455  8   DT  A "O3'" 
151 C  "C2'" . DT  A 8  ? 0.1551 0.0817 0.1135 -0.0065 -0.0166 0.0315  8   DT  A "C2'" 
152 C  "C1'" . DT  A 8  ? 0.1210 0.1002 0.0889 0.0107  -0.0007 0.0019  8   DT  A "C1'" 
153 N  N1    . DT  A 8  ? 0.1158 0.1044 0.0754 0.0177  0.0075  0.0036  8   DT  A N1    
154 C  C2    . DT  A 8  ? 0.1135 0.0652 0.0776 -0.0019 0.0092  0.0218  8   DT  A C2    
155 O  O2    . DT  A 8  ? 0.1242 0.0953 0.0842 0.0150  0.0208  0.0137  8   DT  A O2    
156 N  N3    . DT  A 8  ? 0.1170 0.0716 0.0733 0.0042  0.0107  0.0087  8   DT  A N3    
157 C  C4    . DT  A 8  ? 0.1225 0.0678 0.0745 0.0108  0.0105  0.0162  8   DT  A C4    
158 O  O4    . DT  A 8  ? 0.1250 0.0796 0.0999 0.0068  -0.0047 -0.0126 8   DT  A O4    
159 C  C5    . DT  A 8  ? 0.1134 0.0694 0.0669 0.0052  0.0181  0.0142  8   DT  A C5    
160 C  C7    . DT  A 8  ? 0.1255 0.0915 0.0969 0.0251  0.0094  0.0050  8   DT  A C7    
161 C  C6    . DT  A 8  ? 0.1328 0.0953 0.0867 0.0248  0.0007  0.0123  8   DT  A C6    
162 P  P     . DG  A 9  ? 0.1273 0.2578 0.1409 -0.0043 -0.0231 0.0214  9   DG  A P     
163 O  OP1   . DG  A 9  ? 0.1601 0.4206 0.1630 0.0428  -0.0550 0.0394  9   DG  A OP1   
164 O  OP2   . DG  A 9  ? 0.1332 0.2607 0.2269 -0.0550 0.0187  -0.0101 9   DG  A OP2   
165 O  "O5'" . DG  A 9  ? 0.1357 0.1757 0.1098 0.0227  -0.0025 0.0814  9   DG  A "O5'" 
166 C  "C5'" . DG  A 9  ? 0.1039 0.1821 0.1277 0.0223  -0.0128 0.0677  9   DG  A "C5'" 
167 C  "C4'" . DG  A 9  ? 0.1133 0.1646 0.1317 -0.0009 -0.0140 0.0618  9   DG  A "C4'" 
168 O  "O4'" . DG  A 9  ? 0.1027 0.1527 0.1227 0.0017  -0.0078 0.0498  9   DG  A "O4'" 
169 C  "C3'" . DG  A 9  ? 0.1110 0.1190 0.1163 -0.0076 -0.0243 0.0387  9   DG  A "C3'" 
170 O  "O3'" . DG  A 9  ? 0.1228 0.1698 0.1767 0.0393  0.0148  0.0917  9   DG  A "O3'" 
171 C  "C2'" . DG  A 9  ? 0.0997 0.1021 0.1489 -0.0010 -0.0225 0.0325  9   DG  A "C2'" 
172 C  "C1'" . DG  A 9  ? 0.1042 0.0992 0.1235 0.0013  -0.0137 0.0317  9   DG  A "C1'" 
173 N  N9    . DG  A 9  ? 0.0974 0.0870 0.1180 -0.0036 -0.0097 0.0246  9   DG  A N9    
174 C  C8    . DG  A 9  ? 0.1189 0.0862 0.1126 0.0103  -0.0293 0.0257  9   DG  A C8    
175 N  N7    . DG  A 9  ? 0.1010 0.0860 0.1298 0.0039  -0.0168 0.0158  9   DG  A N7    
176 C  C5    . DG  A 9  ? 0.1122 0.0760 0.1003 0.0064  -0.0148 0.0343  9   DG  A C5    
177 C  C6    . DG  A 9  ? 0.1083 0.0873 0.1094 0.0054  -0.0112 0.0185  9   DG  A C6    
178 O  O6    . DG  A 9  ? 0.1195 0.0828 0.1251 0.0165  -0.0179 0.0136  9   DG  A O6    
179 N  N1    . DG  A 9  ? 0.1034 0.0749 0.0836 -0.0035 0.0062  0.0367  9   DG  A N1    
180 C  C2    . DG  A 9  ? 0.0892 0.0925 0.0825 -0.0123 0.0181  0.0354  9   DG  A C2    
181 N  N2    . DG  A 9  ? 0.0771 0.1076 0.1262 -0.0016 0.0045  0.0051  9   DG  A N2    
182 N  N3    . DG  A 9  ? 0.1013 0.0949 0.1043 -0.0019 0.0026  0.0242  9   DG  A N3    
183 C  C4    . DG  A 9  ? 0.0941 0.0928 0.1190 -0.0059 -0.0046 0.0153  9   DG  A C4    
184 P  P     . DG  A 10 ? 0.1283 0.2358 0.1750 0.0063  0.0141  0.0617  10  DG  A P     
185 O  OP1   . DG  A 10 ? 0.1298 0.4137 0.2228 0.0923  0.0156  0.0373  10  DG  A OP1   
186 O  OP2   . DG  A 10 ? 0.1943 0.2742 0.1524 -0.0842 -0.0116 0.0792  10  DG  A OP2   
187 O  "O5'" . DG  A 10 ? 0.1581 0.1620 0.1563 0.0100  0.0232  0.0494  10  DG  A "O5'" 
188 C  "C5'" . DG  A 10 ? 0.1574 0.1614 0.1977 0.0402  0.0258  0.0254  10  DG  A "C5'" 
189 C  "C4'" . DG  A 10 ? 0.1319 0.1376 0.2049 0.0219  0.0184  0.0034  10  DG  A "C4'" 
190 O  "O4'" . DG  A 10 ? 0.1418 0.1147 0.2203 0.0264  0.0309  0.0255  10  DG  A "O4'" 
191 C  "C3'" . DG  A 10 ? 0.1648 0.1380 0.1559 0.0220  0.0319  -0.0097 10  DG  A "C3'" 
192 O  "O3'" . DG  A 10 ? 0.2327 0.1971 0.1688 0.0195  0.0389  -0.0468 10  DG  A "O3'" 
193 C  "C2'" . DG  A 10 ? 0.1695 0.1874 0.1665 0.0413  0.0455  0.0389  10  DG  A "C2'" 
194 C  "C1'" . DG  A 10 ? 0.1573 0.1347 0.1730 0.0316  0.0073  -0.0037 10  DG  A "C1'" 
195 N  N9    . DG  A 10 ? 0.1314 0.1069 0.1245 0.0048  -0.0116 0.0013  10  DG  A N9    
196 C  C8    . DG  A 10 ? 0.1203 0.0937 0.0918 -0.0019 -0.0027 0.0295  10  DG  A C8    
197 N  N7    . DG  A 10 ? 0.1219 0.0956 0.0954 -0.0028 -0.0095 0.0201  10  DG  A N7    
198 C  C5    . DG  A 10 ? 0.1283 0.0814 0.0728 -0.0063 -0.0089 0.0370  10  DG  A C5    
199 C  C6    . DG  A 10 ? 0.1291 0.0896 0.0662 -0.0058 -0.0046 0.0251  10  DG  A C6    
200 O  O6    . DG  A 10 ? 0.1314 0.1037 0.1176 -0.0051 -0.0036 -0.0040 10  DG  A O6    
201 N  N1    . DG  A 10 ? 0.1270 0.0757 0.0703 -0.0249 -0.0003 0.0256  10  DG  A N1    
202 C  C2    . DG  A 10 ? 0.1409 0.0704 0.1034 -0.0099 -0.0039 0.0195  10  DG  A C2    
203 N  N2    . DG  A 10 ? 0.1422 0.1006 0.0812 0.0088  0.0071  0.0010  10  DG  A N2    
204 N  N3    . DG  A 10 ? 0.1449 0.0690 0.1108 -0.0079 -0.0093 0.0202  10  DG  A N3    
205 C  C4    . DG  A 10 ? 0.1357 0.0710 0.1037 -0.0073 -0.0085 0.0251  10  DG  A C4    
206 O  "O5'" . DG  B 1  ? 0.3415 0.2636 0.4369 0.0411  0.0364  -0.0715 11  DG  B "O5'" 
207 C  "C5'" . DG  B 1  ? 0.2815 0.1626 0.5014 0.0353  0.0143  -0.0382 11  DG  B "C5'" 
208 C  "C4'" . DG  B 1  ? 0.1730 0.1549 0.4393 0.0282  0.0104  -0.0089 11  DG  B "C4'" 
209 O  "O4'" . DG  B 1  ? 0.1485 0.1692 0.3532 0.0158  -0.0059 0.0384  11  DG  B "O4'" 
210 C  "C3'" . DG  B 1  ? 0.1365 0.1842 0.3221 0.0160  0.0103  -0.0263 11  DG  B "C3'" 
211 O  "O3'" . DG  B 1  ? 0.1608 0.1864 0.3277 0.0144  -0.0187 -0.0057 11  DG  B "O3'" 
212 C  "C2'" . DG  B 1  ? 0.1504 0.2149 0.2103 0.0291  0.0288  -0.0046 11  DG  B "C2'" 
213 C  "C1'" . DG  B 1  ? 0.1426 0.1663 0.1823 0.0235  0.0037  0.0040  11  DG  B "C1'" 
214 N  N9    . DG  B 1  ? 0.1475 0.1368 0.1279 0.0093  0.0153  -0.0018 11  DG  B N9    
215 C  C8    . DG  B 1  ? 0.1678 0.1579 0.1176 0.0242  0.0195  -0.0092 11  DG  B C8    
216 N  N7    . DG  B 1  ? 0.1614 0.1573 0.1027 0.0018  0.0250  -0.0198 11  DG  B N7    
217 C  C5    . DG  B 1  ? 0.1557 0.1104 0.0972 0.0314  -0.0114 -0.0130 11  DG  B C5    
218 C  C6    . DG  B 1  ? 0.1426 0.1268 0.0674 0.0168  -0.0036 0.0105  11  DG  B C6    
219 O  O6    . DG  B 1  ? 0.1531 0.1096 0.0980 0.0223  -0.0227 -0.0090 11  DG  B O6    
220 N  N1    . DG  B 1  ? 0.1302 0.0808 0.0776 0.0066  0.0001  0.0184  11  DG  B N1    
221 C  C2    . DG  B 1  ? 0.1313 0.0901 0.0838 -0.0038 -0.0013 0.0216  11  DG  B C2    
222 N  N2    . DG  B 1  ? 0.1239 0.0873 0.0758 -0.0086 0.0030  0.0326  11  DG  B N2    
223 N  N3    . DG  B 1  ? 0.1291 0.0831 0.1025 -0.0051 -0.0034 0.0139  11  DG  B N3    
224 C  C4    . DG  B 1  ? 0.1435 0.1068 0.1025 0.0243  -0.0069 0.0091  11  DG  B C4    
225 P  P     . DG  B 2  ? 0.1573 0.1559 0.2258 0.0338  -0.0077 -0.0288 12  DG  B P     
226 O  OP1   . DG  B 2  ? 0.1368 0.2467 0.3159 0.0446  -0.0277 -0.0895 12  DG  B OP1   
227 O  OP2   . DG  B 2  ? 0.2215 0.3082 0.2146 0.0436  0.0551  -0.0477 12  DG  B OP2   
228 O  "O5'" . DG  B 2  ? 0.1626 0.1910 0.1735 0.0500  0.0070  -0.0135 12  DG  B "O5'" 
229 C  "C5'" . DG  B 2  ? 0.1486 0.1481 0.1598 0.0332  -0.0336 0.0028  12  DG  B "C5'" 
230 C  "C4'" . DG  B 2  ? 0.1336 0.1377 0.1344 -0.0002 -0.0190 -0.0178 12  DG  B "C4'" 
231 O  "O4'" . DG  B 2  ? 0.1132 0.1462 0.1180 0.0073  -0.0021 -0.0015 12  DG  B "O4'" 
232 C  "C3'" . DG  B 2  ? 0.1115 0.1339 0.1473 0.0158  0.0036  -0.0167 12  DG  B "C3'" 
233 O  "O3'" . DG  B 2  ? 0.1200 0.1342 0.1439 0.0065  0.0004  -0.0190 12  DG  B "O3'" 
234 C  "C2'" . DG  B 2  ? 0.1109 0.1559 0.1187 0.0084  0.0241  -0.0113 12  DG  B "C2'" 
235 C  "C1'" . DG  B 2  ? 0.1128 0.1227 0.1036 0.0001  0.0169  -0.0116 12  DG  B "C1'" 
236 N  N9    . DG  B 2  ? 0.1170 0.0994 0.1001 0.0114  0.0127  -0.0089 12  DG  B N9    
237 C  C8    . DG  B 2  ? 0.1301 0.1365 0.1008 0.0135  0.0182  -0.0221 12  DG  B C8    
238 N  N7    . DG  B 2  ? 0.1362 0.1065 0.0823 0.0086  0.0180  -0.0042 12  DG  B N7    
239 C  C5    . DG  B 2  ? 0.1233 0.0909 0.0661 0.0039  0.0091  0.0092  12  DG  B C5    
240 C  C6    . DG  B 2  ? 0.1223 0.0924 0.0650 -0.0012 0.0071  0.0156  12  DG  B C6    
241 O  O6    . DG  B 2  ? 0.1356 0.0804 0.0797 0.0004  -0.0040 0.0017  12  DG  B O6    
242 N  N1    . DG  B 2  ? 0.1138 0.0873 0.0597 -0.0166 0.0111  0.0156  12  DG  B N1    
243 C  C2    . DG  B 2  ? 0.1088 0.0604 0.0770 -0.0152 0.0127  0.0102  12  DG  B C2    
244 N  N2    . DG  B 2  ? 0.1110 0.0895 0.0854 -0.0179 0.0144  -0.0072 12  DG  B N2    
245 N  N3    . DG  B 2  ? 0.1121 0.0783 0.0689 0.0011  0.0098  0.0063  12  DG  B N3    
246 C  C4    . DG  B 2  ? 0.1163 0.0732 0.0670 -0.0001 0.0155  0.0125  12  DG  B C4    
247 P  P     . DC  B 3  ? 0.1461 0.1313 0.1335 -0.0023 -0.0089 0.0122  13  DC  B P     
248 O  OP1   . DC  B 3  ? 0.1569 0.1373 0.1642 0.0214  -0.0087 0.0392  13  DC  B OP1   
249 O  OP2   . DC  B 3  ? 0.1399 0.1527 0.1931 -0.0279 0.0077  0.0153  13  DC  B OP2   
250 O  "O5'" . DC  B 3  ? 0.1603 0.1085 0.1437 0.0022  -0.0270 0.0118  13  DC  B "O5'" 
251 C  "C5'" . DC  B 3  ? 0.1523 0.1156 0.1634 -0.0072 -0.0143 0.0280  13  DC  B "C5'" 
252 C  "C4'" . DC  B 3  ? 0.1531 0.0927 0.1069 -0.0188 -0.0198 0.0195  13  DC  B "C4'" 
253 O  "O4'" . DC  B 3  ? 0.1518 0.1051 0.0974 -0.0203 -0.0188 0.0156  13  DC  B "O4'" 
254 C  "C3'" . DC  B 3  ? 0.1487 0.1002 0.0964 -0.0094 -0.0167 0.0106  13  DC  B "C3'" 
255 O  "O3'" . DC  B 3  ? 0.1708 0.0949 0.1508 -0.0277 -0.0336 0.0281  13  DC  B "O3'" 
256 C  "C2'" . DC  B 3  ? 0.1462 0.1058 0.1060 -0.0087 -0.0038 -0.0132 13  DC  B "C2'" 
257 C  "C1'" . DC  B 3  ? 0.1399 0.1099 0.1164 -0.0026 -0.0084 -0.0199 13  DC  B "C1'" 
258 N  N1    . DC  B 3  ? 0.1281 0.0929 0.0922 -0.0128 -0.0025 0.0075  13  DC  B N1    
259 C  C2    . DC  B 3  ? 0.1216 0.0941 0.0869 -0.0204 0.0091  0.0098  13  DC  B C2    
260 O  O2    . DC  B 3  ? 0.1259 0.1031 0.1080 -0.0166 -0.0009 -0.0195 13  DC  B O2    
261 N  N3    . DC  B 3  ? 0.1175 0.0810 0.0729 -0.0326 0.0139  0.0233  13  DC  B N3    
262 C  C4    . DC  B 3  ? 0.1242 0.1018 0.0763 -0.0122 0.0030  0.0191  13  DC  B C4    
263 N  N4    . DC  B 3  ? 0.1342 0.0745 0.0867 0.0090  -0.0082 0.0123  13  DC  B N4    
264 C  C5    . DC  B 3  ? 0.1203 0.1134 0.1028 -0.0167 0.0033  -0.0053 13  DC  B C5    
265 C  C6    . DC  B 3  ? 0.1188 0.0856 0.0813 -0.0133 0.0032  0.0257  13  DC  B C6    
266 P  P     . DC  B 4  ? 0.1315 0.1113 0.1600 -0.0186 -0.0324 0.0370  14  DC  B P     
267 O  OP1   . DC  B 4  ? 0.1709 0.1204 0.2526 -0.0471 -0.0924 0.0428  14  DC  B OP1   
268 O  OP2   . DC  B 4  ? 0.1677 0.1354 0.2019 -0.0466 0.0572  0.0284  14  DC  B OP2   
269 O  "O5'" . DC  B 4  ? 0.1382 0.1124 0.1160 -0.0043 -0.0357 -0.0006 14  DC  B "O5'" 
270 C  "C5'" . DC  B 4  ? 0.1562 0.0931 0.1394 -0.0205 -0.0244 -0.0172 14  DC  B "C5'" 
271 C  "C4'" . DC  B 4  ? 0.1690 0.0936 0.1398 0.0001  -0.0128 -0.0217 14  DC  B "C4'" 
272 O  "O4'" . DC  B 4  ? 0.1284 0.1008 0.1387 -0.0120 -0.0090 -0.0026 14  DC  B "O4'" 
273 C  "C3'" . DC  B 4  ? 0.1466 0.0874 0.1771 -0.0058 -0.0122 -0.0149 14  DC  B "C3'" 
274 O  "O3'" . DC  B 4  ? 0.1786 0.1193 0.1982 0.0264  0.0091  -0.0031 14  DC  B "O3'" 
275 C  "C2'" . DC  B 4  ? 0.1197 0.0821 0.1533 -0.0036 -0.0321 0.0095  14  DC  B "C2'" 
276 C  "C1'" . DC  B 4  ? 0.1070 0.0812 0.1474 -0.0009 -0.0150 0.0011  14  DC  B "C1'" 
277 N  N1    . DC  B 4  ? 0.1039 0.0906 0.1386 0.0029  -0.0119 -0.0038 14  DC  B N1    
278 C  C2    . DC  B 4  ? 0.1035 0.0910 0.1119 0.0017  -0.0005 0.0002  14  DC  B C2    
279 O  O2    . DC  B 4  ? 0.0978 0.0977 0.1089 -0.0111 0.0118  -0.0046 14  DC  B O2    
280 N  N3    . DC  B 4  ? 0.1022 0.0727 0.1076 -0.0148 0.0154  0.0114  14  DC  B N3    
281 C  C4    . DC  B 4  ? 0.1160 0.0775 0.1023 0.0112  -0.0112 0.0054  14  DC  B C4    
282 N  N4    . DC  B 4  ? 0.0935 0.0877 0.1364 0.0086  -0.0033 -0.0091 14  DC  B N4    
283 C  C5    . DC  B 4  ? 0.1056 0.1049 0.1279 0.0075  -0.0059 -0.0073 14  DC  B C5    
284 C  C6    . DC  B 4  ? 0.1046 0.0953 0.1506 -0.0064 -0.0134 -0.0140 14  DC  B C6    
285 P  P     . DA  B 5  ? 0.2184 0.1155 0.1993 0.0401  -0.0113 -0.0162 15  DA  B P     
286 O  OP1   . DA  B 5  ? 0.2943 0.1474 0.2013 0.0704  -0.0630 -0.0637 15  DA  B OP1   
287 O  OP2   . DA  B 5  ? 0.2537 0.1359 0.2024 -0.0183 -0.0109 0.0040  15  DA  B OP2   
288 O  "O5'" . DA  B 5  ? 0.2049 0.1713 0.1299 0.0481  0.0160  -0.0488 15  DA  B "O5'" 
289 C  "C5'" . DA  B 5  ? 0.1975 0.1626 0.1221 0.0597  0.0070  -0.0323 15  DA  B "C5'" 
290 C  "C4'" . DA  B 5  ? 0.1820 0.1724 0.1022 0.0804  0.0241  -0.0064 15  DA  B "C4'" 
291 O  "O4'" . DA  B 5  ? 0.1538 0.1257 0.1160 0.0184  0.0233  0.0034  15  DA  B "O4'" 
292 C  "C3'" . DA  B 5  ? 0.1777 0.1424 0.1264 0.0634  0.0290  -0.0213 15  DA  B "C3'" 
293 O  "O3'" . DA  B 5  ? 0.1748 0.0990 0.0920 0.0398  0.0253  0.0008  15  DA  B "O3'" 
294 C  "C2'" . DA  B 5  ? 0.1637 0.1021 0.1207 0.0510  0.0202  -0.0051 15  DA  B "C2'" 
295 C  "C1'" . DA  B 5  ? 0.1343 0.1196 0.1056 0.0086  0.0278  -0.0120 15  DA  B "C1'" 
296 N  N9    . DA  B 5  ? 0.1134 0.0763 0.1262 -0.0109 0.0250  -0.0102 15  DA  B N9    
297 C  C8    . DA  B 5  ? 0.1283 0.1029 0.1026 0.0027  0.0072  -0.0187 15  DA  B C8    
298 N  N7    . DA  B 5  ? 0.1221 0.0972 0.0875 0.0044  0.0102  0.0031  15  DA  B N7    
299 C  C5    . DA  B 5  ? 0.1089 0.0959 0.0818 -0.0142 0.0294  -0.0012 15  DA  B C5    
300 C  C6    . DA  B 5  ? 0.1172 0.0675 0.0640 0.0054  0.0128  0.0256  15  DA  B C6    
301 N  N6    . DA  B 5  ? 0.1142 0.0643 0.1052 0.0032  0.0157  0.0206  15  DA  B N6    
302 N  N1    . DA  B 5  ? 0.1063 0.0613 0.0649 0.0084  0.0191  0.0214  15  DA  B N1    
303 C  C2    . DA  B 5  ? 0.1204 0.0699 0.0675 0.0181  0.0263  0.0191  15  DA  B C2    
304 N  N3    . DA  B 5  ? 0.1188 0.0791 0.0834 0.0141  0.0219  0.0048  15  DA  B N3    
305 C  C4    . DA  B 5  ? 0.1139 0.0747 0.1033 -0.0078 0.0205  0.0053  15  DA  B C4    
306 P  P     . DA  B 6  ? 0.2164 0.0949 0.1122 0.0506  0.0259  0.0042  16  DA  B P     
307 O  OP1   . DA  B 6  ? 0.2010 0.1031 0.1218 0.0541  0.0089  -0.0090 16  DA  B OP1   
308 O  OP2   . DA  B 6  ? 0.2461 0.0848 0.1780 0.0383  0.0545  0.0144  16  DA  B OP2   
309 O  "O5'" . DA  B 6  ? 0.2210 0.1325 0.0995 0.0591  0.0158  0.0128  16  DA  B "O5'" 
310 C  "C5'" . DA  B 6  ? 0.1809 0.1518 0.0912 0.0703  0.0043  -0.0016 16  DA  B "C5'" 
311 C  "C4'" . DA  B 6  ? 0.1825 0.1489 0.0878 0.0704  0.0133  0.0144  16  DA  B "C4'" 
312 O  "O4'" . DA  B 6  ? 0.1777 0.1222 0.1202 0.0584  0.0352  0.0219  16  DA  B "O4'" 
313 C  "C3'" A DA  B 6  ? 0.1820 0.1297 0.1027 0.0625  -0.0054 0.0057  16  DA  B "C3'" 
314 C  "C3'" B DA  B 6  ? 0.1803 0.1304 0.0987 0.0521  0.0009  0.0130  16  DA  B "C3'" 
315 O  "O3'" A DA  B 6  ? 0.1666 0.1369 0.0886 0.0414  0.0067  0.0165  16  DA  B "O3'" 
316 O  "O3'" B DA  B 6  ? 0.1660 0.1430 0.0825 0.0558  0.0216  -0.0037 16  DA  B "O3'" 
317 C  "C2'" A DA  B 6  ? 0.1719 0.1218 0.0917 0.0370  -0.0170 0.0110  16  DA  B "C2'" 
318 C  "C2'" B DA  B 6  ? 0.1776 0.1201 0.0974 0.0291  -0.0031 0.0080  16  DA  B "C2'" 
319 C  "C1'" . DA  B 6  ? 0.2004 0.1304 0.0814 0.0560  0.0156  0.0034  16  DA  B "C1'" 
320 N  N9    . DA  B 6  ? 0.1897 0.1001 0.0896 0.0285  0.0292  0.0052  16  DA  B N9    
321 C  C8    . DA  B 6  ? 0.2059 0.0793 0.0950 0.0122  0.0308  0.0052  16  DA  B C8    
322 N  N7    . DA  B 6  ? 0.1900 0.0899 0.1051 -0.0269 0.0460  0.0036  16  DA  B N7    
323 C  C5    . DA  B 6  ? 0.1784 0.0737 0.0899 -0.0011 0.0337  0.0160  16  DA  B C5    
324 C  C6    . DA  B 6  ? 0.1680 0.0815 0.0853 -0.0153 0.0499  0.0238  16  DA  B C6    
325 N  N6    . DA  B 6  ? 0.1718 0.0972 0.1015 -0.0119 0.0320  0.0200  16  DA  B N6    
326 N  N1    . DA  B 6  ? 0.1536 0.0749 0.0695 0.0076  0.0371  0.0331  16  DA  B N1    
327 C  C2    . DA  B 6  ? 0.1565 0.0904 0.0810 0.0234  0.0331  0.0210  16  DA  B C2    
328 N  N3    . DA  B 6  ? 0.1529 0.0757 0.0934 0.0079  0.0412  0.0087  16  DA  B N3    
329 C  C4    . DA  B 6  ? 0.1791 0.0900 0.0593 0.0167  0.0322  0.0208  16  DA  B C4    
330 P  P     A DT  B 7  ? 0.1405 0.1391 0.1135 0.0380  0.0107  0.0310  17  DT  B P     
331 P  P     B DT  B 7  ? 0.1545 0.1814 0.1166 0.0616  0.0051  0.0042  17  DT  B P     
332 O  OP1   A DT  B 7  ? 0.1392 0.1680 0.1043 0.0326  -0.0112 -0.0055 17  DT  B OP1   
333 O  OP1   B DT  B 7  ? 0.1706 0.2671 0.0917 0.0511  -0.0038 -0.0574 17  DT  B OP1   
334 O  OP2   A DT  B 7  ? 0.1521 0.1615 0.1264 0.0276  0.0151  0.0466  17  DT  B OP2   
335 O  OP2   B DT  B 7  ? 0.1826 0.1631 0.1521 0.0748  0.0038  0.0166  17  DT  B OP2   
336 O  "O5'" . DT  B 7  ? 0.1932 0.1964 0.0868 0.0635  0.0056  0.0240  17  DT  B "O5'" 
337 C  "C5'" . DT  B 7  ? 0.1652 0.1936 0.0685 0.0479  0.0199  0.0255  17  DT  B "C5'" 
338 C  "C4'" . DT  B 7  ? 0.1231 0.1560 0.0824 0.0151  0.0197  0.0346  17  DT  B "C4'" 
339 O  "O4'" . DT  B 7  ? 0.1336 0.1091 0.0839 -0.0020 0.0055  0.0255  17  DT  B "O4'" 
340 C  "C3'" . DT  B 7  ? 0.1212 0.1612 0.0779 -0.0031 0.0074  0.0343  17  DT  B "C3'" 
341 O  "O3'" . DT  B 7  ? 0.1430 0.1593 0.0834 -0.0210 0.0093  0.0344  17  DT  B "O3'" 
342 C  "C2'" . DT  B 7  ? 0.1186 0.1443 0.0925 0.0065  0.0062  0.0343  17  DT  B "C2'" 
343 C  "C1'" . DT  B 7  ? 0.1221 0.1111 0.0854 -0.0028 0.0123  0.0127  17  DT  B "C1'" 
344 N  N1    . DT  B 7  ? 0.1239 0.0762 0.0943 0.0117  -0.0012 0.0140  17  DT  B N1    
345 C  C2    . DT  B 7  ? 0.1249 0.0842 0.0751 0.0100  0.0028  0.0201  17  DT  B C2    
346 O  O2    . DT  B 7  ? 0.1241 0.1007 0.0965 0.0033  0.0224  0.0016  17  DT  B O2    
347 N  N3    . DT  B 7  ? 0.1128 0.0968 0.0775 0.0005  0.0241  0.0157  17  DT  B N3    
348 C  C4    . DT  B 7  ? 0.1342 0.0875 0.1108 -0.0074 0.0083  0.0089  17  DT  B C4    
349 O  O4    . DT  B 7  ? 0.1429 0.1137 0.1193 -0.0301 0.0086  0.0075  17  DT  B O4    
350 C  C5    . DT  B 7  ? 0.1511 0.0581 0.0979 -0.0023 0.0046  0.0166  17  DT  B C5    
351 C  C7    . DT  B 7  ? 0.2137 0.1105 0.1105 0.0275  -0.0250 -0.0191 17  DT  B C7    
352 C  C6    . DT  B 7  ? 0.1426 0.0763 0.0842 0.0139  0.0009  0.0180  17  DT  B C6    
353 P  P     . DT  B 8  ? 0.1688 0.1626 0.0772 -0.0105 0.0092  0.0206  18  DT  B P     
354 O  OP1   . DT  B 8  ? 0.1717 0.2237 0.0899 0.0121  -0.0074 -0.0126 18  DT  B OP1   
355 O  OP2   . DT  B 8  ? 0.2187 0.1449 0.1157 0.0206  0.0090  0.0375  18  DT  B OP2   
356 O  "O5'" . DT  B 8  ? 0.1652 0.1277 0.0852 -0.0167 0.0106  0.0236  18  DT  B "O5'" 
357 C  "C5'" . DT  B 8  ? 0.1682 0.1188 0.0764 -0.0494 0.0057  0.0156  18  DT  B "C5'" 
358 C  "C4'" . DT  B 8  ? 0.1702 0.1135 0.0810 -0.0088 -0.0101 0.0359  18  DT  B "C4'" 
359 O  "O4'" . DT  B 8  ? 0.1658 0.0951 0.0776 -0.0094 0.0014  0.0290  18  DT  B "O4'" 
360 C  "C3'" . DT  B 8  ? 0.1803 0.1126 0.0688 -0.0033 0.0011  0.0193  18  DT  B "C3'" 
361 O  "O3'" . DT  B 8  ? 0.1846 0.1101 0.0939 0.0027  0.0204  0.0237  18  DT  B "O3'" 
362 C  "C2'" . DT  B 8  ? 0.1688 0.1096 0.0694 0.0040  0.0043  0.0254  18  DT  B "C2'" 
363 C  "C1'" . DT  B 8  ? 0.1585 0.1081 0.0562 0.0023  0.0189  0.0176  18  DT  B "C1'" 
364 N  N1    . DT  B 8  ? 0.1531 0.0883 0.0570 0.0037  0.0156  0.0312  18  DT  B N1    
365 C  C2    . DT  B 8  ? 0.1531 0.0821 0.0865 0.0099  0.0064  0.0295  18  DT  B C2    
366 O  O2    . DT  B 8  ? 0.1716 0.0946 0.0822 0.0095  0.0309  0.0271  18  DT  B O2    
367 N  N3    . DT  B 8  ? 0.1469 0.0646 0.0954 0.0039  0.0111  0.0392  18  DT  B N3    
368 C  C4    . DT  B 8  ? 0.1538 0.0781 0.0995 0.0042  0.0067  0.0286  18  DT  B C4    
369 O  O4    . DT  B 8  ? 0.1461 0.1028 0.1090 0.0191  -0.0061 0.0103  18  DT  B O4    
370 C  C5    . DT  B 8  ? 0.1413 0.0888 0.0929 -0.0014 0.0208  0.0195  18  DT  B C5    
371 C  C7    . DT  B 8  ? 0.1508 0.0974 0.0831 -0.0008 0.0114  0.0091  18  DT  B C7    
372 C  C6    . DT  B 8  ? 0.1430 0.0960 0.0820 -0.0029 0.0279  0.0177  18  DT  B C6    
373 P  P     . DG  B 9  ? 0.1673 0.1063 0.0888 -0.0102 0.0168  0.0091  19  DG  B P     
374 O  OP1   . DG  B 9  ? 0.1822 0.1238 0.1357 -0.0108 0.0315  -0.0210 19  DG  B OP1   
375 O  OP2   . DG  B 9  ? 0.1749 0.1187 0.0827 0.0106  0.0140  0.0119  19  DG  B OP2   
376 O  "O5'" . DG  B 9  ? 0.1721 0.0754 0.1017 0.0056  0.0131  0.0090  19  DG  B "O5'" 
377 C  "C5'" . DG  B 9  ? 0.1896 0.0703 0.1279 0.0076  0.0158  0.0225  19  DG  B "C5'" 
378 C  "C4'" . DG  B 9  ? 0.1799 0.0692 0.1273 0.0223  0.0111  -0.0037 19  DG  B "C4'" 
379 O  "O4'" . DG  B 9  ? 0.1830 0.0864 0.1180 0.0185  -0.0096 0.0058  19  DG  B "O4'" 
380 C  "C3'" . DG  B 9  ? 0.1673 0.1010 0.1200 0.0079  0.0087  -0.0131 19  DG  B "C3'" 
381 O  "O3'" . DG  B 9  ? 0.1752 0.1084 0.1256 0.0091  0.0112  -0.0036 19  DG  B "O3'" 
382 C  "C2'" . DG  B 9  ? 0.1495 0.1063 0.0916 -0.0078 0.0214  -0.0053 19  DG  B "C2'" 
383 C  "C1'" . DG  B 9  ? 0.1490 0.0980 0.1009 -0.0005 0.0139  -0.0007 19  DG  B "C1'" 
384 N  N9    . DG  B 9  ? 0.1304 0.0893 0.0643 -0.0033 0.0121  0.0193  19  DG  B N9    
385 C  C8    . DG  B 9  ? 0.1267 0.0853 0.0734 -0.0066 0.0091  0.0137  19  DG  B C8    
386 N  N7    . DG  B 9  ? 0.1161 0.0822 0.0822 -0.0071 -0.0026 0.0094  19  DG  B N7    
387 C  C5    . DG  B 9  ? 0.1091 0.0807 0.0790 0.0030  -0.0008 0.0144  19  DG  B C5    
388 C  C6    . DG  B 9  ? 0.1253 0.0619 0.0813 -0.0104 -0.0011 0.0287  19  DG  B C6    
389 O  O6    . DG  B 9  ? 0.1367 0.0861 0.0800 -0.0130 0.0023  0.0059  19  DG  B O6    
390 N  N1    . DG  B 9  ? 0.1298 0.0648 0.1178 -0.0187 -0.0031 0.0061  19  DG  B N1    
391 C  C2    . DG  B 9  ? 0.1256 0.0893 0.1008 -0.0101 0.0182  0.0208  19  DG  B C2    
392 N  N2    . DG  B 9  ? 0.1280 0.1058 0.1048 -0.0255 0.0182  0.0208  19  DG  B N2    
393 N  N3    . DG  B 9  ? 0.1192 0.0845 0.0756 0.0011  0.0199  0.0212  19  DG  B N3    
394 C  C4    . DG  B 9  ? 0.1206 0.0652 0.0899 -0.0035 0.0154  0.0257  19  DG  B C4    
395 P  P     . DG  B 10 ? 0.1637 0.1062 0.1377 -0.0012 0.0183  -0.0202 20  DG  B P     
396 O  OP1   . DG  B 10 ? 0.1942 0.1382 0.1849 0.0216  0.0079  -0.0614 20  DG  B OP1   
397 O  OP2   . DG  B 10 ? 0.1918 0.1144 0.1098 -0.0092 0.0001  -0.0192 20  DG  B OP2   
398 O  "O5'" . DG  B 10 ? 0.1569 0.1305 0.1383 -0.0003 0.0280  -0.0244 20  DG  B "O5'" 
399 C  "C5'" . DG  B 10 ? 0.1545 0.1159 0.1240 0.0007  0.0303  -0.0057 20  DG  B "C5'" 
400 C  "C4'" . DG  B 10 ? 0.1552 0.1195 0.1123 0.0014  0.0247  -0.0132 20  DG  B "C4'" 
401 O  "O4'" . DG  B 10 ? 0.1580 0.1220 0.0840 0.0073  0.0122  -0.0088 20  DG  B "O4'" 
402 C  "C3'" . DG  B 10 ? 0.1485 0.1353 0.1064 -0.0025 0.0430  -0.0107 20  DG  B "C3'" 
403 O  "O3'" . DG  B 10 ? 0.1332 0.2157 0.1292 0.0120  0.0479  -0.0087 20  DG  B "O3'" 
404 C  "C2'" . DG  B 10 ? 0.1219 0.1552 0.0774 0.0036  0.0216  -0.0065 20  DG  B "C2'" 
405 C  "C1'" . DG  B 10 ? 0.1367 0.1177 0.0750 -0.0140 0.0325  -0.0002 20  DG  B "C1'" 
406 N  N9    . DG  B 10 ? 0.1273 0.1005 0.0665 -0.0214 0.0215  0.0049  20  DG  B N9    
407 C  C8    . DG  B 10 ? 0.1252 0.0989 0.0790 -0.0341 0.0243  -0.0011 20  DG  B C8    
408 N  N7    . DG  B 10 ? 0.1200 0.0620 0.0863 -0.0240 0.0131  0.0182  20  DG  B N7    
409 C  C5    . DG  B 10 ? 0.1169 0.0583 0.0706 -0.0217 0.0094  0.0267  20  DG  B C5    
410 C  C6    . DG  B 10 ? 0.1143 0.0614 0.0881 -0.0114 0.0036  0.0202  20  DG  B C6    
411 O  O6    . DG  B 10 ? 0.1097 0.0850 0.0940 -0.0058 -0.0035 0.0073  20  DG  B O6    
412 N  N1    . DG  B 10 ? 0.1122 0.1110 0.0671 -0.0187 0.0042  0.0035  20  DG  B N1    
413 C  C2    . DG  B 10 ? 0.1125 0.1020 0.0684 -0.0218 0.0058  0.0163  20  DG  B C2    
414 N  N2    . DG  B 10 ? 0.1084 0.1271 0.1345 -0.0256 0.0219  -0.0283 20  DG  B N2    
415 N  N3    . DG  B 10 ? 0.1169 0.1050 0.0738 -0.0241 0.0221  0.0112  20  DG  B N3    
416 C  C4    . DG  B 10 ? 0.1204 0.0847 0.0514 -0.0101 0.0007  0.0198  20  DG  B C4    
417 MG MG    . MG  C .  ? 0.1632 0.1358 0.1162 -0.0296 -0.0110 0.0182  21  MG  B MG    
418 MG MG    . MG  D .  ? 0.1864 0.1786 0.1793 0.0050  0.0134  0.0060  22  MG  B MG    
419 O  O     . HOH E .  ? 0.1265 0.1253 0.1096 0.0209  0.0036  -0.0028 25  HOH A O     
420 O  O     . HOH E .  ? 0.1419 0.1285 0.0861 0.0293  0.0175  0.0154  26  HOH A O     
421 O  O     . HOH E .  ? 0.1520 0.1304 0.1196 0.0136  -0.0080 0.0392  27  HOH A O     
422 O  O     . HOH E .  ? 0.1442 0.1119 0.1319 0.0012  -0.0149 -0.0097 32  HOH A O     
423 O  O     . HOH E .  ? 0.2346 0.1128 0.1157 -0.0156 0.0117  -0.0209 34  HOH A O     
424 O  O     . HOH E .  ? 0.2397 0.1003 0.1298 0.0048  -0.0328 0.0267  39  HOH A O     
425 O  O     . HOH E .  ? 0.1868 0.1876 0.1594 -0.0104 -0.0095 -0.0055 42  HOH A O     
426 O  O     . HOH E .  ? 0.2301 0.1440 0.1699 -0.0075 0.0260  -0.0418 44  HOH A O     
427 O  O     . HOH E .  ? 0.3532 0.1452 0.3587 -0.0149 0.0719  -0.0011 45  HOH A O     
428 O  O     . HOH E .  ? 0.1729 0.2033 0.1611 0.0688  -0.0210 -0.0440 46  HOH A O     
429 O  O     . HOH E .  ? 0.2316 0.1409 0.1403 -0.0234 -0.0021 -0.0057 48  HOH A O     
430 O  O     . HOH E .  ? 0.2361 0.1478 0.1998 0.0798  0.0053  -0.0401 64  HOH A O     
431 O  O     . HOH E .  ? 0.2464 0.2964 0.2270 -0.0437 0.1100  0.0068  67  HOH A O     
432 O  O     . HOH E .  ? 0.2843 0.2168 0.1920 0.0959  -0.0360 0.0224  68  HOH A O     
433 O  O     . HOH E .  ? 0.4364 0.1880 0.3142 0.0260  -0.1695 -0.1037 70  HOH A O     
434 O  O     . HOH E .  ? 0.1886 0.2153 0.2706 0.0411  -0.0021 0.0107  71  HOH A O     
435 O  O     . HOH E .  ? 0.1900 0.3036 0.2279 0.0145  0.0106  -0.0664 72  HOH A O     
436 O  O     . HOH E .  ? 0.3949 0.2274 0.2371 0.1544  0.0593  -0.0256 73  HOH A O     
437 O  O     . HOH E .  ? 0.3088 0.2564 0.1893 0.1085  0.0665  0.0663  79  HOH A O     
438 O  O     . HOH E .  ? 0.3276 0.2070 0.4931 0.0911  0.0449  0.1212  81  HOH A O     
439 O  O     . HOH E .  ? 0.2980 0.1795 0.2359 0.0586  0.0979  0.0155  85  HOH A O     
440 O  O     . HOH E .  ? 0.1971 0.1713 0.4159 0.0411  0.0148  -0.0258 86  HOH A O     
441 O  O     . HOH E .  ? 0.2790 0.1832 0.2389 0.0116  -0.0500 0.0352  87  HOH A O     
442 O  O     . HOH E .  ? 0.2547 0.3665 0.2650 0.0050  0.0745  0.0072  89  HOH A O     
443 O  O     . HOH E .  ? 0.3085 0.2062 0.2244 0.0286  -0.0119 -0.0277 92  HOH A O     
444 O  O     . HOH E .  ? 0.2859 0.1906 0.1978 0.0506  0.0477  0.0309  93  HOH A O     
445 O  O     . HOH E .  ? 0.2343 0.3461 0.3631 0.0200  0.0408  0.0743  94  HOH A O     
446 O  O     . HOH E .  ? 0.2836 0.2867 0.2726 -0.0378 0.0505  0.0023  96  HOH A O     
447 O  O     . HOH E .  ? 0.1680 0.5569 0.3155 0.0082  0.0025  0.0075  97  HOH A O     
448 O  O     . HOH E .  ? 0.2892 0.1922 0.4186 0.0236  0.0250  -0.0121 101 HOH A O     
449 O  O     . HOH E .  ? 0.2023 0.3542 0.2887 -0.0474 -0.0196 -0.0470 104 HOH A O     
450 O  O     . HOH E .  ? 0.2630 0.2855 0.2696 -0.0122 0.1119  -0.0120 105 HOH A O     
451 O  O     . HOH E .  ? 0.1649 0.3305 0.2502 -0.0086 -0.0735 0.0913  106 HOH A O     
452 O  O     . HOH E .  ? 0.2079 0.4310 0.2747 -0.0358 -0.0154 0.0313  110 HOH A O     
453 O  O     . HOH E .  ? 0.4966 0.1891 0.3249 0.0803  0.1597  -0.0140 111 HOH A O     
454 O  O     . HOH E .  ? 0.2855 0.1797 0.4656 0.0586  -0.0060 0.0425  114 HOH A O     
455 O  O     . HOH E .  ? 0.3119 0.2494 0.3164 0.0959  0.0662  0.0396  115 HOH A O     
456 O  O     . HOH E .  ? 0.4035 0.6201 0.4956 0.1108  0.1045  -0.0469 116 HOH A O     
457 O  O     . HOH E .  ? 0.2712 0.3735 0.3206 -0.0683 -0.0113 -0.0344 119 HOH A O     
458 O  O     . HOH E .  ? 0.4916 0.2364 0.3729 -0.1616 0.0572  -0.0141 121 HOH A O     
459 O  O     . HOH E .  ? 0.2823 0.3328 0.4339 -0.0449 -0.0878 0.2187  129 HOH A O     
460 O  O     . HOH E .  ? 0.3938 0.4176 0.4947 0.0121  -0.1189 -0.0816 131 HOH A O     
461 O  O     . HOH E .  ? 0.4653 0.4636 0.4383 -0.0357 0.1510  -0.1031 132 HOH A O     
462 O  O     . HOH E .  ? 0.3543 0.2995 0.4554 0.0303  -0.0800 -0.1046 135 HOH A O     
463 O  O     . HOH E .  ? 0.4195 0.4157 0.4190 -0.1247 0.0144  -0.1091 136 HOH A O     
464 O  O     . HOH E .  ? 0.4309 0.4836 0.5835 -0.1145 0.2153  0.0525  138 HOH A O     
465 O  O     . HOH F .  ? 0.1819 0.0763 0.1286 -0.0036 -0.0069 0.0279  23  HOH B O     
466 O  O     . HOH F .  ? 0.1441 0.1031 0.1104 -0.0091 0.0160  0.0107  24  HOH B O     
467 O  O     . HOH F .  ? 0.1726 0.1190 0.1462 -0.0345 0.0086  0.0076  28  HOH B O     
468 O  O     . HOH F .  ? 0.1818 0.1298 0.1528 0.0027  -0.0085 0.0106  29  HOH B O     
469 O  O     . HOH F .  ? 0.1818 0.2077 0.0998 0.0793  -0.0024 0.0012  30  HOH B O     
470 O  O     . HOH F .  ? 0.1421 0.1372 0.1407 -0.0176 0.0000  -0.0178 31  HOH B O     
471 O  O     . HOH F .  ? 0.1857 0.1117 0.1018 -0.0207 0.0296  -0.0023 33  HOH B O     
472 O  O     . HOH F .  ? 0.2333 0.0954 0.1304 0.0102  0.0049  0.0176  35  HOH B O     
473 O  O     . HOH F .  ? 0.1828 0.1418 0.1337 -0.0081 0.0359  -0.0247 36  HOH B O     
474 O  O     . HOH F .  ? 0.1608 0.1489 0.1444 -0.0177 0.0072  -0.0365 37  HOH B O     
475 O  O     . HOH F .  ? 0.1571 0.1785 0.1732 0.0305  -0.0134 -0.0558 38  HOH B O     
476 O  O     . HOH F .  ? 0.1931 0.1862 0.1139 0.0178  0.0026  -0.0276 40  HOH B O     
477 O  O     . HOH F .  ? 0.2010 0.1750 0.1611 -0.0702 -0.0474 0.0584  41  HOH B O     
478 O  O     . HOH F .  ? 0.2049 0.2265 0.2391 -0.0034 -0.0533 -0.1147 43  HOH B O     
479 O  O     . HOH F .  ? 0.2668 0.2029 0.2421 -0.0367 -0.0793 0.0181  47  HOH B O     
480 O  O     . HOH F .  ? 0.2081 0.2829 0.1776 0.0362  0.0801  0.0972  49  HOH B O     
481 O  O     . HOH F .  ? 0.3112 0.1072 0.2142 -0.0198 0.0808  -0.0421 50  HOH B O     
482 O  O     . HOH F .  ? 0.2122 0.2138 0.1618 -0.0061 -0.0011 -0.0285 51  HOH B O     
483 O  O     . HOH F .  ? 0.2221 0.2424 0.1828 -0.0228 -0.0419 0.0660  52  HOH B O     
484 O  O     . HOH F .  ? 0.2492 0.1015 0.1633 -0.0790 -0.0420 0.0059  53  HOH B O     
485 O  O     . HOH F .  ? 0.1830 0.1401 0.1218 -0.0095 0.0404  0.0196  54  HOH B O     
486 O  O     . HOH F .  ? 0.2515 0.1334 0.1106 -0.0346 0.0111  0.0248  55  HOH B O     
487 O  O     . HOH F .  ? 0.1479 0.1325 0.1304 0.0031  0.0139  0.0308  56  HOH B O     
488 O  O     . HOH F .  ? 0.1867 0.1937 0.1371 0.0348  -0.0185 -0.0513 57  HOH B O     
489 O  O     . HOH F .  ? 0.2030 0.1753 0.1513 -0.0255 -0.0251 0.0183  58  HOH B O     
490 O  O     . HOH F .  ? 0.1880 0.1342 0.1816 -0.0102 -0.0305 0.0161  59  HOH B O     
491 O  O     . HOH F .  ? 0.2004 0.1449 0.1429 -0.0115 0.0216  -0.0130 60  HOH B O     
492 O  O     . HOH F .  ? 0.1748 0.1250 0.3933 0.0262  -0.0511 -0.0141 61  HOH B O     
493 O  O     . HOH F .  ? 0.2499 0.4049 0.1743 0.0860  0.0857  0.0588  62  HOH B O     
494 O  O     . HOH F .  ? 0.2091 0.2486 0.1699 0.0194  0.0464  0.0488  63  HOH B O     
495 O  O     . HOH F .  ? 0.1792 0.2422 0.2297 0.0501  0.0578  0.0326  65  HOH B O     
496 O  O     . HOH F .  ? 0.4159 0.1732 0.2520 0.0341  -0.0610 0.0184  66  HOH B O     
497 O  O     . HOH F .  ? 0.2211 0.1992 0.2278 0.0270  0.0329  -0.0096 69  HOH B O     
498 O  O     . HOH F .  ? 0.3796 0.1892 0.1596 0.0120  0.0812  -0.0564 74  HOH B O     
499 O  O     . HOH F .  ? 0.3038 0.2217 0.4183 -0.0350 -0.0525 -0.0186 75  HOH B O     
500 O  O     . HOH F .  ? 0.3879 0.4202 0.2355 -0.0856 -0.1349 0.0370  76  HOH B O     
501 O  O     . HOH F .  ? 0.1773 0.4034 0.2687 -0.0753 0.0789  0.0285  77  HOH B O     
502 O  O     . HOH F .  ? 0.2987 0.2279 0.3515 0.0817  -0.0999 -0.0523 78  HOH B O     
503 O  O     . HOH F .  ? 0.3947 0.2674 0.1573 -0.0868 0.0346  0.0257  80  HOH B O     
504 O  O     . HOH F .  ? 0.3082 0.2590 0.3857 -0.0260 -0.0232 -0.0389 82  HOH B O     
505 O  O     . HOH F .  ? 0.2305 0.1822 0.2426 0.0342  -0.0069 -0.0200 83  HOH B O     
506 O  O     . HOH F .  ? 0.2730 0.4882 0.3313 0.0815  0.0280  -0.0739 84  HOH B O     
507 O  O     . HOH F .  ? 0.2330 0.1670 0.3940 0.0023  -0.0584 -0.0061 88  HOH B O     
508 O  O     . HOH F .  ? 0.1718 0.2972 0.2697 0.0224  -0.0112 -0.0204 90  HOH B O     
509 O  O     . HOH F .  ? 0.4566 0.2026 0.2514 -0.0409 -0.0897 0.0013  91  HOH B O     
510 O  O     . HOH F .  ? 0.2899 0.2368 0.2280 0.0335  0.0319  0.1218  95  HOH B O     
511 O  O     . HOH F .  ? 0.4740 0.2744 0.2930 -0.1393 -0.0441 -0.0254 98  HOH B O     
512 O  O     . HOH F .  ? 0.3522 0.3005 0.3299 0.0708  -0.0732 0.0578  99  HOH B O     
513 O  O     . HOH F .  ? 0.4628 0.2899 0.3044 -0.0290 0.0110  0.0499  100 HOH B O     
514 O  O     . HOH F .  ? 0.3251 0.3478 0.1848 -0.1308 0.0178  0.0283  102 HOH B O     
515 O  O     . HOH F .  ? 0.3889 0.3210 0.2783 0.1147  0.0278  0.0140  103 HOH B O     
516 O  O     . HOH F .  ? 0.1441 0.1208 0.1613 0.0085  -0.0286 0.0034  107 HOH B O     
517 O  O     . HOH F .  ? 0.3497 0.2656 0.5644 0.1725  -0.1401 -0.1257 108 HOH B O     
518 O  O     . HOH F .  ? 0.3149 0.2730 0.4312 0.0805  0.0125  0.1057  109 HOH B O     
519 O  O     . HOH F .  ? 0.3107 0.2090 0.2551 -0.0312 -0.0998 0.0091  112 HOH B O     
520 O  O     . HOH F .  ? 0.2955 0.2235 0.5917 0.0400  0.0477  -0.1008 113 HOH B O     
521 O  O     . HOH F .  ? 0.2598 0.3733 0.3815 0.1054  -0.0819 -0.0245 117 HOH B O     
522 O  O     . HOH F .  ? 0.3028 0.3638 0.3986 0.0719  0.1323  0.1908  118 HOH B O     
523 O  O     . HOH F .  ? 0.4275 0.2421 0.3569 -0.0771 -0.1361 0.1001  120 HOH B O     
524 O  O     . HOH F .  ? 0.3928 0.3480 0.2612 -0.1517 0.0264  -0.0932 122 HOH B O     
525 O  O     . HOH F .  ? 0.3429 0.2077 0.3527 -0.1105 -0.0114 0.0450  123 HOH B O     
526 O  O     . HOH F .  ? 0.5805 0.2849 0.2453 -0.0211 -0.0602 -0.1222 124 HOH B O     
527 O  O     . HOH F .  ? 0.2358 0.4635 0.1474 -0.0122 0.0171  -0.0709 125 HOH B O     
528 O  O     . HOH F .  ? 0.2944 0.2247 0.4508 -0.0894 0.0179  -0.1102 126 HOH B O     
529 O  O     . HOH F .  ? 0.2786 0.2994 0.3107 -0.0536 -0.0332 0.0747  127 HOH B O     
530 O  O     . HOH F .  ? 0.4034 0.2525 0.2847 -0.0354 -0.1304 -0.0323 128 HOH B O     
531 O  O     . HOH F .  ? 0.3262 0.2832 0.5040 0.0296  0.0142  0.0374  130 HOH B O     
532 O  O     . HOH F .  ? 0.1971 0.3616 0.6929 -0.0403 -0.0985 -0.0381 133 HOH B O     
533 O  O     . HOH F .  ? 0.4267 0.6731 0.1795 -0.0232 -0.0859 0.0258  134 HOH B O     
534 O  O     . HOH F .  ? 0.3922 0.4408 0.4618 -0.0244 -0.0462 0.1544  137 HOH B O     
# 
